data_7L7W
# 
_entry.id   7L7W 
# 
_audit_conform.dict_name       mmcif_pdbx.dic 
_audit_conform.dict_version    5.380 
_audit_conform.dict_location   http://mmcif.pdb.org/dictionaries/ascii/mmcif_pdbx.dic 
# 
loop_
_database_2.database_id 
_database_2.database_code 
_database_2.pdbx_database_accession 
_database_2.pdbx_DOI 
PDB   7L7W         pdb_00007l7w 10.2210/pdb7l7w/pdb 
WWPDB D_1000253759 ?            ?                   
# 
_pdbx_database_status.status_code                     REL 
_pdbx_database_status.status_code_sf                  REL 
_pdbx_database_status.status_code_mr                  ? 
_pdbx_database_status.entry_id                        7L7W 
_pdbx_database_status.recvd_initial_deposition_date   2020-12-30 
_pdbx_database_status.SG_entry                        N 
_pdbx_database_status.deposit_site                    RCSB 
_pdbx_database_status.process_site                    RCSB 
_pdbx_database_status.status_code_cs                  ? 
_pdbx_database_status.status_code_nmr_data            ? 
_pdbx_database_status.methods_development_category    ? 
_pdbx_database_status.pdb_format_compatible           Y 
# 
loop_
_audit_author.name 
_audit_author.pdbx_ordinal 
_audit_author.identifier_ORCID 
'Walton, W.G.'  1 0000-0001-6745-534X 
'Wan, L.'       2 0000-0002-0839-3748 
'Lietzan, A.D.' 3 0000-0001-6388-2491 
'Redinbo, M.R.' 4 0000-0003-0814-5346 
'Dangl, J.L.'   5 0000-0003-3199-8654 
# 
_citation.abstract                  ? 
_citation.abstract_id_CAS           ? 
_citation.book_id_ISBN              ? 
_citation.book_publisher            ? 
_citation.book_publisher_city       ? 
_citation.book_title                ? 
_citation.coordinate_linkage        ? 
_citation.country                   US 
_citation.database_id_Medline       ? 
_citation.details                   ? 
_citation.id                        primary 
_citation.journal_abbrev            Science 
_citation.journal_id_ASTM           SCIEAS 
_citation.journal_id_CSD            0038 
_citation.journal_id_ISSN           1095-9203 
_citation.journal_full              ? 
_citation.journal_issue             ? 
_citation.journal_volume            373 
_citation.language                  ? 
_citation.page_first                420 
_citation.page_last                 425 
_citation.title                     
;Plant "helper" immune receptors are Ca 2+ -permeable nonselective cation channels.
;
_citation.year                      2021 
_citation.database_id_CSD           ? 
_citation.pdbx_database_id_DOI      10.1126/science.abg7917 
_citation.pdbx_database_id_PubMed   34140391 
_citation.unpublished_flag          ? 
# 
loop_
_citation_author.citation_id 
_citation_author.name 
_citation_author.ordinal 
_citation_author.identifier_ORCID 
primary 'Jacob, P.'     1  ? 
primary 'Kim, N.H.'     2  ? 
primary 'Wu, F.'        3  ? 
primary 'El-Kasmi, F.'  4  ? 
primary 'Chi, Y.'       5  ? 
primary 'Walton, W.G.'  6  ? 
primary 'Furzer, O.J.'  7  ? 
primary 'Lietzan, A.D.' 8  ? 
primary 'Sunil, S.'     9  ? 
primary 'Kempthorn, K.' 10 ? 
primary 'Redinbo, M.R.' 11 ? 
primary 'Pei, Z.M.'     12 ? 
primary 'Wan, L.'       13 ? 
primary 'Dangl, J.L.'   14 ? 
# 
_cell.angle_alpha                  90.000 
_cell.angle_alpha_esd              ? 
_cell.angle_beta                   90.000 
_cell.angle_beta_esd               ? 
_cell.angle_gamma                  120.000 
_cell.angle_gamma_esd              ? 
_cell.entry_id                     7L7W 
_cell.details                      ? 
_cell.formula_units_Z              ? 
_cell.length_a                     114.257 
_cell.length_a_esd                 ? 
_cell.length_b                     114.257 
_cell.length_b_esd                 ? 
_cell.length_c                     59.855 
_cell.length_c_esd                 ? 
_cell.volume                       ? 
_cell.volume_esd                   ? 
_cell.Z_PDB                        9 
_cell.reciprocal_angle_alpha       ? 
_cell.reciprocal_angle_beta        ? 
_cell.reciprocal_angle_gamma       ? 
_cell.reciprocal_angle_alpha_esd   ? 
_cell.reciprocal_angle_beta_esd    ? 
_cell.reciprocal_angle_gamma_esd   ? 
_cell.reciprocal_length_a          ? 
_cell.reciprocal_length_b          ? 
_cell.reciprocal_length_c          ? 
_cell.reciprocal_length_a_esd      ? 
_cell.reciprocal_length_b_esd      ? 
_cell.reciprocal_length_c_esd      ? 
_cell.pdbx_unique_axis             ? 
# 
_symmetry.entry_id                         7L7W 
_symmetry.cell_setting                     ? 
_symmetry.Int_Tables_number                146 
_symmetry.space_group_name_Hall            ? 
_symmetry.space_group_name_H-M             'H 3' 
_symmetry.pdbx_full_space_group_name_H-M   ? 
# 
loop_
_entity.id 
_entity.type 
_entity.src_method 
_entity.pdbx_description 
_entity.formula_weight 
_entity.pdbx_number_of_molecules 
_entity.pdbx_ec 
_entity.pdbx_mutation 
_entity.pdbx_fragment 
_entity.details 
1 polymer     man 'Probable disease resistance protein At5g66900' 15917.488 1 ? 'K94E, K96E' ? ? 
2 non-polymer syn 'NICKEL (II) ION'                               58.693    2 ? ?            ? ? 
3 water       nat water                                           18.015    7 ? ?            ? ? 
# 
_entity_poly.entity_id                      1 
_entity_poly.type                           'polypeptide(L)' 
_entity_poly.nstd_linkage                   no 
_entity_poly.nstd_monomer                   no 
_entity_poly.pdbx_seq_one_letter_code       
;SNAMNDWASLGIGSIGEAVFSKLLKVVIDEAKKFKAFKPLSKDLVSTMEILFPLTQKIDSMQKELDFGVKELKELRDTIE
RADVAVRKFPRVKWYEESEYTRKIERINKDMLKFCQIDLQLLQHRNQWSHPQFEK
;
_entity_poly.pdbx_seq_one_letter_code_can   
;SNAMNDWASLGIGSIGEAVFSKLLKVVIDEAKKFKAFKPLSKDLVSTMEILFPLTQKIDSMQKELDFGVKELKELRDTIE
RADVAVRKFPRVKWYEESEYTRKIERINKDMLKFCQIDLQLLQHRNQWSHPQFEK
;
_entity_poly.pdbx_strand_id                 A 
_entity_poly.pdbx_target_identifier         ? 
# 
loop_
_entity_poly_seq.entity_id 
_entity_poly_seq.num 
_entity_poly_seq.mon_id 
_entity_poly_seq.hetero 
1 1   SER n 
1 2   ASN n 
1 3   ALA n 
1 4   MET n 
1 5   ASN n 
1 6   ASP n 
1 7   TRP n 
1 8   ALA n 
1 9   SER n 
1 10  LEU n 
1 11  GLY n 
1 12  ILE n 
1 13  GLY n 
1 14  SER n 
1 15  ILE n 
1 16  GLY n 
1 17  GLU n 
1 18  ALA n 
1 19  VAL n 
1 20  PHE n 
1 21  SER n 
1 22  LYS n 
1 23  LEU n 
1 24  LEU n 
1 25  LYS n 
1 26  VAL n 
1 27  VAL n 
1 28  ILE n 
1 29  ASP n 
1 30  GLU n 
1 31  ALA n 
1 32  LYS n 
1 33  LYS n 
1 34  PHE n 
1 35  LYS n 
1 36  ALA n 
1 37  PHE n 
1 38  LYS n 
1 39  PRO n 
1 40  LEU n 
1 41  SER n 
1 42  LYS n 
1 43  ASP n 
1 44  LEU n 
1 45  VAL n 
1 46  SER n 
1 47  THR n 
1 48  MET n 
1 49  GLU n 
1 50  ILE n 
1 51  LEU n 
1 52  PHE n 
1 53  PRO n 
1 54  LEU n 
1 55  THR n 
1 56  GLN n 
1 57  LYS n 
1 58  ILE n 
1 59  ASP n 
1 60  SER n 
1 61  MET n 
1 62  GLN n 
1 63  LYS n 
1 64  GLU n 
1 65  LEU n 
1 66  ASP n 
1 67  PHE n 
1 68  GLY n 
1 69  VAL n 
1 70  LYS n 
1 71  GLU n 
1 72  LEU n 
1 73  LYS n 
1 74  GLU n 
1 75  LEU n 
1 76  ARG n 
1 77  ASP n 
1 78  THR n 
1 79  ILE n 
1 80  GLU n 
1 81  ARG n 
1 82  ALA n 
1 83  ASP n 
1 84  VAL n 
1 85  ALA n 
1 86  VAL n 
1 87  ARG n 
1 88  LYS n 
1 89  PHE n 
1 90  PRO n 
1 91  ARG n 
1 92  VAL n 
1 93  LYS n 
1 94  TRP n 
1 95  TYR n 
1 96  GLU n 
1 97  GLU n 
1 98  SER n 
1 99  GLU n 
1 100 TYR n 
1 101 THR n 
1 102 ARG n 
1 103 LYS n 
1 104 ILE n 
1 105 GLU n 
1 106 ARG n 
1 107 ILE n 
1 108 ASN n 
1 109 LYS n 
1 110 ASP n 
1 111 MET n 
1 112 LEU n 
1 113 LYS n 
1 114 PHE n 
1 115 CYS n 
1 116 GLN n 
1 117 ILE n 
1 118 ASP n 
1 119 LEU n 
1 120 GLN n 
1 121 LEU n 
1 122 LEU n 
1 123 GLN n 
1 124 HIS n 
1 125 ARG n 
1 126 ASN n 
1 127 GLN n 
1 128 TRP n 
1 129 SER n 
1 130 HIS n 
1 131 PRO n 
1 132 GLN n 
1 133 PHE n 
1 134 GLU n 
1 135 LYS n 
# 
_entity_src_gen.entity_id                          1 
_entity_src_gen.pdbx_src_id                        1 
_entity_src_gen.pdbx_alt_source_flag               sample 
_entity_src_gen.pdbx_seq_type                      'Biological sequence' 
_entity_src_gen.pdbx_beg_seq_num                   1 
_entity_src_gen.pdbx_end_seq_num                   135 
_entity_src_gen.gene_src_common_name               'Mouse-ear cress' 
_entity_src_gen.gene_src_genus                     ? 
_entity_src_gen.pdbx_gene_src_gene                 'At5g66900, MUD21.16' 
_entity_src_gen.gene_src_species                   ? 
_entity_src_gen.gene_src_strain                    ? 
_entity_src_gen.gene_src_tissue                    ? 
_entity_src_gen.gene_src_tissue_fraction           ? 
_entity_src_gen.gene_src_details                   ? 
_entity_src_gen.pdbx_gene_src_fragment             ? 
_entity_src_gen.pdbx_gene_src_scientific_name      'Arabidopsis thaliana' 
_entity_src_gen.pdbx_gene_src_ncbi_taxonomy_id     3702 
_entity_src_gen.pdbx_gene_src_variant              ? 
_entity_src_gen.pdbx_gene_src_cell_line            ? 
_entity_src_gen.pdbx_gene_src_atcc                 ? 
_entity_src_gen.pdbx_gene_src_organ                ? 
_entity_src_gen.pdbx_gene_src_organelle            ? 
_entity_src_gen.pdbx_gene_src_cell                 ? 
_entity_src_gen.pdbx_gene_src_cellular_location    ? 
_entity_src_gen.host_org_common_name               ? 
_entity_src_gen.pdbx_host_org_scientific_name      'Escherichia coli' 
_entity_src_gen.pdbx_host_org_ncbi_taxonomy_id     562 
_entity_src_gen.host_org_genus                     ? 
_entity_src_gen.pdbx_host_org_gene                 ? 
_entity_src_gen.pdbx_host_org_organ                ? 
_entity_src_gen.host_org_species                   ? 
_entity_src_gen.pdbx_host_org_tissue               ? 
_entity_src_gen.pdbx_host_org_tissue_fraction      ? 
_entity_src_gen.pdbx_host_org_strain               ? 
_entity_src_gen.pdbx_host_org_variant              ? 
_entity_src_gen.pdbx_host_org_cell_line            ? 
_entity_src_gen.pdbx_host_org_atcc                 ? 
_entity_src_gen.pdbx_host_org_culture_collection   ? 
_entity_src_gen.pdbx_host_org_cell                 ? 
_entity_src_gen.pdbx_host_org_organelle            ? 
_entity_src_gen.pdbx_host_org_cellular_location    ? 
_entity_src_gen.pdbx_host_org_vector_type          ? 
_entity_src_gen.pdbx_host_org_vector               ? 
_entity_src_gen.host_org_details                   ? 
_entity_src_gen.expression_system_id               ? 
_entity_src_gen.plasmid_name                       ? 
_entity_src_gen.plasmid_details                    ? 
_entity_src_gen.pdbx_description                   ? 
# 
_struct_ref.id                         1 
_struct_ref.db_name                    UNP 
_struct_ref.db_code                    DRL42_ARATH 
_struct_ref.pdbx_db_accession          Q9FKZ1 
_struct_ref.pdbx_db_isoform            ? 
_struct_ref.entity_id                  1 
_struct_ref.pdbx_seq_one_letter_code   
;MNDWASLGIGSIGEAVFSKLLKVVIDEAKKFKAFKPLSKDLVSTMEILFPLTQKIDSMQKELDFGVKELKELRDTIERAD
VAVRKFPRVKWYEKSKYTRKIERINKDMLKFCQIDLQLLQHRNQ
;
_struct_ref.pdbx_align_begin           1 
# 
_struct_ref_seq.align_id                      1 
_struct_ref_seq.ref_id                        1 
_struct_ref_seq.pdbx_PDB_id_code              7L7W 
_struct_ref_seq.pdbx_strand_id                A 
_struct_ref_seq.seq_align_beg                 4 
_struct_ref_seq.pdbx_seq_align_beg_ins_code   ? 
_struct_ref_seq.seq_align_end                 127 
_struct_ref_seq.pdbx_seq_align_end_ins_code   ? 
_struct_ref_seq.pdbx_db_accession             Q9FKZ1 
_struct_ref_seq.db_align_beg                  1 
_struct_ref_seq.pdbx_db_align_beg_ins_code    ? 
_struct_ref_seq.db_align_end                  124 
_struct_ref_seq.pdbx_db_align_end_ins_code    ? 
_struct_ref_seq.pdbx_auth_seq_align_beg       1 
_struct_ref_seq.pdbx_auth_seq_align_end       124 
# 
loop_
_struct_ref_seq_dif.align_id 
_struct_ref_seq_dif.pdbx_pdb_id_code 
_struct_ref_seq_dif.mon_id 
_struct_ref_seq_dif.pdbx_pdb_strand_id 
_struct_ref_seq_dif.seq_num 
_struct_ref_seq_dif.pdbx_pdb_ins_code 
_struct_ref_seq_dif.pdbx_seq_db_name 
_struct_ref_seq_dif.pdbx_seq_db_accession_code 
_struct_ref_seq_dif.db_mon_id 
_struct_ref_seq_dif.pdbx_seq_db_seq_num 
_struct_ref_seq_dif.details 
_struct_ref_seq_dif.pdbx_auth_seq_num 
_struct_ref_seq_dif.pdbx_ordinal 
1 7L7W SER A 1   ? UNP Q9FKZ1 ?   ?  'expression tag'      -2  1  
1 7L7W ASN A 2   ? UNP Q9FKZ1 ?   ?  'expression tag'      -1  2  
1 7L7W ALA A 3   ? UNP Q9FKZ1 ?   ?  'expression tag'      0   3  
1 7L7W GLU A 97  ? UNP Q9FKZ1 LYS 94 'engineered mutation' 94  4  
1 7L7W GLU A 99  ? UNP Q9FKZ1 LYS 96 'engineered mutation' 96  5  
1 7L7W TRP A 128 ? UNP Q9FKZ1 ?   ?  'expression tag'      125 6  
1 7L7W SER A 129 ? UNP Q9FKZ1 ?   ?  'expression tag'      126 7  
1 7L7W HIS A 130 ? UNP Q9FKZ1 ?   ?  'expression tag'      127 8  
1 7L7W PRO A 131 ? UNP Q9FKZ1 ?   ?  'expression tag'      128 9  
1 7L7W GLN A 132 ? UNP Q9FKZ1 ?   ?  'expression tag'      129 10 
1 7L7W PHE A 133 ? UNP Q9FKZ1 ?   ?  'expression tag'      130 11 
1 7L7W GLU A 134 ? UNP Q9FKZ1 ?   ?  'expression tag'      131 12 
1 7L7W LYS A 135 ? UNP Q9FKZ1 ?   ?  'expression tag'      132 13 
# 
loop_
_chem_comp.id 
_chem_comp.type 
_chem_comp.mon_nstd_flag 
_chem_comp.name 
_chem_comp.pdbx_synonyms 
_chem_comp.formula 
_chem_comp.formula_weight 
ALA 'L-peptide linking' y ALANINE           ? 'C3 H7 N O2'     89.093  
ARG 'L-peptide linking' y ARGININE          ? 'C6 H15 N4 O2 1' 175.209 
ASN 'L-peptide linking' y ASPARAGINE        ? 'C4 H8 N2 O3'    132.118 
ASP 'L-peptide linking' y 'ASPARTIC ACID'   ? 'C4 H7 N O4'     133.103 
CYS 'L-peptide linking' y CYSTEINE          ? 'C3 H7 N O2 S'   121.158 
GLN 'L-peptide linking' y GLUTAMINE         ? 'C5 H10 N2 O3'   146.144 
GLU 'L-peptide linking' y 'GLUTAMIC ACID'   ? 'C5 H9 N O4'     147.129 
GLY 'peptide linking'   y GLYCINE           ? 'C2 H5 N O2'     75.067  
HIS 'L-peptide linking' y HISTIDINE         ? 'C6 H10 N3 O2 1' 156.162 
HOH non-polymer         . WATER             ? 'H2 O'           18.015  
ILE 'L-peptide linking' y ISOLEUCINE        ? 'C6 H13 N O2'    131.173 
LEU 'L-peptide linking' y LEUCINE           ? 'C6 H13 N O2'    131.173 
LYS 'L-peptide linking' y LYSINE            ? 'C6 H15 N2 O2 1' 147.195 
MET 'L-peptide linking' y METHIONINE        ? 'C5 H11 N O2 S'  149.211 
NI  non-polymer         . 'NICKEL (II) ION' ? 'Ni 2'           58.693  
PHE 'L-peptide linking' y PHENYLALANINE     ? 'C9 H11 N O2'    165.189 
PRO 'L-peptide linking' y PROLINE           ? 'C5 H9 N O2'     115.130 
SER 'L-peptide linking' y SERINE            ? 'C3 H7 N O3'     105.093 
THR 'L-peptide linking' y THREONINE         ? 'C4 H9 N O3'     119.119 
TRP 'L-peptide linking' y TRYPTOPHAN        ? 'C11 H12 N2 O2'  204.225 
TYR 'L-peptide linking' y TYROSINE          ? 'C9 H11 N O3'    181.189 
VAL 'L-peptide linking' y VALINE            ? 'C5 H11 N O2'    117.146 
# 
_exptl.absorpt_coefficient_mu     ? 
_exptl.absorpt_correction_T_max   ? 
_exptl.absorpt_correction_T_min   ? 
_exptl.absorpt_correction_type    ? 
_exptl.absorpt_process_details    ? 
_exptl.entry_id                   7L7W 
_exptl.crystals_number            1 
_exptl.details                    ? 
_exptl.method                     'X-RAY DIFFRACTION' 
_exptl.method_details             ? 
# 
_exptl_crystal.colour                      ? 
_exptl_crystal.density_diffrn              ? 
_exptl_crystal.density_Matthews            4.72 
_exptl_crystal.density_method              ? 
_exptl_crystal.density_percent_sol         73.96 
_exptl_crystal.description                 ? 
_exptl_crystal.F_000                       ? 
_exptl_crystal.id                          1 
_exptl_crystal.preparation                 ? 
_exptl_crystal.size_max                    ? 
_exptl_crystal.size_mid                    ? 
_exptl_crystal.size_min                    ? 
_exptl_crystal.size_rad                    ? 
_exptl_crystal.colour_lustre               ? 
_exptl_crystal.colour_modifier             ? 
_exptl_crystal.colour_primary              ? 
_exptl_crystal.density_meas                ? 
_exptl_crystal.density_meas_esd            ? 
_exptl_crystal.density_meas_gt             ? 
_exptl_crystal.density_meas_lt             ? 
_exptl_crystal.density_meas_temp           ? 
_exptl_crystal.density_meas_temp_esd       ? 
_exptl_crystal.density_meas_temp_gt        ? 
_exptl_crystal.density_meas_temp_lt        ? 
_exptl_crystal.pdbx_crystal_image_url      ? 
_exptl_crystal.pdbx_crystal_image_format   ? 
_exptl_crystal.pdbx_mosaicity              ? 
_exptl_crystal.pdbx_mosaicity_esd          ? 
# 
_exptl_crystal_grow.apparatus       ? 
_exptl_crystal_grow.atmosphere      ? 
_exptl_crystal_grow.crystal_id      1 
_exptl_crystal_grow.details         ? 
_exptl_crystal_grow.method          'VAPOR DIFFUSION, SITTING DROP' 
_exptl_crystal_grow.method_ref      ? 
_exptl_crystal_grow.pH              ? 
_exptl_crystal_grow.pressure        ? 
_exptl_crystal_grow.pressure_esd    ? 
_exptl_crystal_grow.seeding         ? 
_exptl_crystal_grow.seeding_ref     ? 
_exptl_crystal_grow.temp            293 
_exptl_crystal_grow.temp_details    ? 
_exptl_crystal_grow.temp_esd        ? 
_exptl_crystal_grow.time            ? 
_exptl_crystal_grow.pdbx_details    '0.1 M HEPES: NaOH (pH 7.5), 0.3 M Magnesium Formate' 
_exptl_crystal_grow.pdbx_pH_range   ? 
# 
_diffrn.ambient_environment              ? 
_diffrn.ambient_temp                     100 
_diffrn.ambient_temp_details             ? 
_diffrn.ambient_temp_esd                 ? 
_diffrn.crystal_id                       1 
_diffrn.crystal_support                  ? 
_diffrn.crystal_treatment                ? 
_diffrn.details                          ? 
_diffrn.id                               1 
_diffrn.ambient_pressure                 ? 
_diffrn.ambient_pressure_esd             ? 
_diffrn.ambient_pressure_gt              ? 
_diffrn.ambient_pressure_lt              ? 
_diffrn.ambient_temp_gt                  ? 
_diffrn.ambient_temp_lt                  ? 
_diffrn.pdbx_serial_crystal_experiment   N 
# 
_diffrn_detector.details                      ? 
_diffrn_detector.detector                     PIXEL 
_diffrn_detector.diffrn_id                    1 
_diffrn_detector.type                         'DECTRIS PILATUS3 6M' 
_diffrn_detector.area_resol_mean              ? 
_diffrn_detector.dtime                        ? 
_diffrn_detector.pdbx_frames_total            ? 
_diffrn_detector.pdbx_collection_time_total   ? 
_diffrn_detector.pdbx_collection_date         2019-07-26 
_diffrn_detector.pdbx_frequency               ? 
# 
_diffrn_radiation.collimation                      ? 
_diffrn_radiation.diffrn_id                        1 
_diffrn_radiation.filter_edge                      ? 
_diffrn_radiation.inhomogeneity                    ? 
_diffrn_radiation.monochromator                    ? 
_diffrn_radiation.polarisn_norm                    ? 
_diffrn_radiation.polarisn_ratio                   ? 
_diffrn_radiation.probe                            ? 
_diffrn_radiation.type                             ? 
_diffrn_radiation.xray_symbol                      ? 
_diffrn_radiation.wavelength_id                    1 
_diffrn_radiation.pdbx_monochromatic_or_laue_m_l   M 
_diffrn_radiation.pdbx_wavelength_list             ? 
_diffrn_radiation.pdbx_wavelength                  ? 
_diffrn_radiation.pdbx_diffrn_protocol             'SINGLE WAVELENGTH' 
_diffrn_radiation.pdbx_analyzer                    ? 
_diffrn_radiation.pdbx_scattering_type             x-ray 
# 
_diffrn_radiation_wavelength.id           1 
_diffrn_radiation_wavelength.wavelength   1.0300 
_diffrn_radiation_wavelength.wt           1.0 
# 
_diffrn_source.current                     ? 
_diffrn_source.details                     ? 
_diffrn_source.diffrn_id                   1 
_diffrn_source.power                       ? 
_diffrn_source.size                        ? 
_diffrn_source.source                      SYNCHROTRON 
_diffrn_source.target                      ? 
_diffrn_source.type                        'APS BEAMLINE 23-ID-D' 
_diffrn_source.voltage                     ? 
_diffrn_source.take-off_angle              ? 
_diffrn_source.pdbx_wavelength_list        1.0300 
_diffrn_source.pdbx_wavelength             ? 
_diffrn_source.pdbx_synchrotron_beamline   23-ID-D 
_diffrn_source.pdbx_synchrotron_site       APS 
# 
_reflns.B_iso_Wilson_estimate            ? 
_reflns.entry_id                         7L7W 
_reflns.data_reduction_details           ? 
_reflns.data_reduction_method            ? 
_reflns.d_resolution_high                2.550 
_reflns.d_resolution_low                 40.000 
_reflns.details                          ? 
_reflns.limit_h_max                      ? 
_reflns.limit_h_min                      ? 
_reflns.limit_k_max                      ? 
_reflns.limit_k_min                      ? 
_reflns.limit_l_max                      ? 
_reflns.limit_l_min                      ? 
_reflns.number_all                       ? 
_reflns.number_obs                       9220 
_reflns.observed_criterion               ? 
_reflns.observed_criterion_F_max         ? 
_reflns.observed_criterion_F_min         ? 
_reflns.observed_criterion_I_max         ? 
_reflns.observed_criterion_I_min         ? 
_reflns.observed_criterion_sigma_F       ? 
_reflns.observed_criterion_sigma_I       ? 
_reflns.percent_possible_obs             96.200 
_reflns.R_free_details                   ? 
_reflns.Rmerge_F_all                     ? 
_reflns.Rmerge_F_obs                     ? 
_reflns.Friedel_coverage                 ? 
_reflns.number_gt                        ? 
_reflns.threshold_expression             ? 
_reflns.pdbx_redundancy                  8.500 
_reflns.pdbx_Rmerge_I_obs                0.105 
_reflns.pdbx_Rmerge_I_all                ? 
_reflns.pdbx_Rsym_value                  ? 
_reflns.pdbx_netI_over_av_sigmaI         ? 
_reflns.pdbx_netI_over_sigmaI            7.300 
_reflns.pdbx_res_netI_over_av_sigmaI_2   ? 
_reflns.pdbx_res_netI_over_sigmaI_2      ? 
_reflns.pdbx_chi_squared                 1.352 
_reflns.pdbx_scaling_rejects             ? 
_reflns.pdbx_d_res_high_opt              ? 
_reflns.pdbx_d_res_low_opt               ? 
_reflns.pdbx_d_res_opt_method            ? 
_reflns.phase_calculation_details        ? 
_reflns.pdbx_Rrim_I_all                  0.111 
_reflns.pdbx_Rpim_I_all                  0.036 
_reflns.pdbx_d_opt                       ? 
_reflns.pdbx_number_measured_all         78469 
_reflns.pdbx_diffrn_id                   1 
_reflns.pdbx_ordinal                     1 
_reflns.pdbx_CC_half                     ? 
_reflns.pdbx_CC_star                     ? 
_reflns.pdbx_R_split                     ? 
# 
loop_
_reflns_shell.d_res_high 
_reflns_shell.d_res_low 
_reflns_shell.meanI_over_sigI_all 
_reflns_shell.meanI_over_sigI_obs 
_reflns_shell.number_measured_all 
_reflns_shell.number_measured_obs 
_reflns_shell.number_possible 
_reflns_shell.number_unique_all 
_reflns_shell.number_unique_obs 
_reflns_shell.percent_possible_all 
_reflns_shell.percent_possible_obs 
_reflns_shell.Rmerge_F_all 
_reflns_shell.Rmerge_F_obs 
_reflns_shell.Rmerge_I_all 
_reflns_shell.Rmerge_I_obs 
_reflns_shell.meanI_over_sigI_gt 
_reflns_shell.meanI_over_uI_all 
_reflns_shell.meanI_over_uI_gt 
_reflns_shell.number_measured_gt 
_reflns_shell.number_unique_gt 
_reflns_shell.percent_possible_gt 
_reflns_shell.Rmerge_F_gt 
_reflns_shell.Rmerge_I_gt 
_reflns_shell.pdbx_redundancy 
_reflns_shell.pdbx_Rsym_value 
_reflns_shell.pdbx_chi_squared 
_reflns_shell.pdbx_netI_over_sigmaI_all 
_reflns_shell.pdbx_netI_over_sigmaI_obs 
_reflns_shell.pdbx_Rrim_I_all 
_reflns_shell.pdbx_Rpim_I_all 
_reflns_shell.pdbx_rejects 
_reflns_shell.pdbx_ordinal 
_reflns_shell.pdbx_diffrn_id 
_reflns_shell.pdbx_CC_half 
_reflns_shell.pdbx_CC_star 
_reflns_shell.pdbx_R_split 
2.550 2.590  ? ? ? ? ? ? 338 72.700  ? ? ? ? 0.908 ? ? ? ? ? ? ? ? 3.900  ? 0.435 ? ? 1.014 0.437 ? 1  1 0.692 ? ? 
2.590 2.640  ? ? ? ? ? ? 378 80.100  ? ? ? ? 0.760 ? ? ? ? ? ? ? ? 4.900  ? 0.496 ? ? 0.834 0.336 ? 2  1 0.844 ? ? 
2.640 2.690  ? ? ? ? ? ? 394 84.500  ? ? ? ? 0.778 ? ? ? ? ? ? ? ? 5.500  ? 0.453 ? ? 0.846 0.326 ? 3  1 0.833 ? ? 
2.690 2.750  ? ? ? ? ? ? 431 89.600  ? ? ? ? 0.731 ? ? ? ? ? ? ? ? 6.000  ? 0.455 ? ? 0.789 0.289 ? 4  1 0.895 ? ? 
2.750 2.810  ? ? ? ? ? ? 475 97.100  ? ? ? ? 0.608 ? ? ? ? ? ? ? ? 6.300  ? 0.509 ? ? 0.655 0.237 ? 5  1 0.917 ? ? 
2.810 2.870  ? ? ? ? ? ? 503 99.400  ? ? ? ? 0.563 ? ? ? ? ? ? ? ? 6.700  ? 0.499 ? ? 0.606 0.218 ? 6  1 0.941 ? ? 
2.870 2.940  ? ? ? ? ? ? 465 100.000 ? ? ? ? 0.453 ? ? ? ? ? ? ? ? 8.100  ? 0.524 ? ? 0.483 0.164 ? 7  1 0.967 ? ? 
2.940 3.020  ? ? ? ? ? ? 478 100.000 ? ? ? ? 0.396 ? ? ? ? ? ? ? ? 8.400  ? 0.597 ? ? 0.422 0.142 ? 8  1 0.975 ? ? 
3.020 3.110  ? ? ? ? ? ? 477 100.000 ? ? ? ? 0.338 ? ? ? ? ? ? ? ? 9.400  ? 0.574 ? ? 0.357 0.115 ? 9  1 0.985 ? ? 
3.110 3.210  ? ? ? ? ? ? 480 100.000 ? ? ? ? 0.268 ? ? ? ? ? ? ? ? 9.900  ? 0.650 ? ? 0.283 0.090 ? 10 1 0.990 ? ? 
3.210 3.330  ? ? ? ? ? ? 488 100.000 ? ? ? ? 0.227 ? ? ? ? ? ? ? ? 9.900  ? 0.693 ? ? 0.240 0.076 ? 11 1 0.991 ? ? 
3.330 3.460  ? ? ? ? ? ? 487 100.000 ? ? ? ? 0.169 ? ? ? ? ? ? ? ? 9.500  ? 0.858 ? ? 0.179 0.058 ? 12 1 0.993 ? ? 
3.460 3.620  ? ? ? ? ? ? 466 100.000 ? ? ? ? 0.144 ? ? ? ? ? ? ? ? 9.700  ? 1.052 ? ? 0.152 0.049 ? 13 1 0.993 ? ? 
3.620 3.810  ? ? ? ? ? ? 481 100.000 ? ? ? ? 0.126 ? ? ? ? ? ? ? ? 9.700  ? 1.306 ? ? 0.133 0.043 ? 14 1 0.995 ? ? 
3.810 4.050  ? ? ? ? ? ? 483 100.000 ? ? ? ? 0.104 ? ? ? ? ? ? ? ? 10.300 ? 1.697 ? ? 0.110 0.034 ? 15 1 0.997 ? ? 
4.050 4.360  ? ? ? ? ? ? 471 100.000 ? ? ? ? 0.092 ? ? ? ? ? ? ? ? 10.000 ? 2.139 ? ? 0.097 0.031 ? 16 1 0.996 ? ? 
4.360 4.800  ? ? ? ? ? ? 489 100.000 ? ? ? ? 0.083 ? ? ? ? ? ? ? ? 9.700  ? 2.575 ? ? 0.088 0.028 ? 17 1 0.997 ? ? 
4.800 5.490  ? ? ? ? ? ? 469 100.000 ? ? ? ? 0.078 ? ? ? ? ? ? ? ? 10.000 ? 2.407 ? ? 0.083 0.026 ? 18 1 0.997 ? ? 
5.490 6.910  ? ? ? ? ? ? 496 100.000 ? ? ? ? 0.078 ? ? ? ? ? ? ? ? 9.900  ? 2.632 ? ? 0.083 0.026 ? 19 1 0.997 ? ? 
6.910 40.000 ? ? ? ? ? ? 471 100.000 ? ? ? ? 0.059 ? ? ? ? ? ? ? ? 9.700  ? 3.251 ? ? 0.062 0.020 ? 20 1 0.998 ? ? 
# 
_refine.aniso_B[1][1]                            ? 
_refine.aniso_B[1][2]                            ? 
_refine.aniso_B[1][3]                            ? 
_refine.aniso_B[2][2]                            ? 
_refine.aniso_B[2][3]                            ? 
_refine.aniso_B[3][3]                            ? 
_refine.B_iso_max                                129.220 
_refine.B_iso_mean                               72.8145 
_refine.B_iso_min                                41.670 
_refine.correlation_coeff_Fo_to_Fc               ? 
_refine.correlation_coeff_Fo_to_Fc_free          ? 
_refine.details                                  ? 
_refine.diff_density_max                         ? 
_refine.diff_density_max_esd                     ? 
_refine.diff_density_min                         ? 
_refine.diff_density_min_esd                     ? 
_refine.diff_density_rms                         ? 
_refine.diff_density_rms_esd                     ? 
_refine.entry_id                                 7L7W 
_refine.pdbx_refine_id                           'X-RAY DIFFRACTION' 
_refine.ls_abs_structure_details                 ? 
_refine.ls_abs_structure_Flack                   ? 
_refine.ls_abs_structure_Flack_esd               ? 
_refine.ls_abs_structure_Rogers                  ? 
_refine.ls_abs_structure_Rogers_esd              ? 
_refine.ls_d_res_high                            2.5500 
_refine.ls_d_res_low                             38.1300 
_refine.ls_extinction_coef                       ? 
_refine.ls_extinction_coef_esd                   ? 
_refine.ls_extinction_expression                 ? 
_refine.ls_extinction_method                     ? 
_refine.ls_goodness_of_fit_all                   ? 
_refine.ls_goodness_of_fit_all_esd               ? 
_refine.ls_goodness_of_fit_obs                   ? 
_refine.ls_goodness_of_fit_obs_esd               ? 
_refine.ls_hydrogen_treatment                    ? 
_refine.ls_matrix_type                           ? 
_refine.ls_number_constraints                    ? 
_refine.ls_number_parameters                     ? 
_refine.ls_number_reflns_all                     ? 
_refine.ls_number_reflns_obs                     9144 
_refine.ls_number_reflns_R_free                  916 
_refine.ls_number_reflns_R_work                  8228 
_refine.ls_number_restraints                     ? 
_refine.ls_percent_reflns_obs                    96.2200 
_refine.ls_percent_reflns_R_free                 10.0200 
_refine.ls_R_factor_all                          ? 
_refine.ls_R_factor_obs                          0.1971 
_refine.ls_R_factor_R_free                       0.2334 
_refine.ls_R_factor_R_free_error                 ? 
_refine.ls_R_factor_R_free_error_details         ? 
_refine.ls_R_factor_R_work                       0.1929 
_refine.ls_R_Fsqd_factor_obs                     ? 
_refine.ls_R_I_factor_obs                        ? 
_refine.ls_redundancy_reflns_all                 ? 
_refine.ls_redundancy_reflns_obs                 ? 
_refine.ls_restrained_S_all                      ? 
_refine.ls_restrained_S_obs                      ? 
_refine.ls_shift_over_esd_max                    ? 
_refine.ls_shift_over_esd_mean                   ? 
_refine.ls_structure_factor_coef                 ? 
_refine.ls_weighting_details                     ? 
_refine.ls_weighting_scheme                      ? 
_refine.ls_wR_factor_all                         ? 
_refine.ls_wR_factor_obs                         ? 
_refine.ls_wR_factor_R_free                      ? 
_refine.ls_wR_factor_R_work                      ? 
_refine.occupancy_max                            ? 
_refine.occupancy_min                            ? 
_refine.solvent_model_details                    'FLAT BULK SOLVENT MODEL' 
_refine.solvent_model_param_bsol                 ? 
_refine.solvent_model_param_ksol                 ? 
_refine.pdbx_R_complete                          ? 
_refine.ls_R_factor_gt                           ? 
_refine.ls_goodness_of_fit_gt                    ? 
_refine.ls_goodness_of_fit_ref                   ? 
_refine.ls_shift_over_su_max                     ? 
_refine.ls_shift_over_su_max_lt                  ? 
_refine.ls_shift_over_su_mean                    ? 
_refine.ls_shift_over_su_mean_lt                 ? 
_refine.pdbx_ls_sigma_I                          ? 
_refine.pdbx_ls_sigma_F                          1.980 
_refine.pdbx_ls_sigma_Fsqd                       ? 
_refine.pdbx_data_cutoff_high_absF               ? 
_refine.pdbx_data_cutoff_high_rms_absF           ? 
_refine.pdbx_data_cutoff_low_absF                ? 
_refine.pdbx_isotropic_thermal_model             ? 
_refine.pdbx_ls_cross_valid_method               THROUGHOUT 
_refine.pdbx_method_to_determine_struct          'MOLECULAR REPLACEMENT' 
_refine.pdbx_starting_model                      7L7V 
_refine.pdbx_stereochemistry_target_values       ML 
_refine.pdbx_R_Free_selection_details            ? 
_refine.pdbx_stereochem_target_val_spec_case     ? 
_refine.pdbx_overall_ESU_R                       ? 
_refine.pdbx_overall_ESU_R_Free                  ? 
_refine.pdbx_solvent_vdw_probe_radii             1.1100 
_refine.pdbx_solvent_ion_probe_radii             ? 
_refine.pdbx_solvent_shrinkage_radii             0.9000 
_refine.pdbx_real_space_R                        ? 
_refine.pdbx_density_correlation                 ? 
_refine.pdbx_pd_number_of_powder_patterns        ? 
_refine.pdbx_pd_number_of_points                 ? 
_refine.pdbx_pd_meas_number_of_points            ? 
_refine.pdbx_pd_proc_ls_prof_R_factor            ? 
_refine.pdbx_pd_proc_ls_prof_wR_factor           ? 
_refine.pdbx_pd_Marquardt_correlation_coeff      ? 
_refine.pdbx_pd_Fsqrd_R_factor                   ? 
_refine.pdbx_pd_ls_matrix_band_width             ? 
_refine.pdbx_overall_phase_error                 31.8100 
_refine.pdbx_overall_SU_R_free_Cruickshank_DPI   ? 
_refine.pdbx_overall_SU_R_free_Blow_DPI          ? 
_refine.pdbx_overall_SU_R_Blow_DPI               ? 
_refine.pdbx_TLS_residual_ADP_flag               ? 
_refine.pdbx_diffrn_id                           1 
_refine.overall_SU_B                             ? 
_refine.overall_SU_ML                            0.3700 
_refine.overall_SU_R_Cruickshank_DPI             ? 
_refine.overall_SU_R_free                        ? 
_refine.overall_FOM_free_R_set                   ? 
_refine.overall_FOM_work_R_set                   ? 
_refine.pdbx_average_fsc_overall                 ? 
_refine.pdbx_average_fsc_work                    ? 
_refine.pdbx_average_fsc_free                    ? 
# 
_refine_hist.pdbx_refine_id                   'X-RAY DIFFRACTION' 
_refine_hist.cycle_id                         final 
_refine_hist.details                          ? 
_refine_hist.d_res_high                       2.5500 
_refine_hist.d_res_low                        38.1300 
_refine_hist.number_atoms_solvent             7 
_refine_hist.number_atoms_total               997 
_refine_hist.number_reflns_all                ? 
_refine_hist.number_reflns_obs                ? 
_refine_hist.number_reflns_R_free             ? 
_refine_hist.number_reflns_R_work             ? 
_refine_hist.R_factor_all                     ? 
_refine_hist.R_factor_obs                     ? 
_refine_hist.R_factor_R_free                  ? 
_refine_hist.R_factor_R_work                  ? 
_refine_hist.pdbx_number_residues_total       118 
_refine_hist.pdbx_B_iso_mean_ligand           99.34 
_refine_hist.pdbx_B_iso_mean_solvent          57.83 
_refine_hist.pdbx_number_atoms_protein        988 
_refine_hist.pdbx_number_atoms_nucleic_acid   0 
_refine_hist.pdbx_number_atoms_ligand         2 
_refine_hist.pdbx_number_atoms_lipid          ? 
_refine_hist.pdbx_number_atoms_carb           ? 
_refine_hist.pdbx_pseudo_atom_details         ? 
# 
loop_
_refine_ls_shell.pdbx_refine_id 
_refine_ls_shell.d_res_high 
_refine_ls_shell.d_res_low 
_refine_ls_shell.number_reflns_all 
_refine_ls_shell.number_reflns_obs 
_refine_ls_shell.number_reflns_R_free 
_refine_ls_shell.number_reflns_R_work 
_refine_ls_shell.percent_reflns_obs 
_refine_ls_shell.percent_reflns_R_free 
_refine_ls_shell.R_factor_all 
_refine_ls_shell.R_factor_obs 
_refine_ls_shell.R_factor_R_free 
_refine_ls_shell.R_factor_R_free_error 
_refine_ls_shell.R_factor_R_work 
_refine_ls_shell.redundancy_reflns_all 
_refine_ls_shell.redundancy_reflns_obs 
_refine_ls_shell.wR_factor_all 
_refine_ls_shell.wR_factor_obs 
_refine_ls_shell.wR_factor_R_free 
_refine_ls_shell.wR_factor_R_work 
_refine_ls_shell.pdbx_R_complete 
_refine_ls_shell.pdbx_total_number_of_bins_used 
_refine_ls_shell.pdbx_phase_error 
_refine_ls_shell.pdbx_fsc_work 
_refine_ls_shell.pdbx_fsc_free 
'X-RAY DIFFRACTION' 2.5500 2.6800  1064 . 110 954  79.0000  . . . 0.3777 0.0000 0.3240 . . . . . . . 7 . . . 
'X-RAY DIFFRACTION' 2.6800 2.8500  1304 . 127 1177 95.0000  . . . 0.3423 0.0000 0.2880 . . . . . . . 7 . . . 
'X-RAY DIFFRACTION' 2.8500 3.0700  1348 . 136 1212 100.0000 . . . 0.3405 0.0000 0.2641 . . . . . . . 7 . . . 
'X-RAY DIFFRACTION' 3.0700 3.3800  1349 . 138 1211 100.0000 . . . 0.2936 0.0000 0.2470 . . . . . . . 7 . . . 
'X-RAY DIFFRACTION' 3.3800 3.8700  1369 . 134 1235 100.0000 . . . 0.2893 0.0000 0.2154 . . . . . . . 7 . . . 
'X-RAY DIFFRACTION' 3.8700 4.8700  1344 . 134 1210 100.0000 . . . 0.1894 0.0000 0.1521 . . . . . . . 7 . . . 
'X-RAY DIFFRACTION' 4.8800 38.1300 1366 . 137 1229 100.0000 . . . 0.1690 0.0000 0.1531 . . . . . . . 7 . . . 
# 
_struct.entry_id                     7L7W 
_struct.title                        'Crystal structure of Arabidopsis NRG1.1 CC-R domain K94E/K96E mutant' 
_struct.pdbx_model_details           ? 
_struct.pdbx_formula_weight          ? 
_struct.pdbx_formula_weight_method   ? 
_struct.pdbx_model_type_details      ? 
_struct.pdbx_CASP_flag               N 
# 
_struct_keywords.entry_id        7L7W 
_struct_keywords.text            '4-helix bundle, cell death, membrane pore, calcium channel, IMMUNE SYSTEM' 
_struct_keywords.pdbx_keywords   'IMMUNE SYSTEM' 
# 
loop_
_struct_asym.id 
_struct_asym.pdbx_blank_PDB_chainid_flag 
_struct_asym.pdbx_modified 
_struct_asym.entity_id 
_struct_asym.details 
A N N 1 ? 
B N N 2 ? 
C N N 2 ? 
D N N 3 ? 
# 
loop_
_struct_conf.conf_type_id 
_struct_conf.id 
_struct_conf.pdbx_PDB_helix_id 
_struct_conf.beg_label_comp_id 
_struct_conf.beg_label_asym_id 
_struct_conf.beg_label_seq_id 
_struct_conf.pdbx_beg_PDB_ins_code 
_struct_conf.end_label_comp_id 
_struct_conf.end_label_asym_id 
_struct_conf.end_label_seq_id 
_struct_conf.pdbx_end_PDB_ins_code 
_struct_conf.beg_auth_comp_id 
_struct_conf.beg_auth_asym_id 
_struct_conf.beg_auth_seq_id 
_struct_conf.end_auth_comp_id 
_struct_conf.end_auth_asym_id 
_struct_conf.end_auth_seq_id 
_struct_conf.pdbx_PDB_helix_class 
_struct_conf.details 
_struct_conf.pdbx_PDB_helix_length 
HELX_P HELX_P1 AA1 VAL A 19  ? LYS A 33  ? VAL A 16  LYS A 30  1 ? 15 
HELX_P HELX_P2 AA2 PHE A 37  ? LYS A 42  ? PHE A 34  LYS A 39  1 ? 6  
HELX_P HELX_P3 AA3 LYS A 42  ? MET A 61  ? LYS A 39  MET A 58  1 ? 20 
HELX_P HELX_P4 AA4 VAL A 69  ? PHE A 89  ? VAL A 66  PHE A 86  1 ? 21 
HELX_P HELX_P5 AA5 PRO A 90  ? VAL A 92  ? PRO A 87  VAL A 89  5 ? 3  
HELX_P HELX_P6 AA6 LYS A 93  ? TYR A 95  ? LYS A 90  TYR A 92  5 ? 3  
HELX_P HELX_P7 AA7 GLU A 96  ? CYS A 115 ? GLU A 93  CYS A 112 1 ? 20 
HELX_P HELX_P8 AA8 ASP A 118 ? TRP A 128 ? ASP A 115 TRP A 125 1 ? 11 
# 
_struct_conf_type.id          HELX_P 
_struct_conf_type.criteria    ? 
_struct_conf_type.reference   ? 
# 
loop_
_struct_conn.id 
_struct_conn.conn_type_id 
_struct_conn.pdbx_leaving_atom_flag 
_struct_conn.pdbx_PDB_id 
_struct_conn.ptnr1_label_asym_id 
_struct_conn.ptnr1_label_comp_id 
_struct_conn.ptnr1_label_seq_id 
_struct_conn.ptnr1_label_atom_id 
_struct_conn.pdbx_ptnr1_label_alt_id 
_struct_conn.pdbx_ptnr1_PDB_ins_code 
_struct_conn.pdbx_ptnr1_standard_comp_id 
_struct_conn.ptnr1_symmetry 
_struct_conn.ptnr2_label_asym_id 
_struct_conn.ptnr2_label_comp_id 
_struct_conn.ptnr2_label_seq_id 
_struct_conn.ptnr2_label_atom_id 
_struct_conn.pdbx_ptnr2_label_alt_id 
_struct_conn.pdbx_ptnr2_PDB_ins_code 
_struct_conn.ptnr1_auth_asym_id 
_struct_conn.ptnr1_auth_comp_id 
_struct_conn.ptnr1_auth_seq_id 
_struct_conn.ptnr2_auth_asym_id 
_struct_conn.ptnr2_auth_comp_id 
_struct_conn.ptnr2_auth_seq_id 
_struct_conn.ptnr2_symmetry 
_struct_conn.pdbx_ptnr3_label_atom_id 
_struct_conn.pdbx_ptnr3_label_seq_id 
_struct_conn.pdbx_ptnr3_label_comp_id 
_struct_conn.pdbx_ptnr3_label_asym_id 
_struct_conn.pdbx_ptnr3_label_alt_id 
_struct_conn.pdbx_ptnr3_PDB_ins_code 
_struct_conn.details 
_struct_conn.pdbx_dist_value 
_struct_conn.pdbx_value_order 
_struct_conn.pdbx_role 
metalc1 metalc ? ? A LYS 25  NZ  ? ? ? 1_555 C NI . NI ? ? A LYS 22  A NI 202 1_555 ? ? ? ? ? ? ? 2.696 ? ? 
metalc2 metalc ? ? A GLU 80  OE1 ? ? ? 1_555 B NI . NI ? ? A GLU 77  A NI 201 1_555 ? ? ? ? ? ? ? 2.242 ? ? 
metalc3 metalc ? ? A GLU 80  OE2 ? ? ? 1_555 B NI . NI ? ? A GLU 77  A NI 201 1_555 ? ? ? ? ? ? ? 2.561 ? ? 
metalc4 metalc ? ? A ASP 83  OD2 ? ? ? 1_555 B NI . NI ? ? A ASP 80  A NI 201 1_555 ? ? ? ? ? ? ? 2.065 ? ? 
metalc5 metalc ? ? A HIS 124 NE2 ? ? ? 1_555 B NI . NI ? ? A HIS 121 A NI 201 6_455 ? ? ? ? ? ? ? 2.155 ? ? 
metalc6 metalc ? ? A HIS 130 NE2 ? ? ? 1_555 B NI . NI ? ? A HIS 127 A NI 201 6_455 ? ? ? ? ? ? ? 2.058 ? ? 
# 
_struct_conn_type.id          metalc 
_struct_conn_type.criteria    ? 
_struct_conn_type.reference   ? 
# 
_atom_sites.entry_id                    7L7W 
_atom_sites.Cartn_transf_matrix[1][1]   ? 
_atom_sites.Cartn_transf_matrix[1][2]   ? 
_atom_sites.Cartn_transf_matrix[1][3]   ? 
_atom_sites.Cartn_transf_matrix[2][1]   ? 
_atom_sites.Cartn_transf_matrix[2][2]   ? 
_atom_sites.Cartn_transf_matrix[2][3]   ? 
_atom_sites.Cartn_transf_matrix[3][1]   ? 
_atom_sites.Cartn_transf_matrix[3][2]   ? 
_atom_sites.Cartn_transf_matrix[3][3]   ? 
_atom_sites.Cartn_transf_vector[1]      ? 
_atom_sites.Cartn_transf_vector[2]      ? 
_atom_sites.Cartn_transf_vector[3]      ? 
_atom_sites.fract_transf_matrix[1][1]   0.00279477 
_atom_sites.fract_transf_matrix[1][2]   -0.00939625 
_atom_sites.fract_transf_matrix[1][3]   0.00245563 
_atom_sites.fract_transf_matrix[2][1]   -0.00549591 
_atom_sites.fract_transf_matrix[2][2]   -0.00534948 
_atom_sites.fract_transf_matrix[2][3]   0.00658098 
_atom_sites.fract_transf_matrix[3][1]   -0.00919904 
_atom_sites.fract_transf_matrix[3][2]   -0.00602341 
_atom_sites.fract_transf_matrix[3][3]   -0.01257855 
_atom_sites.fract_transf_vector[1]      -0.101187 
_atom_sites.fract_transf_vector[2]      0.177295 
_atom_sites.fract_transf_vector[3]      0.254044 
_atom_sites.solution_primary            ? 
_atom_sites.solution_secondary          ? 
_atom_sites.solution_hydrogens          ? 
_atom_sites.special_details             ? 
# 
loop_
_atom_type.symbol 
C  
N  
NI 
O  
S  
# 
loop_
_atom_site.group_PDB 
_atom_site.id 
_atom_site.type_symbol 
_atom_site.label_atom_id 
_atom_site.label_alt_id 
_atom_site.label_comp_id 
_atom_site.label_asym_id 
_atom_site.label_entity_id 
_atom_site.label_seq_id 
_atom_site.pdbx_PDB_ins_code 
_atom_site.Cartn_x 
_atom_site.Cartn_y 
_atom_site.Cartn_z 
_atom_site.occupancy 
_atom_site.B_iso_or_equiv 
_atom_site.pdbx_formal_charge 
_atom_site.auth_seq_id 
_atom_site.auth_comp_id 
_atom_site.auth_asym_id 
_atom_site.auth_atom_id 
_atom_site.pdbx_PDB_model_num 
ATOM   1    N  N   . SER A 1 14  ? -15.552 12.723  8.342   1.00 96.81  ? 11  SER A N   1 
ATOM   2    C  CA  . SER A 1 14  ? -15.248 13.215  6.998   1.00 109.45 ? 11  SER A CA  1 
ATOM   3    C  C   . SER A 1 14  ? -13.939 14.054  6.921   1.00 110.63 ? 11  SER A C   1 
ATOM   4    O  O   . SER A 1 14  ? -13.616 14.606  5.857   1.00 107.70 ? 11  SER A O   1 
ATOM   5    C  CB  . SER A 1 14  ? -16.457 14.006  6.457   1.00 104.18 ? 11  SER A CB  1 
ATOM   6    O  OG  . SER A 1 14  ? -16.356 15.401  6.700   1.00 99.09  ? 11  SER A OG  1 
ATOM   7    N  N   . ILE A 1 15  ? -13.181 14.119  8.026   1.00 108.47 ? 12  ILE A N   1 
ATOM   8    C  CA  . ILE A 1 15  ? -11.830 14.697  8.037   1.00 112.31 ? 12  ILE A CA  1 
ATOM   9    C  C   . ILE A 1 15  ? -10.938 13.830  8.925   1.00 111.73 ? 12  ILE A C   1 
ATOM   10   O  O   . ILE A 1 15  ? -11.367 13.375  9.990   1.00 106.38 ? 12  ILE A O   1 
ATOM   11   C  CB  . ILE A 1 15  ? -11.807 16.177  8.499   1.00 111.77 ? 12  ILE A CB  1 
ATOM   12   C  CG1 . ILE A 1 15  ? -10.495 16.857  8.078   1.00 103.11 ? 12  ILE A CG1 1 
ATOM   13   C  CG2 . ILE A 1 15  ? -12.031 16.316  10.012  1.00 111.09 ? 12  ILE A CG2 1 
ATOM   14   C  CD1 . ILE A 1 15  ? -10.664 18.312  7.638   1.00 103.20 ? 12  ILE A CD1 1 
ATOM   15   N  N   . GLY A 1 16  ? -9.707  13.587  8.482   1.00 112.71 ? 13  GLY A N   1 
ATOM   16   C  CA  . GLY A 1 16  ? -8.846  12.631  9.152   1.00 100.49 ? 13  GLY A CA  1 
ATOM   17   C  C   . GLY A 1 16  ? -7.382  13.020  9.114   1.00 103.01 ? 13  GLY A C   1 
ATOM   18   O  O   . GLY A 1 16  ? -6.889  13.614  8.150   1.00 103.51 ? 13  GLY A O   1 
ATOM   19   N  N   . GLU A 1 17  ? -6.692  12.670  10.193  1.00 100.08 ? 14  GLU A N   1 
ATOM   20   C  CA  . GLU A 1 17  ? -5.246  12.785  10.268  1.00 100.43 ? 14  GLU A CA  1 
ATOM   21   C  C   . GLU A 1 17  ? -4.621  11.584  9.549   1.00 108.49 ? 14  GLU A C   1 
ATOM   22   O  O   . GLU A 1 17  ? -4.991  10.431  9.811   1.00 101.81 ? 14  GLU A O   1 
ATOM   23   C  CB  . GLU A 1 17  ? -4.838  12.866  11.741  1.00 96.59  ? 14  GLU A CB  1 
ATOM   24   C  CG  . GLU A 1 17  ? -3.395  13.171  12.040  1.00 102.27 ? 14  GLU A CG  1 
ATOM   25   C  CD  . GLU A 1 17  ? -2.560  11.917  12.163  1.00 109.25 ? 14  GLU A CD  1 
ATOM   26   O  OE1 . GLU A 1 17  ? -2.565  11.301  13.253  1.00 107.34 ? 14  GLU A OE1 1 
ATOM   27   O  OE2 . GLU A 1 17  ? -1.891  11.551  11.171  1.00 110.92 ? 14  GLU A OE2 1 
ATOM   28   N  N   . ALA A 1 18  ? -3.688  11.862  8.627   1.00 102.33 ? 15  ALA A N   1 
ATOM   29   C  CA  . ALA A 1 18  ? -3.236  10.890  7.631   1.00 93.03  ? 15  ALA A CA  1 
ATOM   30   C  C   . ALA A 1 18  ? -2.175  9.944   8.186   1.00 91.30  ? 15  ALA A C   1 
ATOM   31   O  O   . ALA A 1 18  ? -1.143  10.389  8.693   1.00 94.68  ? 15  ALA A O   1 
ATOM   32   C  CB  . ALA A 1 18  ? -2.674  11.615  6.407   1.00 90.62  ? 15  ALA A CB  1 
ATOM   33   N  N   . VAL A 1 19  ? -2.408  8.639   8.060   1.00 87.54  ? 16  VAL A N   1 
ATOM   34   C  CA  . VAL A 1 19  ? -1.445  7.651   8.539   1.00 86.33  ? 16  VAL A CA  1 
ATOM   35   C  C   . VAL A 1 19  ? -1.183  6.564   7.490   1.00 85.41  ? 16  VAL A C   1 
ATOM   36   O  O   . VAL A 1 19  ? -0.030  6.348   7.107   1.00 77.89  ? 16  VAL A O   1 
ATOM   37   C  CB  . VAL A 1 19  ? -1.889  7.054   9.888   1.00 92.89  ? 16  VAL A CB  1 
ATOM   38   C  CG1 . VAL A 1 19  ? -1.711  8.088   10.984  1.00 98.08  ? 16  VAL A CG1 1 
ATOM   39   C  CG2 . VAL A 1 19  ? -3.337  6.597   9.835   1.00 82.23  ? 16  VAL A CG2 1 
ATOM   40   N  N   . PHE A 1 20  ? -2.223  5.864   7.010   1.00 83.14  ? 17  PHE A N   1 
ATOM   41   C  CA  . PHE A 1 20  ? -2.038  4.989   5.846   1.00 72.57  ? 17  PHE A CA  1 
ATOM   42   C  C   . PHE A 1 20  ? -1.458  5.766   4.675   1.00 72.04  ? 17  PHE A C   1 
ATOM   43   O  O   . PHE A 1 20  ? -0.480  5.339   4.050   1.00 78.49  ? 17  PHE A O   1 
ATOM   44   C  CB  . PHE A 1 20  ? -3.359  4.350   5.414   1.00 71.98  ? 17  PHE A CB  1 
ATOM   45   C  CG  . PHE A 1 20  ? -3.777  3.178   6.234   1.00 80.49  ? 17  PHE A CG  1 
ATOM   46   C  CD1 . PHE A 1 20  ? -3.115  1.976   6.126   1.00 70.58  ? 17  PHE A CD1 1 
ATOM   47   C  CD2 . PHE A 1 20  ? -4.865  3.268   7.089   1.00 81.90  ? 17  PHE A CD2 1 
ATOM   48   C  CE1 . PHE A 1 20  ? -3.510  0.891   6.871   1.00 70.38  ? 17  PHE A CE1 1 
ATOM   49   C  CE2 . PHE A 1 20  ? -5.261  2.180   7.834   1.00 76.95  ? 17  PHE A CE2 1 
ATOM   50   C  CZ  . PHE A 1 20  ? -4.577  0.990   7.721   1.00 66.93  ? 17  PHE A CZ  1 
ATOM   51   N  N   . SER A 1 21  ? -2.056  6.917   4.364   1.00 72.72  ? 18  SER A N   1 
ATOM   52   C  CA  . SER A 1 21  ? -1.626  7.701   3.218   1.00 72.93  ? 18  SER A CA  1 
ATOM   53   C  C   . SER A 1 21  ? -0.266  8.347   3.454   1.00 74.39  ? 18  SER A C   1 
ATOM   54   O  O   . SER A 1 21  ? 0.503   8.537   2.501   1.00 68.06  ? 18  SER A O   1 
ATOM   55   C  CB  . SER A 1 21  ? -2.693  8.745   2.885   1.00 76.40  ? 18  SER A CB  1 
ATOM   56   O  OG  . SER A 1 21  ? -2.910  9.602   3.988   1.00 86.94  ? 18  SER A OG  1 
ATOM   57   N  N   . LYS A 1 22  ? 0.073   8.645   4.711   1.00 69.09  ? 19  LYS A N   1 
ATOM   58   C  CA  . LYS A 1 22  ? 1.396   9.189   5.010   1.00 70.57  ? 19  LYS A CA  1 
ATOM   59   C  C   . LYS A 1 22  ? 2.484   8.138   4.779   1.00 75.52  ? 19  LYS A C   1 
ATOM   60   O  O   . LYS A 1 22  ? 3.494   8.383   4.083   1.00 74.88  ? 19  LYS A O   1 
ATOM   61   C  CB  . LYS A 1 22  ? 1.398   9.701   6.453   1.00 69.61  ? 19  LYS A CB  1 
ATOM   62   C  CG  . LYS A 1 22  ? 2.746   9.762   7.124   1.00 81.49  ? 19  LYS A CG  1 
ATOM   63   C  CD  . LYS A 1 22  ? 2.612   9.996   8.624   1.00 77.61  ? 19  LYS A CD  1 
ATOM   64   C  CE  . LYS A 1 22  ? 2.501   11.475  8.943   1.00 88.99  ? 19  LYS A CE  1 
ATOM   65   N  NZ  . LYS A 1 22  ? 3.529   11.897  9.944   1.00 98.75  ? 19  LYS A NZ  1 
ATOM   66   N  N   . LEU A 1 23  ? 2.275   6.948   5.343   1.00 67.70  ? 20  LEU A N   1 
ATOM   67   C  CA  . LEU A 1 23  ? 3.189   5.840   5.129   1.00 72.51  ? 20  LEU A CA  1 
ATOM   68   C  C   . LEU A 1 23  ? 3.244   5.415   3.664   1.00 72.00  ? 20  LEU A C   1 
ATOM   69   O  O   . LEU A 1 23  ? 4.266   4.893   3.218   1.00 69.17  ? 20  LEU A O   1 
ATOM   70   C  CB  . LEU A 1 23  ? 2.793   4.679   6.037   1.00 67.15  ? 20  LEU A CB  1 
ATOM   71   C  CG  . LEU A 1 23  ? 3.450   3.325   5.794   1.00 80.45  ? 20  LEU A CG  1 
ATOM   72   C  CD1 . LEU A 1 23  ? 4.759   3.274   6.553   1.00 87.57  ? 20  LEU A CD1 1 
ATOM   73   C  CD2 . LEU A 1 23  ? 2.533   2.196   6.283   1.00 80.31  ? 20  LEU A CD2 1 
ATOM   74   N  N   . LEU A 1 24  ? 2.184   5.648   2.890   1.00 67.11  ? 21  LEU A N   1 
ATOM   75   C  CA  . LEU A 1 24  ? 2.269   5.308   1.473   1.00 61.93  ? 21  LEU A CA  1 
ATOM   76   C  C   . LEU A 1 24  ? 3.030   6.367   0.675   1.00 68.56  ? 21  LEU A C   1 
ATOM   77   O  O   . LEU A 1 24  ? 3.761   6.033   -0.267  1.00 70.37  ? 21  LEU A O   1 
ATOM   78   C  CB  . LEU A 1 24  ? 0.874   5.110   0.888   1.00 61.53  ? 21  LEU A CB  1 
ATOM   79   C  CG  . LEU A 1 24  ? 0.908   4.590   -0.550  1.00 64.49  ? 21  LEU A CG  1 
ATOM   80   C  CD1 . LEU A 1 24  ? 1.730   3.278   -0.661  1.00 66.99  ? 21  LEU A CD1 1 
ATOM   81   C  CD2 . LEU A 1 24  ? -0.510  4.396   -1.050  1.00 61.76  ? 21  LEU A CD2 1 
ATOM   82   N  N   . LYS A 1 25  ? 2.861   7.647   1.018   1.00 64.80  ? 22  LYS A N   1 
ATOM   83   C  CA  . LYS A 1 25  ? 3.590   8.687   0.311   1.00 67.94  ? 22  LYS A CA  1 
ATOM   84   C  C   . LYS A 1 25  ? 5.087   8.543   0.531   1.00 72.85  ? 22  LYS A C   1 
ATOM   85   O  O   . LYS A 1 25  ? 5.884   8.817   -0.385  1.00 71.60  ? 22  LYS A O   1 
ATOM   86   C  CB  . LYS A 1 25  ? 3.111   10.071  0.757   1.00 73.07  ? 22  LYS A CB  1 
ATOM   87   C  CG  . LYS A 1 25  ? 3.697   11.241  -0.054  1.00 81.54  ? 22  LYS A CG  1 
ATOM   88   C  CD  . LYS A 1 25  ? 2.799   11.630  -1.229  1.00 86.67  ? 22  LYS A CD  1 
ATOM   89   C  CE  . LYS A 1 25  ? 3.608   12.229  -2.370  1.00 83.04  ? 22  LYS A CE  1 
ATOM   90   N  NZ  . LYS A 1 25  ? 2.784   12.255  -3.609  1.00 93.29  ? 22  LYS A NZ  1 
ATOM   91   N  N   . VAL A 1 26  ? 5.492   8.106   1.729   1.00 63.83  ? 23  VAL A N   1 
ATOM   92   C  CA  . VAL A 1 26  ? 6.920   7.885   1.953   1.00 64.88  ? 23  VAL A CA  1 
ATOM   93   C  C   . VAL A 1 26  ? 7.450   6.829   0.987   1.00 71.23  ? 23  VAL A C   1 
ATOM   94   O  O   . VAL A 1 26  ? 8.496   7.007   0.342   1.00 68.73  ? 23  VAL A O   1 
ATOM   95   C  CB  . VAL A 1 26  ? 7.197   7.481   3.410   1.00 64.98  ? 23  VAL A CB  1 
ATOM   96   C  CG1 . VAL A 1 26  ? 8.634   6.973   3.527   1.00 65.34  ? 23  VAL A CG1 1 
ATOM   97   C  CG2 . VAL A 1 26  ? 6.957   8.643   4.349   1.00 62.61  ? 23  VAL A CG2 1 
ATOM   98   N  N   . VAL A 1 27  ? 6.726   5.713   0.875   1.00 61.46  ? 24  VAL A N   1 
ATOM   99   C  CA  . VAL A 1 27  ? 7.173   4.608   0.036   1.00 66.26  ? 24  VAL A CA  1 
ATOM   100  C  C   . VAL A 1 27  ? 7.207   5.032   -1.432  1.00 66.47  ? 24  VAL A C   1 
ATOM   101  O  O   . VAL A 1 27  ? 8.093   4.614   -2.194  1.00 58.13  ? 24  VAL A O   1 
ATOM   102  C  CB  . VAL A 1 27  ? 6.275   3.376   0.282   1.00 62.27  ? 24  VAL A CB  1 
ATOM   103  C  CG1 . VAL A 1 27  ? 6.674   2.193   -0.609  1.00 59.86  ? 24  VAL A CG1 1 
ATOM   104  C  CG2 . VAL A 1 27  ? 6.352   2.957   1.752   1.00 57.90  ? 24  VAL A CG2 1 
ATOM   105  N  N   . ILE A 1 28  ? 6.267   5.893   -1.843  1.00 64.08  ? 25  ILE A N   1 
ATOM   106  C  CA  . ILE A 1 28  ? 6.276   6.372   -3.222  1.00 61.93  ? 25  ILE A CA  1 
ATOM   107  C  C   . ILE A 1 28  ? 7.495   7.242   -3.467  1.00 69.11  ? 25  ILE A C   1 
ATOM   108  O  O   . ILE A 1 28  ? 8.229   7.052   -4.452  1.00 62.59  ? 25  ILE A O   1 
ATOM   109  C  CB  . ILE A 1 28  ? 4.980   7.125   -3.560  1.00 60.35  ? 25  ILE A CB  1 
ATOM   110  C  CG1 . ILE A 1 28  ? 3.786   6.192   -3.479  1.00 67.52  ? 25  ILE A CG1 1 
ATOM   111  C  CG2 . ILE A 1 28  ? 5.044   7.665   -4.978  1.00 58.84  ? 25  ILE A CG2 1 
ATOM   112  C  CD1 . ILE A 1 28  ? 2.456   6.937   -3.611  1.00 69.78  ? 25  ILE A CD1 1 
ATOM   113  N  N   A ASP A 1 29  ? 7.755   8.198   -2.574  0.75 68.04  ? 26  ASP A N   1 
ATOM   114  N  N   B ASP A 1 29  ? 7.733   8.230   -2.596  0.25 67.88  ? 26  ASP A N   1 
ATOM   115  C  CA  A ASP A 1 29  ? 8.868   9.112   -2.790  0.75 66.11  ? 26  ASP A CA  1 
ATOM   116  C  CA  B ASP A 1 29  ? 8.879   9.116   -2.782  0.25 66.47  ? 26  ASP A CA  1 
ATOM   117  C  C   A ASP A 1 29  ? 10.201  8.385   -2.762  0.75 65.74  ? 26  ASP A C   1 
ATOM   118  C  C   B ASP A 1 29  ? 10.174  8.320   -2.841  0.25 66.93  ? 26  ASP A C   1 
ATOM   119  O  O   A ASP A 1 29  ? 11.149  8.810   -3.434  0.75 66.78  ? 26  ASP A O   1 
ATOM   120  O  O   B ASP A 1 29  ? 11.058  8.615   -3.653  0.25 66.41  ? 26  ASP A O   1 
ATOM   121  C  CB  A ASP A 1 29  ? 8.845   10.226  -1.747  0.75 68.58  ? 26  ASP A CB  1 
ATOM   122  C  CB  B ASP A 1 29  ? 8.944   10.160  -1.663  0.25 68.61  ? 26  ASP A CB  1 
ATOM   123  C  CG  A ASP A 1 29  ? 7.552   11.025  -1.779  0.75 70.63  ? 26  ASP A CG  1 
ATOM   124  C  CG  B ASP A 1 29  ? 9.973   11.261  -1.932  0.25 71.73  ? 26  ASP A CG  1 
ATOM   125  O  OD1 A ASP A 1 29  ? 7.020   11.259  -2.894  0.75 66.60  ? 26  ASP A OD1 1 
ATOM   126  O  OD1 B ASP A 1 29  ? 10.654  11.224  -2.979  0.25 72.94  ? 26  ASP A OD1 1 
ATOM   127  O  OD2 A ASP A 1 29  ? 7.064   11.394  -0.685  0.75 67.88  ? 26  ASP A OD2 1 
ATOM   128  O  OD2 B ASP A 1 29  ? 10.100  12.176  -1.090  0.25 75.01  ? 26  ASP A OD2 1 
ATOM   129  N  N   . GLU A 1 30  ? 10.293  7.290   -2.003  1.00 65.38  ? 27  GLU A N   1 
ATOM   130  C  CA  . GLU A 1 30  ? 11.517  6.496   -2.004  1.00 63.29  ? 27  GLU A CA  1 
ATOM   131  C  C   . GLU A 1 30  ? 11.633  5.643   -3.261  1.00 60.78  ? 27  GLU A C   1 
ATOM   132  O  O   . GLU A 1 30  ? 12.734  5.475   -3.789  1.00 57.35  ? 27  GLU A O   1 
ATOM   133  C  CB  . GLU A 1 30  ? 11.607  5.605   -0.762  1.00 64.89  ? 27  GLU A CB  1 
ATOM   134  C  CG  . GLU A 1 30  ? 11.874  6.339   0.541   1.00 71.19  ? 27  GLU A CG  1 
ATOM   135  C  CD  . GLU A 1 30  ? 13.153  7.162   0.544   1.00 84.16  ? 27  GLU A CD  1 
ATOM   136  O  OE1 . GLU A 1 30  ? 14.088  6.886   -0.259  1.00 88.71  ? 27  GLU A OE1 1 
ATOM   137  O  OE2 . GLU A 1 30  ? 13.209  8.114   1.356   1.00 90.74  ? 27  GLU A OE2 1 
ATOM   138  N  N   . ALA A 1 31  ? 10.524  5.070   -3.739  1.00 61.23  ? 28  ALA A N   1 
ATOM   139  C  CA  . ALA A 1 31  ? 10.609  4.226   -4.928  1.00 53.12  ? 28  ALA A CA  1 
ATOM   140  C  C   . ALA A 1 31  ? 10.932  5.050   -6.159  1.00 61.16  ? 28  ALA A C   1 
ATOM   141  O  O   . ALA A 1 31  ? 11.676  4.599   -7.036  1.00 61.83  ? 28  ALA A O   1 
ATOM   142  C  CB  . ALA A 1 31  ? 9.305   3.473   -5.149  1.00 53.15  ? 28  ALA A CB  1 
ATOM   143  N  N   . LYS A 1 32  ? 10.370  6.261   -6.247  1.00 64.79  ? 29  LYS A N   1 
ATOM   144  C  CA  . LYS A 1 32  ? 10.546  7.071   -7.445  1.00 60.42  ? 29  LYS A CA  1 
ATOM   145  C  C   . LYS A 1 32  ? 12.026  7.344   -7.721  1.00 66.86  ? 29  LYS A C   1 
ATOM   146  O  O   . LYS A 1 32  ? 12.424  7.469   -8.889  1.00 62.33  ? 29  LYS A O   1 
ATOM   147  C  CB  . LYS A 1 32  ? 9.751   8.371   -7.307  1.00 58.52  ? 29  LYS A CB  1 
ATOM   148  C  CG  . LYS A 1 32  ? 8.336   8.278   -7.849  1.00 66.50  ? 29  LYS A CG  1 
ATOM   149  C  CD  . LYS A 1 32  ? 7.570   9.579   -7.631  1.00 74.43  ? 29  LYS A CD  1 
ATOM   150  C  CE  . LYS A 1 32  ? 6.163   9.505   -8.218  1.00 78.52  ? 29  LYS A CE  1 
ATOM   151  N  NZ  . LYS A 1 32  ? 5.297   10.627  -7.760  1.00 77.81  ? 29  LYS A NZ  1 
ATOM   152  N  N   . LYS A 1 33  ? 12.859  7.373   -6.668  1.00 58.28  ? 30  LYS A N   1 
ATOM   153  C  CA  . LYS A 1 33  ? 14.272  7.710   -6.813  1.00 56.73  ? 30  LYS A CA  1 
ATOM   154  C  C   . LYS A 1 33  ? 15.014  6.746   -7.744  1.00 68.70  ? 30  LYS A C   1 
ATOM   155  O  O   . LYS A 1 33  ? 16.002  7.139   -8.371  1.00 78.31  ? 30  LYS A O   1 
ATOM   156  C  CB  . LYS A 1 33  ? 14.949  7.740   -5.437  1.00 50.85  ? 30  LYS A CB  1 
ATOM   157  C  CG  . LYS A 1 33  ? 14.483  8.861   -4.511  1.00 58.27  ? 30  LYS A CG  1 
ATOM   158  C  CD  . LYS A 1 33  ? 15.215  8.837   -3.170  1.00 57.64  ? 30  LYS A CD  1 
ATOM   159  C  CE  . LYS A 1 33  ? 14.477  9.650   -2.095  1.00 75.93  ? 30  LYS A CE  1 
ATOM   160  N  NZ  . LYS A 1 33  ? 15.073  9.435   -0.732  1.00 78.78  ? 30  LYS A NZ  1 
ATOM   161  N  N   . PHE A 1 34  ? 14.565  5.492   -7.855  1.00 66.93  ? 31  PHE A N   1 
ATOM   162  C  CA  . PHE A 1 34  ? 15.264  4.485   -8.668  1.00 62.89  ? 31  PHE A CA  1 
ATOM   163  C  C   . PHE A 1 34  ? 14.734  4.482   -10.106 1.00 61.87  ? 31  PHE A C   1 
ATOM   164  O  O   . PHE A 1 34  ? 14.198  3.484   -10.604 1.00 64.33  ? 31  PHE A O   1 
ATOM   165  C  CB  . PHE A 1 34  ? 15.134  3.102   -8.018  1.00 58.73  ? 31  PHE A CB  1 
ATOM   166  C  CG  . PHE A 1 34  ? 15.661  3.045   -6.601  1.00 55.09  ? 31  PHE A CG  1 
ATOM   167  C  CD1 . PHE A 1 34  ? 17.014  3.229   -6.336  1.00 56.25  ? 31  PHE A CD1 1 
ATOM   168  C  CD2 . PHE A 1 34  ? 14.812  2.810   -5.541  1.00 51.50  ? 31  PHE A CD2 1 
ATOM   169  C  CE1 . PHE A 1 34  ? 17.497  3.195   -5.022  1.00 67.63  ? 31  PHE A CE1 1 
ATOM   170  C  CE2 . PHE A 1 34  ? 15.293  2.768   -4.223  1.00 53.67  ? 31  PHE A CE2 1 
ATOM   171  C  CZ  . PHE A 1 34  ? 16.627  2.969   -3.962  1.00 54.99  ? 31  PHE A CZ  1 
ATOM   172  N  N   . LYS A 1 35  ? 14.904  5.627   -10.781 1.00 66.01  ? 32  LYS A N   1 
ATOM   173  C  CA  . LYS A 1 35  ? 14.329  5.796   -12.115 1.00 63.44  ? 32  LYS A CA  1 
ATOM   174  C  C   . LYS A 1 35  ? 14.792  4.710   -13.078 1.00 63.50  ? 32  LYS A C   1 
ATOM   175  O  O   . LYS A 1 35  ? 13.991  4.192   -13.867 1.00 60.76  ? 32  LYS A O   1 
ATOM   176  C  CB  . LYS A 1 35  ? 14.652  7.190   -12.664 1.00 64.59  ? 32  LYS A CB  1 
ATOM   177  C  CG  . LYS A 1 35  ? 14.596  8.284   -11.628 1.00 71.27  ? 32  LYS A CG  1 
ATOM   178  C  CD  . LYS A 1 35  ? 15.406  9.499   -12.006 1.00 69.50  ? 32  LYS A CD  1 
ATOM   179  C  CE  . LYS A 1 35  ? 14.615  10.730  -11.603 1.00 83.10  ? 32  LYS A CE  1 
ATOM   180  N  NZ  . LYS A 1 35  ? 14.991  11.946  -12.379 1.00 101.44 ? 32  LYS A NZ  1 
ATOM   181  N  N   . ALA A 1 36  ? 16.070  4.313   -12.997 1.00 62.07  ? 33  ALA A N   1 
ATOM   182  C  CA  . ALA A 1 36  ? 16.600  3.333   -13.945 1.00 55.20  ? 33  ALA A CA  1 
ATOM   183  C  C   . ALA A 1 36  ? 15.899  1.986   -13.843 1.00 57.39  ? 33  ALA A C   1 
ATOM   184  O  O   . ALA A 1 36  ? 15.779  1.283   -14.853 1.00 56.73  ? 33  ALA A O   1 
ATOM   185  C  CB  . ALA A 1 36  ? 18.101  3.151   -13.747 1.00 55.31  ? 33  ALA A CB  1 
ATOM   186  N  N   . PHE A 1 37  ? 15.402  1.618   -12.649 1.00 59.08  ? 34  PHE A N   1 
ATOM   187  C  CA  . PHE A 1 37  ? 14.824  0.293   -12.389 1.00 57.88  ? 34  PHE A CA  1 
ATOM   188  C  C   . PHE A 1 37  ? 13.306  0.406   -12.469 1.00 60.17  ? 34  PHE A C   1 
ATOM   189  O  O   . PHE A 1 37  ? 12.656  0.902   -11.544 1.00 61.67  ? 34  PHE A O   1 
ATOM   190  C  CB  . PHE A 1 37  ? 15.282  -0.250  -11.035 1.00 50.08  ? 34  PHE A CB  1 
ATOM   191  C  CG  . PHE A 1 37  ? 14.881  -1.687  -10.785 1.00 63.00  ? 34  PHE A CG  1 
ATOM   192  C  CD1 . PHE A 1 37  ? 15.394  -2.715  -11.569 1.00 49.58  ? 34  PHE A CD1 1 
ATOM   193  C  CD2 . PHE A 1 37  ? 13.973  -2.011  -9.762  1.00 59.75  ? 34  PHE A CD2 1 
ATOM   194  C  CE1 . PHE A 1 37  ? 15.014  -4.037  -11.338 1.00 58.60  ? 34  PHE A CE1 1 
ATOM   195  C  CE2 . PHE A 1 37  ? 13.598  -3.327  -9.531  1.00 50.58  ? 34  PHE A CE2 1 
ATOM   196  C  CZ  . PHE A 1 37  ? 14.114  -4.341  -10.319 1.00 55.34  ? 34  PHE A CZ  1 
ATOM   197  N  N   . LYS A 1 38  ? 12.739  -0.068  -13.574 1.00 60.29  ? 35  LYS A N   1 
ATOM   198  C  CA  . LYS A 1 38  ? 11.351  0.253   -13.891 1.00 60.35  ? 35  LYS A CA  1 
ATOM   199  C  C   . LYS A 1 38  ? 10.317  -0.483  -13.043 1.00 65.45  ? 35  LYS A C   1 
ATOM   200  O  O   . LYS A 1 38  ? 9.278   0.116   -12.734 1.00 63.57  ? 35  LYS A O   1 
ATOM   201  C  CB  . LYS A 1 38  ? 11.073  -0.003  -15.372 1.00 63.90  ? 35  LYS A CB  1 
ATOM   202  C  CG  . LYS A 1 38  ? 11.886  0.902   -16.306 1.00 66.60  ? 35  LYS A CG  1 
ATOM   203  C  CD  . LYS A 1 38  ? 12.008  2.310   -15.762 1.00 61.30  ? 35  LYS A CD  1 
ATOM   204  C  CE  . LYS A 1 38  ? 12.572  3.254   -16.809 1.00 60.36  ? 35  LYS A CE  1 
ATOM   205  N  NZ  . LYS A 1 38  ? 12.391  4.693   -16.408 1.00 78.16  ? 35  LYS A NZ  1 
ATOM   206  N  N   . PRO A 1 39  ? 10.520  -1.761  -12.664 1.00 64.76  ? 36  PRO A N   1 
ATOM   207  C  CA  . PRO A 1 39  ? 9.545   -2.403  -11.756 1.00 54.25  ? 36  PRO A CA  1 
ATOM   208  C  C   . PRO A 1 39  ? 9.273   -1.590  -10.507 1.00 56.64  ? 36  PRO A C   1 
ATOM   209  O  O   . PRO A 1 39  ? 8.158   -1.634  -9.970  1.00 57.51  ? 36  PRO A O   1 
ATOM   210  C  CB  . PRO A 1 39  ? 10.206  -3.746  -11.415 1.00 60.04  ? 36  PRO A CB  1 
ATOM   211  C  CG  . PRO A 1 39  ? 11.038  -4.061  -12.623 1.00 58.75  ? 36  PRO A CG  1 
ATOM   212  C  CD  . PRO A 1 39  ? 11.550  -2.722  -13.114 1.00 56.04  ? 36  PRO A CD  1 
ATOM   213  N  N   . LEU A 1 40  ? 10.255  -0.828  -10.034 1.00 56.42  ? 37  LEU A N   1 
ATOM   214  C  CA  . LEU A 1 40  ? 10.010  0.067   -8.914  1.00 56.01  ? 37  LEU A CA  1 
ATOM   215  C  C   . LEU A 1 40  ? 9.403   1.390   -9.381  1.00 63.55  ? 37  LEU A C   1 
ATOM   216  O  O   . LEU A 1 40  ? 8.258   1.708   -9.044  1.00 63.32  ? 37  LEU A O   1 
ATOM   217  C  CB  . LEU A 1 40  ? 11.310  0.307   -8.141  1.00 51.14  ? 37  LEU A CB  1 
ATOM   218  C  CG  . LEU A 1 40  ? 11.610  -0.695  -7.022  1.00 60.92  ? 37  LEU A CG  1 
ATOM   219  C  CD1 . LEU A 1 40  ? 12.847  -0.276  -6.250  1.00 58.56  ? 37  LEU A CD1 1 
ATOM   220  C  CD2 . LEU A 1 40  ? 10.414  -0.854  -6.068  1.00 59.94  ? 37  LEU A CD2 1 
ATOM   221  N  N   . SER A 1 41  ? 10.151  2.161   -10.182 1.00 63.94  ? 38  SER A N   1 
ATOM   222  C  CA  . SER A 1 41  ? 9.837   3.571   -10.413 1.00 59.39  ? 38  SER A CA  1 
ATOM   223  C  C   . SER A 1 41  ? 8.723   3.793   -11.428 1.00 58.16  ? 38  SER A C   1 
ATOM   224  O  O   . SER A 1 41  ? 8.156   4.892   -11.475 1.00 63.74  ? 38  SER A O   1 
ATOM   225  C  CB  . SER A 1 41  ? 11.087  4.318   -10.873 1.00 55.39  ? 38  SER A CB  1 
ATOM   226  O  OG  . SER A 1 41  ? 11.567  3.782   -12.102 1.00 62.49  ? 38  SER A OG  1 
ATOM   227  N  N   . LYS A 1 42  ? 8.401   2.795   -12.241 1.00 58.30  ? 39  LYS A N   1 
ATOM   228  C  CA  . LYS A 1 42  ? 7.256   2.916   -13.131 1.00 60.02  ? 39  LYS A CA  1 
ATOM   229  C  C   . LYS A 1 42  ? 6.114   2.062   -12.582 1.00 68.97  ? 39  LYS A C   1 
ATOM   230  O  O   . LYS A 1 42  ? 5.084   2.597   -12.154 1.00 73.37  ? 39  LYS A O   1 
ATOM   231  C  CB  . LYS A 1 42  ? 7.634   2.506   -14.559 1.00 59.91  ? 39  LYS A CB  1 
ATOM   232  C  CG  . LYS A 1 42  ? 6.874   3.217   -15.677 1.00 68.77  ? 39  LYS A CG  1 
ATOM   233  C  CD  . LYS A 1 42  ? 6.834   2.348   -16.947 1.00 70.95  ? 39  LYS A CD  1 
ATOM   234  C  CE  . LYS A 1 42  ? 6.597   0.882   -16.571 1.00 80.65  ? 39  LYS A CE  1 
ATOM   235  N  NZ  . LYS A 1 42  ? 6.191   -0.041  -17.685 1.00 92.91  ? 39  LYS A NZ  1 
ATOM   236  N  N   . ASP A 1 43  ? 6.310   0.740   -12.536 1.00 62.31  ? 40  ASP A N   1 
ATOM   237  C  CA  . ASP A 1 43  ? 5.206   -0.181  -12.264 1.00 68.38  ? 40  ASP A CA  1 
ATOM   238  C  C   . ASP A 1 43  ? 4.686   -0.045  -10.831 1.00 70.51  ? 40  ASP A C   1 
ATOM   239  O  O   . ASP A 1 43  ? 3.474   0.130   -10.604 1.00 73.76  ? 40  ASP A O   1 
ATOM   240  C  CB  . ASP A 1 43  ? 5.653   -1.611  -12.550 1.00 59.10  ? 40  ASP A CB  1 
ATOM   241  C  CG  . ASP A 1 43  ? 6.037   -1.810  -14.001 1.00 80.08  ? 40  ASP A CG  1 
ATOM   242  O  OD1 . ASP A 1 43  ? 5.253   -1.377  -14.872 1.00 88.52  ? 40  ASP A OD1 1 
ATOM   243  O  OD2 . ASP A 1 43  ? 7.129   -2.369  -14.280 1.00 88.32  ? 40  ASP A OD2 1 
ATOM   244  N  N   . LEU A 1 44  ? 5.585   -0.111  -9.849  1.00 63.88  ? 41  LEU A N   1 
ATOM   245  C  CA  . LEU A 1 44  ? 5.123   -0.078  -8.473  1.00 57.43  ? 41  LEU A CA  1 
ATOM   246  C  C   . LEU A 1 44  ? 4.610   1.308   -8.091  1.00 66.40  ? 41  LEU A C   1 
ATOM   247  O  O   . LEU A 1 44  ? 3.591   1.411   -7.397  1.00 68.93  ? 41  LEU A O   1 
ATOM   248  C  CB  . LEU A 1 44  ? 6.221   -0.547  -7.517  1.00 52.83  ? 41  LEU A CB  1 
ATOM   249  C  CG  . LEU A 1 44  ? 5.681   -0.821  -6.102  1.00 59.57  ? 41  LEU A CG  1 
ATOM   250  C  CD1 . LEU A 1 44  ? 4.738   -2.058  -5.985  1.00 53.38  ? 41  LEU A CD1 1 
ATOM   251  C  CD2 . LEU A 1 44  ? 6.778   -0.856  -5.050  1.00 46.07  ? 41  LEU A CD2 1 
ATOM   252  N  N   . VAL A 1 45  ? 5.262   2.392   -8.541  1.00 59.59  ? 42  VAL A N   1 
ATOM   253  C  CA  . VAL A 1 45  ? 4.723   3.685   -8.132  1.00 65.82  ? 42  VAL A CA  1 
ATOM   254  C  C   . VAL A 1 45  ? 3.425   3.978   -8.872  1.00 70.92  ? 42  VAL A C   1 
ATOM   255  O  O   . VAL A 1 45  ? 2.559   4.676   -8.340  1.00 70.49  ? 42  VAL A O   1 
ATOM   256  C  CB  . VAL A 1 45  ? 5.712   4.857   -8.290  1.00 59.81  ? 42  VAL A CB  1 
ATOM   257  C  CG1 . VAL A 1 45  ? 7.097   4.478   -7.819  1.00 56.67  ? 42  VAL A CG1 1 
ATOM   258  C  CG2 . VAL A 1 45  ? 5.681   5.409   -9.682  1.00 66.33  ? 42  VAL A CG2 1 
ATOM   259  N  N   . SER A 1 46  ? 3.224   3.422   -10.069 1.00 63.80  ? 43  SER A N   1 
ATOM   260  C  CA  . SER A 1 46  ? 1.929   3.623   -10.713 1.00 59.31  ? 43  SER A CA  1 
ATOM   261  C  C   . SER A 1 46  ? 0.824   2.947   -9.907  1.00 64.53  ? 43  SER A C   1 
ATOM   262  O  O   . SER A 1 46  ? -0.234  3.548   -9.647  1.00 70.01  ? 43  SER A O   1 
ATOM   263  C  CB  . SER A 1 46  ? 1.939   3.097   -12.143 1.00 60.45  ? 43  SER A CB  1 
ATOM   264  O  OG  . SER A 1 46  ? 1.358   1.806   -12.187 1.00 76.26  ? 43  SER A OG  1 
ATOM   265  N  N   . THR A 1 47  ? 1.050   1.692   -9.497  1.00 60.36  ? 44  THR A N   1 
ATOM   266  C  CA  . THR A 1 47  ? 0.051   1.036   -8.663  1.00 64.08  ? 44  THR A CA  1 
ATOM   267  C  C   . THR A 1 47  ? -0.165  1.784   -7.352  1.00 63.16  ? 44  THR A C   1 
ATOM   268  O  O   . THR A 1 47  ? -1.308  1.999   -6.933  1.00 62.25  ? 44  THR A O   1 
ATOM   269  C  CB  . THR A 1 47  ? 0.442   -0.409  -8.393  1.00 70.19  ? 44  THR A CB  1 
ATOM   270  O  OG1 . THR A 1 47  ? 0.118   -1.198  -9.542  1.00 73.08  ? 44  THR A OG1 1 
ATOM   271  C  CG2 . THR A 1 47  ? -0.317  -0.947  -7.186  1.00 68.78  ? 44  THR A CG2 1 
ATOM   272  N  N   . MET A 1 48  ? 0.919   2.222   -6.715  1.00 63.98  ? 45  MET A N   1 
ATOM   273  C  CA  . MET A 1 48  ? 0.797   2.921   -5.439  1.00 67.34  ? 45  MET A CA  1 
ATOM   274  C  C   . MET A 1 48  ? 0.110   4.278   -5.595  1.00 65.52  ? 45  MET A C   1 
ATOM   275  O  O   . MET A 1 48  ? -0.558  4.741   -4.668  1.00 67.60  ? 45  MET A O   1 
ATOM   276  C  CB  . MET A 1 48  ? 2.181   3.092   -4.800  1.00 65.02  ? 45  MET A CB  1 
ATOM   277  C  CG  . MET A 1 48  ? 2.766   1.792   -4.223  1.00 66.67  ? 45  MET A CG  1 
ATOM   278  S  SD  . MET A 1 48  ? 4.316   1.987   -3.278  1.00 65.03  ? 45  MET A SD  1 
ATOM   279  C  CE  . MET A 1 48  ? 5.475   2.574   -4.527  1.00 67.70  ? 45  MET A CE  1 
ATOM   280  N  N   . GLU A 1 49  ? 0.241   4.921   -6.750  1.00 70.47  ? 46  GLU A N   1 
ATOM   281  C  CA  . GLU A 1 49  ? -0.434  6.190   -6.953  1.00 64.58  ? 46  GLU A CA  1 
ATOM   282  C  C   . GLU A 1 49  ? -1.914  5.987   -7.235  1.00 63.37  ? 46  GLU A C   1 
ATOM   283  O  O   . GLU A 1 49  ? -2.722  6.864   -6.905  1.00 60.73  ? 46  GLU A O   1 
ATOM   284  C  CB  . GLU A 1 49  ? 0.263   6.976   -8.066  1.00 58.81  ? 46  GLU A CB  1 
ATOM   285  C  CG  . GLU A 1 49  ? 1.546   7.641   -7.554  1.00 68.21  ? 46  GLU A CG  1 
ATOM   286  C  CD  . GLU A 1 49  ? 2.319   8.425   -8.609  1.00 84.24  ? 46  GLU A CD  1 
ATOM   287  O  OE1 . GLU A 1 49  ? 2.427   7.959   -9.776  1.00 85.83  ? 46  GLU A OE1 1 
ATOM   288  O  OE2 . GLU A 1 49  ? 2.848   9.506   -8.249  1.00 82.34  ? 46  GLU A OE2 1 
ATOM   289  N  N   . ILE A 1 50  ? -2.279  4.842   -7.825  1.00 58.21  ? 47  ILE A N   1 
ATOM   290  C  CA  . ILE A 1 50  ? -3.691  4.449   -7.872  1.00 59.66  ? 47  ILE A CA  1 
ATOM   291  C  C   . ILE A 1 50  ? -4.234  4.241   -6.460  1.00 68.75  ? 47  ILE A C   1 
ATOM   292  O  O   . ILE A 1 50  ? -5.334  4.692   -6.116  1.00 65.78  ? 47  ILE A O   1 
ATOM   293  C  CB  . ILE A 1 50  ? -3.871  3.167   -8.700  1.00 63.12  ? 47  ILE A CB  1 
ATOM   294  C  CG1 . ILE A 1 50  ? -3.551  3.389   -10.171 1.00 58.18  ? 47  ILE A CG1 1 
ATOM   295  C  CG2 . ILE A 1 50  ? -5.278  2.593   -8.502  1.00 51.77  ? 47  ILE A CG2 1 
ATOM   296  C  CD1 . ILE A 1 50  ? -3.396  2.063   -10.918 1.00 59.19  ? 47  ILE A CD1 1 
ATOM   297  N  N   . LEU A 1 51  ? -3.486  3.504   -5.638  1.00 68.72  ? 48  LEU A N   1 
ATOM   298  C  CA  . LEU A 1 51  ? -3.958  3.175   -4.299  1.00 66.91  ? 48  LEU A CA  1 
ATOM   299  C  C   . LEU A 1 51  ? -3.975  4.386   -3.363  1.00 64.90  ? 48  LEU A C   1 
ATOM   300  O  O   . LEU A 1 51  ? -4.710  4.373   -2.371  1.00 59.76  ? 48  LEU A O   1 
ATOM   301  C  CB  . LEU A 1 51  ? -3.089  2.054   -3.724  1.00 61.14  ? 48  LEU A CB  1 
ATOM   302  C  CG  . LEU A 1 51  ? -3.122  1.756   -2.224  1.00 67.47  ? 48  LEU A CG  1 
ATOM   303  C  CD1 . LEU A 1 51  ? -4.334  0.883   -1.880  1.00 62.96  ? 48  LEU A CD1 1 
ATOM   304  C  CD2 . LEU A 1 51  ? -1.817  1.100   -1.767  1.00 65.89  ? 48  LEU A CD2 1 
ATOM   305  N  N   . PHE A 1 52  ? -3.199  5.429   -3.667  1.00 62.45  ? 49  PHE A N   1 
ATOM   306  C  CA  . PHE A 1 52  ? -3.018  6.541   -2.734  1.00 67.58  ? 49  PHE A CA  1 
ATOM   307  C  C   . PHE A 1 52  ? -4.301  7.298   -2.376  1.00 68.81  ? 49  PHE A C   1 
ATOM   308  O  O   . PHE A 1 52  ? -4.486  7.627   -1.190  1.00 65.15  ? 49  PHE A O   1 
ATOM   309  C  CB  . PHE A 1 52  ? -1.959  7.495   -3.301  1.00 59.59  ? 49  PHE A CB  1 
ATOM   310  C  CG  . PHE A 1 52  ? -1.629  8.612   -2.384  1.00 61.93  ? 49  PHE A CG  1 
ATOM   311  C  CD1 . PHE A 1 52  ? -0.837  8.393   -1.274  1.00 60.71  ? 49  PHE A CD1 1 
ATOM   312  C  CD2 . PHE A 1 52  ? -2.143  9.879   -2.602  1.00 65.65  ? 49  PHE A CD2 1 
ATOM   313  C  CE1 . PHE A 1 52  ? -0.539  9.426   -0.397  1.00 66.12  ? 49  PHE A CE1 1 
ATOM   314  C  CE2 . PHE A 1 52  ? -1.846  10.921  -1.732  1.00 64.27  ? 49  PHE A CE2 1 
ATOM   315  C  CZ  . PHE A 1 52  ? -1.042  10.693  -0.626  1.00 63.52  ? 49  PHE A CZ  1 
ATOM   316  N  N   . PRO A 1 53  ? -5.189  7.643   -3.312  1.00 61.84  ? 50  PRO A N   1 
ATOM   317  C  CA  . PRO A 1 53  ? -6.414  8.339   -2.894  1.00 71.25  ? 50  PRO A CA  1 
ATOM   318  C  C   . PRO A 1 53  ? -7.308  7.468   -2.027  1.00 71.18  ? 50  PRO A C   1 
ATOM   319  O  O   . PRO A 1 53  ? -8.006  7.973   -1.134  1.00 71.81  ? 50  PRO A O   1 
ATOM   320  C  CB  . PRO A 1 53  ? -7.090  8.690   -4.228  1.00 66.38  ? 50  PRO A CB  1 
ATOM   321  C  CG  . PRO A 1 53  ? -6.033  8.547   -5.242  1.00 70.34  ? 50  PRO A CG  1 
ATOM   322  C  CD  . PRO A 1 53  ? -5.172  7.438   -4.763  1.00 62.33  ? 50  PRO A CD  1 
ATOM   323  N  N   . LEU A 1 54  ? -7.309  6.161   -2.274  1.00 67.05  ? 51  LEU A N   1 
ATOM   324  C  CA  . LEU A 1 54  ? -8.075  5.253   -1.432  1.00 66.74  ? 51  LEU A CA  1 
ATOM   325  C  C   . LEU A 1 54  ? -7.551  5.263   -0.002  1.00 67.59  ? 51  LEU A C   1 
ATOM   326  O  O   . LEU A 1 54  ? -8.332  5.201   0.957   1.00 73.30  ? 51  LEU A O   1 
ATOM   327  C  CB  . LEU A 1 54  ? -8.033  3.855   -2.032  1.00 63.78  ? 51  LEU A CB  1 
ATOM   328  C  CG  . LEU A 1 54  ? -8.862  2.783   -1.366  1.00 70.88  ? 51  LEU A CG  1 
ATOM   329  C  CD1 . LEU A 1 54  ? -9.747  2.159   -2.419  1.00 79.68  ? 51  LEU A CD1 1 
ATOM   330  C  CD2 . LEU A 1 54  ? -7.916  1.754   -0.798  1.00 69.96  ? 51  LEU A CD2 1 
ATOM   331  N  N   . THR A 1 55  ? -6.229  5.384   0.163   1.00 69.14  ? 52  THR A N   1 
ATOM   332  C  CA  . THR A 1 55  ? -5.665  5.562   1.497   1.00 70.14  ? 52  THR A CA  1 
ATOM   333  C  C   . THR A 1 55  ? -6.070  6.899   2.075   1.00 66.96  ? 52  THR A C   1 
ATOM   334  O  O   . THR A 1 55  ? -6.312  7.009   3.276   1.00 78.28  ? 52  THR A O   1 
ATOM   335  C  CB  . THR A 1 55  ? -4.138  5.461   1.485   1.00 63.55  ? 52  THR A CB  1 
ATOM   336  O  OG1 . THR A 1 55  ? -3.611  6.302   0.453   1.00 66.66  ? 52  THR A OG1 1 
ATOM   337  C  CG2 . THR A 1 55  ? -3.694  4.024   1.271   1.00 64.58  ? 52  THR A CG2 1 
ATOM   338  N  N   . GLN A 1 56  ? -6.147  7.934   1.249   1.00 71.55  ? 53  GLN A N   1 
ATOM   339  C  CA  . GLN A 1 56  ? -6.560  9.223   1.790   1.00 71.99  ? 53  GLN A CA  1 
ATOM   340  C  C   . GLN A 1 56  ? -7.967  9.144   2.372   1.00 74.65  ? 53  GLN A C   1 
ATOM   341  O  O   . GLN A 1 56  ? -8.217  9.602   3.495   1.00 72.40  ? 53  GLN A O   1 
ATOM   342  C  CB  . GLN A 1 56  ? -6.477  10.295  0.716   1.00 69.65  ? 53  GLN A CB  1 
ATOM   343  C  CG  . GLN A 1 56  ? -5.083  10.488  0.204   1.00 73.24  ? 53  GLN A CG  1 
ATOM   344  C  CD  . GLN A 1 56  ? -4.999  11.657  -0.727  1.00 73.70  ? 53  GLN A CD  1 
ATOM   345  O  OE1 . GLN A 1 56  ? -5.421  11.578  -1.886  1.00 79.96  ? 53  GLN A OE1 1 
ATOM   346  N  NE2 . GLN A 1 56  ? -4.449  12.763  -0.234  1.00 71.30  ? 53  GLN A NE2 1 
ATOM   347  N  N   . LYS A 1 57  ? -8.901  8.550   1.627   1.00 70.79  ? 54  LYS A N   1 
ATOM   348  C  CA  . LYS A 1 57  ? -10.271 8.543   2.119   1.00 79.47  ? 54  LYS A CA  1 
ATOM   349  C  C   . LYS A 1 57  ? -10.489 7.504   3.214   1.00 79.90  ? 54  LYS A C   1 
ATOM   350  O  O   . LYS A 1 57  ? -11.414 7.669   4.012   1.00 79.22  ? 54  LYS A O   1 
ATOM   351  C  CB  . LYS A 1 57  ? -11.277 8.366   0.972   1.00 80.12  ? 54  LYS A CB  1 
ATOM   352  C  CG  . LYS A 1 57  ? -11.450 6.979   0.419   1.00 78.88  ? 54  LYS A CG  1 
ATOM   353  C  CD  . LYS A 1 57  ? -12.405 7.009   -0.782  1.00 91.16  ? 54  LYS A CD  1 
ATOM   354  C  CE  . LYS A 1 57  ? -11.776 7.642   -2.036  1.00 87.48  ? 54  LYS A CE  1 
ATOM   355  N  NZ  . LYS A 1 57  ? -12.751 7.752   -3.179  1.00 91.44  ? 54  LYS A NZ  1 
ATOM   356  N  N   . ILE A 1 58  ? -9.645  6.468   3.301   1.00 76.28  ? 55  ILE A N   1 
ATOM   357  C  CA  . ILE A 1 58  ? -9.667  5.606   4.485   1.00 71.94  ? 55  ILE A CA  1 
ATOM   358  C  C   . ILE A 1 58  ? -9.218  6.374   5.724   1.00 75.54  ? 55  ILE A C   1 
ATOM   359  O  O   . ILE A 1 58  ? -9.819  6.245   6.799   1.00 83.27  ? 55  ILE A O   1 
ATOM   360  C  CB  . ILE A 1 58  ? -8.803  4.351   4.266   1.00 70.85  ? 55  ILE A CB  1 
ATOM   361  C  CG1 . ILE A 1 58  ? -9.533  3.328   3.395   1.00 64.96  ? 55  ILE A CG1 1 
ATOM   362  C  CG2 . ILE A 1 58  ? -8.400  3.719   5.605   1.00 70.24  ? 55  ILE A CG2 1 
ATOM   363  C  CD1 . ILE A 1 58  ? -8.723  2.104   3.151   1.00 66.17  ? 55  ILE A CD1 1 
ATOM   364  N  N   . ASP A 1 59  ? -8.158  7.180   5.605   1.00 76.08  ? 56  ASP A N   1 
ATOM   365  C  CA  . ASP A 1 59  ? -7.733  7.989   6.748   1.00 83.91  ? 56  ASP A CA  1 
ATOM   366  C  C   . ASP A 1 59  ? -8.751  9.058   7.118   1.00 84.16  ? 56  ASP A C   1 
ATOM   367  O  O   . ASP A 1 59  ? -8.831  9.451   8.284   1.00 85.91  ? 56  ASP A O   1 
ATOM   368  C  CB  . ASP A 1 59  ? -6.379  8.648   6.484   1.00 83.98  ? 56  ASP A CB  1 
ATOM   369  C  CG  . ASP A 1 59  ? -5.234  7.646   6.397   1.00 95.75  ? 56  ASP A CG  1 
ATOM   370  O  OD1 . ASP A 1 59  ? -5.268  6.705   5.574   1.00 93.59  ? 56  ASP A OD1 1 
ATOM   371  O  OD2 . ASP A 1 59  ? -4.257  7.810   7.159   1.00 98.24  ? 56  ASP A OD2 1 
ATOM   372  N  N   . SER A 1 60  ? -9.481  9.596   6.141   1.00 79.70  ? 57  SER A N   1 
ATOM   373  C  CA  . SER A 1 60  ? -10.499 10.584  6.472   1.00 79.50  ? 57  SER A CA  1 
ATOM   374  C  C   . SER A 1 60  ? -11.630 9.951   7.262   1.00 84.41  ? 57  SER A C   1 
ATOM   375  O  O   . SER A 1 60  ? -12.284 10.634  8.048   1.00 87.90  ? 57  SER A O   1 
ATOM   376  C  CB  . SER A 1 60  ? -11.034 11.244  5.203   1.00 76.37  ? 57  SER A CB  1 
ATOM   377  O  OG  . SER A 1 60  ? -11.792 10.325  4.452   1.00 74.05  ? 57  SER A OG  1 
ATOM   378  N  N   . MET A 1 61  ? -11.855 8.648   7.088   1.00 77.01  ? 58  MET A N   1 
ATOM   379  C  CA  . MET A 1 61  ? -12.911 7.924   7.779   1.00 71.23  ? 58  MET A CA  1 
ATOM   380  C  C   . MET A 1 61  ? -12.439 7.276   9.065   1.00 74.28  ? 58  MET A C   1 
ATOM   381  O  O   . MET A 1 61  ? -12.917 6.190   9.408   1.00 79.09  ? 58  MET A O   1 
ATOM   382  C  CB  . MET A 1 61  ? -13.503 6.860   6.865   1.00 69.01  ? 58  MET A CB  1 
ATOM   383  C  CG  . MET A 1 61  ? -14.075 7.377   5.574   1.00 68.60  ? 58  MET A CG  1 
ATOM   384  S  SD  . MET A 1 61  ? -14.606 5.983   4.554   1.00 80.74  ? 58  MET A SD  1 
ATOM   385  C  CE  . MET A 1 61  ? -15.568 5.032   5.729   1.00 83.56  ? 58  MET A CE  1 
ATOM   386  N  N   . GLN A 1 62  ? -11.535 7.916   9.804   1.00 79.45  ? 59  GLN A N   1 
ATOM   387  C  CA  . GLN A 1 62  ? -10.944 7.253   10.963  1.00 86.28  ? 59  GLN A CA  1 
ATOM   388  C  C   . GLN A 1 62  ? -11.962 6.981   12.065  1.00 89.99  ? 59  GLN A C   1 
ATOM   389  O  O   . GLN A 1 62  ? -11.741 6.084   12.889  1.00 85.97  ? 59  GLN A O   1 
ATOM   390  C  CB  . GLN A 1 62  ? -9.787  8.091   11.505  1.00 94.12  ? 59  GLN A CB  1 
ATOM   391  C  CG  . GLN A 1 62  ? -8.725  7.289   12.256  1.00 94.98  ? 59  GLN A CG  1 
ATOM   392  C  CD  . GLN A 1 62  ? -7.461  8.100   12.526  1.00 100.62 ? 59  GLN A CD  1 
ATOM   393  O  OE1 . GLN A 1 62  ? -7.100  9.001   11.753  1.00 92.88  ? 59  GLN A OE1 1 
ATOM   394  N  NE2 . GLN A 1 62  ? -6.780  7.780   13.626  1.00 103.49 ? 59  GLN A NE2 1 
ATOM   395  N  N   . LYS A 1 63  ? -13.071 7.725   12.090  1.00 91.34  ? 60  LYS A N   1 
ATOM   396  C  CA  . LYS A 1 63  ? -14.124 7.477   13.073  1.00 94.64  ? 60  LYS A CA  1 
ATOM   397  C  C   . LYS A 1 63  ? -14.989 6.276   12.685  1.00 89.56  ? 60  LYS A C   1 
ATOM   398  O  O   . LYS A 1 63  ? -15.160 5.339   13.474  1.00 90.53  ? 60  LYS A O   1 
ATOM   399  C  CB  . LYS A 1 63  ? -14.987 8.734   13.245  1.00 92.32  ? 60  LYS A CB  1 
ATOM   400  C  CG  . LYS A 1 63  ? -16.074 8.576   14.312  1.00 113.31 ? 60  LYS A CG  1 
ATOM   401  C  CD  . LYS A 1 63  ? -15.944 9.616   15.423  1.00 115.32 ? 60  LYS A CD  1 
ATOM   402  C  CE  . LYS A 1 63  ? -17.140 9.574   16.363  1.00 106.01 ? 60  LYS A CE  1 
ATOM   403  N  NZ  . LYS A 1 63  ? -18.389 10.024  15.694  1.00 111.33 ? 60  LYS A NZ  1 
ATOM   404  N  N   . GLU A 1 64  ? -15.541 6.293   11.467  1.00 84.38  ? 61  GLU A N   1 
ATOM   405  C  CA  . GLU A 1 64  ? -16.448 5.248   11.002  1.00 86.30  ? 61  GLU A CA  1 
ATOM   406  C  C   . GLU A 1 64  ? -15.785 3.885   10.885  1.00 84.86  ? 61  GLU A C   1 
ATOM   407  O  O   . GLU A 1 64  ? -16.481 2.865   10.953  1.00 79.90  ? 61  GLU A O   1 
ATOM   408  C  CB  . GLU A 1 64  ? -17.040 5.631   9.646   1.00 86.48  ? 61  GLU A CB  1 
ATOM   409  C  CG  . GLU A 1 64  ? -17.855 6.908   9.674   1.00 91.09  ? 61  GLU A CG  1 
ATOM   410  C  CD  . GLU A 1 64  ? -17.010 8.150   9.429   1.00 104.04 ? 61  GLU A CD  1 
ATOM   411  O  OE1 . GLU A 1 64  ? -15.959 8.294   10.094  1.00 102.28 ? 61  GLU A OE1 1 
ATOM   412  O  OE2 . GLU A 1 64  ? -17.397 8.989   8.579   1.00 111.18 ? 61  GLU A OE2 1 
ATOM   413  N  N   . LEU A 1 65  ? -14.474 3.838   10.680  1.00 82.66  ? 62  LEU A N   1 
ATOM   414  C  CA  . LEU A 1 65  ? -13.742 2.584   10.617  1.00 80.31  ? 62  LEU A CA  1 
ATOM   415  C  C   . LEU A 1 65  ? -12.876 2.439   11.856  1.00 77.77  ? 62  LEU A C   1 
ATOM   416  O  O   . LEU A 1 65  ? -12.496 3.427   12.489  1.00 86.94  ? 62  LEU A O   1 
ATOM   417  C  CB  . LEU A 1 65  ? -12.854 2.507   9.369   1.00 74.70  ? 62  LEU A CB  1 
ATOM   418  C  CG  . LEU A 1 65  ? -13.453 2.844   8.004   1.00 72.39  ? 62  LEU A CG  1 
ATOM   419  C  CD1 . LEU A 1 65  ? -12.380 3.350   7.061   1.00 70.84  ? 62  LEU A CD1 1 
ATOM   420  C  CD2 . LEU A 1 65  ? -14.143 1.632   7.410   1.00 74.35  ? 62  LEU A CD2 1 
ATOM   421  N  N   . ASP A 1 66  ? -12.576 1.200   12.206  1.00 69.04  ? 63  ASP A N   1 
ATOM   422  C  CA  . ASP A 1 66  ? -11.467 0.911   13.098  1.00 85.48  ? 63  ASP A CA  1 
ATOM   423  C  C   . ASP A 1 66  ? -10.403 0.187   12.287  1.00 92.53  ? 63  ASP A C   1 
ATOM   424  O  O   . ASP A 1 66  ? -10.698 -0.779  11.564  1.00 89.22  ? 63  ASP A O   1 
ATOM   425  C  CB  . ASP A 1 66  ? -11.893 0.074   14.306  1.00 91.35  ? 63  ASP A CB  1 
ATOM   426  C  CG  . ASP A 1 66  ? -11.923 -1.409  14.004  1.00 96.30  ? 63  ASP A CG  1 
ATOM   427  O  OD1 . ASP A 1 66  ? -11.152 -2.184  14.618  1.00 96.29  ? 63  ASP A OD1 1 
ATOM   428  O  OD2 . ASP A 1 66  ? -12.724 -1.796  13.132  1.00 105.70 ? 63  ASP A OD2 1 
ATOM   429  N  N   . PHE A 1 67  ? -9.181  0.660   12.392  1.00 88.63  ? 64  PHE A N   1 
ATOM   430  C  CA  . PHE A 1 67  ? -8.152  0.086   11.552  1.00 86.72  ? 64  PHE A CA  1 
ATOM   431  C  C   . PHE A 1 67  ? -7.715  -1.331  12.004  1.00 85.48  ? 64  PHE A C   1 
ATOM   432  O  O   . PHE A 1 67  ? -6.764  -1.887  11.436  1.00 89.13  ? 64  PHE A O   1 
ATOM   433  C  CB  . PHE A 1 67  ? -6.971  1.054   11.501  1.00 85.84  ? 64  PHE A CB  1 
ATOM   434  C  CG  . PHE A 1 67  ? -7.333  2.416   10.959  1.00 80.02  ? 64  PHE A CG  1 
ATOM   435  C  CD1 . PHE A 1 67  ? -8.420  2.572   10.115  1.00 80.43  ? 64  PHE A CD1 1 
ATOM   436  C  CD2 . PHE A 1 67  ? -6.582  3.531   11.278  1.00 82.65  ? 64  PHE A CD2 1 
ATOM   437  C  CE1 . PHE A 1 67  ? -8.759  3.817   9.605   1.00 86.88  ? 64  PHE A CE1 1 
ATOM   438  C  CE2 . PHE A 1 67  ? -6.910  4.773   10.763  1.00 90.23  ? 64  PHE A CE2 1 
ATOM   439  C  CZ  . PHE A 1 67  ? -8.005  4.915   9.928   1.00 87.56  ? 64  PHE A CZ  1 
ATOM   440  N  N   . GLY A 1 68  ? -8.388  -1.962  12.970  1.00 83.99  ? 65  GLY A N   1 
ATOM   441  C  CA  . GLY A 1 68  ? -7.972  -3.279  13.409  1.00 76.01  ? 65  GLY A CA  1 
ATOM   442  C  C   . GLY A 1 68  ? -8.485  -4.418  12.560  1.00 76.49  ? 65  GLY A C   1 
ATOM   443  O  O   . GLY A 1 68  ? -7.909  -5.508  12.598  1.00 76.60  ? 65  GLY A O   1 
ATOM   444  N  N   . VAL A 1 69  ? -9.557  -4.203  11.797  1.00 83.33  ? 66  VAL A N   1 
ATOM   445  C  CA  . VAL A 1 69  ? -10.133 -5.312  11.040  1.00 78.24  ? 66  VAL A CA  1 
ATOM   446  C  C   . VAL A 1 69  ? -9.114  -5.889  10.057  1.00 71.66  ? 66  VAL A C   1 
ATOM   447  O  O   . VAL A 1 69  ? -8.122  -5.243  9.693   1.00 72.85  ? 66  VAL A O   1 
ATOM   448  C  CB  . VAL A 1 69  ? -11.414 -4.863  10.321  1.00 75.31  ? 66  VAL A CB  1 
ATOM   449  C  CG1 . VAL A 1 69  ? -12.346 -4.239  11.320  1.00 69.52  ? 66  VAL A CG1 1 
ATOM   450  C  CG2 . VAL A 1 69  ? -11.082 -3.867  9.206   1.00 72.11  ? 66  VAL A CG2 1 
ATOM   451  N  N   . LYS A 1 70  ? -9.379  -7.124  9.616   1.00 72.12  ? 67  LYS A N   1 
ATOM   452  C  CA  . LYS A 1 70  ? -8.378  -7.894  8.879   1.00 71.81  ? 67  LYS A CA  1 
ATOM   453  C  C   . LYS A 1 70  ? -8.022  -7.243  7.546   1.00 78.17  ? 67  LYS A C   1 
ATOM   454  O  O   . LYS A 1 70  ? -6.871  -7.335  7.098   1.00 79.65  ? 67  LYS A O   1 
ATOM   455  C  CB  . LYS A 1 70  ? -8.863  -9.334  8.672   1.00 64.06  ? 67  LYS A CB  1 
ATOM   456  C  CG  . LYS A 1 70  ? -9.719  -9.579  7.433   1.00 77.63  ? 67  LYS A CG  1 
ATOM   457  C  CD  . LYS A 1 70  ? -9.507  -10.998 6.880   1.00 89.09  ? 67  LYS A CD  1 
ATOM   458  C  CE  . LYS A 1 70  ? -10.477 -11.326 5.731   1.00 103.60 ? 67  LYS A CE  1 
ATOM   459  N  NZ  . LYS A 1 70  ? -10.510 -10.286 4.638   1.00 97.06  ? 67  LYS A NZ  1 
ATOM   460  N  N   . GLU A 1 71  ? -8.973  -6.557  6.914   1.00 77.87  ? 68  GLU A N   1 
ATOM   461  C  CA  . GLU A 1 71  ? -8.664  -5.880  5.662   1.00 76.29  ? 68  GLU A CA  1 
ATOM   462  C  C   . GLU A 1 71  ? -7.679  -4.737  5.887   1.00 75.50  ? 68  GLU A C   1 
ATOM   463  O  O   . GLU A 1 71  ? -6.689  -4.620  5.161   1.00 78.15  ? 68  GLU A O   1 
ATOM   464  C  CB  . GLU A 1 71  ? -9.951  -5.385  5.004   1.00 75.43  ? 68  GLU A CB  1 
ATOM   465  C  CG  . GLU A 1 71  ? -10.960 -6.502  4.700   1.00 85.88  ? 68  GLU A CG  1 
ATOM   466  C  CD  . GLU A 1 71  ? -12.029 -6.676  5.797   1.00 90.09  ? 68  GLU A CD  1 
ATOM   467  O  OE1 . GLU A 1 71  ? -11.755 -6.353  6.979   1.00 76.45  ? 68  GLU A OE1 1 
ATOM   468  O  OE2 . GLU A 1 71  ? -13.150 -7.141  5.470   1.00 87.52  ? 68  GLU A OE2 1 
ATOM   469  N  N   . LEU A 1 72  ? -7.897  -3.915  6.916   1.00 72.21  ? 69  LEU A N   1 
ATOM   470  C  CA  . LEU A 1 72  ? -6.998  -2.782  7.139   1.00 75.32  ? 69  LEU A CA  1 
ATOM   471  C  C   . LEU A 1 72  ? -5.664  -3.216  7.752   1.00 76.27  ? 69  LEU A C   1 
ATOM   472  O  O   . LEU A 1 72  ? -4.624  -2.582  7.511   1.00 77.17  ? 69  LEU A O   1 
ATOM   473  C  CB  . LEU A 1 72  ? -7.706  -1.737  8.003   1.00 67.24  ? 69  LEU A CB  1 
ATOM   474  C  CG  . LEU A 1 72  ? -8.963  -1.235  7.275   1.00 69.93  ? 69  LEU A CG  1 
ATOM   475  C  CD1 . LEU A 1 72  ? -9.585  -0.001  7.932   1.00 72.82  ? 69  LEU A CD1 1 
ATOM   476  C  CD2 . LEU A 1 72  ? -8.649  -0.944  5.803   1.00 67.61  ? 69  LEU A CD2 1 
ATOM   477  N  N   . LYS A 1 73  ? -5.660  -4.310  8.511   1.00 77.09  ? 70  LYS A N   1 
ATOM   478  C  CA  . LYS A 1 73  ? -4.394  -4.854  8.970   1.00 79.19  ? 70  LYS A CA  1 
ATOM   479  C  C   . LYS A 1 73  ? -3.586  -5.403  7.796   1.00 76.01  ? 70  LYS A C   1 
ATOM   480  O  O   . LYS A 1 73  ? -2.357  -5.251  7.762   1.00 75.94  ? 70  LYS A O   1 
ATOM   481  C  CB  . LYS A 1 73  ? -4.649  -5.914  10.049  1.00 73.43  ? 70  LYS A CB  1 
ATOM   482  C  CG  . LYS A 1 73  ? -3.486  -6.099  11.022  1.00 90.11  ? 70  LYS A CG  1 
ATOM   483  C  CD  . LYS A 1 73  ? -3.459  -5.000  12.100  1.00 93.59  ? 70  LYS A CD  1 
ATOM   484  C  CE  . LYS A 1 73  ? -2.048  -4.862  12.706  1.00 107.91 ? 70  LYS A CE  1 
ATOM   485  N  NZ  . LYS A 1 73  ? -1.186  -3.838  12.014  1.00 92.08  ? 70  LYS A NZ  1 
ATOM   486  N  N   . GLU A 1 74  ? -4.254  -5.978  6.789   1.00 70.14  ? 71  GLU A N   1 
ATOM   487  C  CA  . GLU A 1 74  ? -3.510  -6.429  5.618   1.00 72.89  ? 71  GLU A CA  1 
ATOM   488  C  C   . GLU A 1 74  ? -3.093  -5.265  4.721   1.00 75.50  ? 71  GLU A C   1 
ATOM   489  O  O   . GLU A 1 74  ? -2.084  -5.367  4.019   1.00 77.29  ? 71  GLU A O   1 
ATOM   490  C  CB  . GLU A 1 74  ? -4.322  -7.454  4.824   1.00 77.00  ? 71  GLU A CB  1 
ATOM   491  C  CG  . GLU A 1 74  ? -5.220  -6.849  3.752   1.00 91.81  ? 71  GLU A CG  1 
ATOM   492  C  CD  . GLU A 1 74  ? -5.786  -7.890  2.794   1.00 107.58 ? 71  GLU A CD  1 
ATOM   493  O  OE1 . GLU A 1 74  ? -5.663  -9.106  3.104   1.00 103.22 ? 71  GLU A OE1 1 
ATOM   494  O  OE2 . GLU A 1 74  ? -6.358  -7.482  1.745   1.00 109.12 ? 71  GLU A OE2 1 
ATOM   495  N  N   . LEU A 1 75  ? -3.836  -4.157  4.726   1.00 73.14  ? 72  LEU A N   1 
ATOM   496  C  CA  . LEU A 1 75  ? -3.360  -2.958  4.042   1.00 68.71  ? 72  LEU A CA  1 
ATOM   497  C  C   . LEU A 1 75  ? -2.065  -2.466  4.673   1.00 72.08  ? 72  LEU A C   1 
ATOM   498  O  O   . LEU A 1 75  ? -1.087  -2.162  3.967   1.00 68.43  ? 72  LEU A O   1 
ATOM   499  C  CB  . LEU A 1 75  ? -4.418  -1.857  4.089   1.00 69.48  ? 72  LEU A CB  1 
ATOM   500  C  CG  . LEU A 1 75  ? -4.012  -0.544  3.413   1.00 68.99  ? 72  LEU A CG  1 
ATOM   501  C  CD1 . LEU A 1 75  ? -3.723  -0.781  1.933   1.00 64.37  ? 72  LEU A CD1 1 
ATOM   502  C  CD2 . LEU A 1 75  ? -5.061  0.570   3.601   1.00 63.88  ? 72  LEU A CD2 1 
ATOM   503  N  N   . ARG A 1 76  ? -2.060  -2.356  6.009   1.00 67.42  ? 73  ARG A N   1 
ATOM   504  C  CA  . ARG A 1 76  ? -0.837  -2.067  6.754   1.00 67.78  ? 73  ARG A CA  1 
ATOM   505  C  C   . ARG A 1 76  ? 0.311   -2.969  6.292   1.00 74.66  ? 73  ARG A C   1 
ATOM   506  O  O   . ARG A 1 76  ? 1.396   -2.490  5.927   1.00 66.80  ? 73  ARG A O   1 
ATOM   507  C  CB  . ARG A 1 76  ? -1.113  -2.245  8.249   1.00 66.02  ? 73  ARG A CB  1 
ATOM   508  C  CG  . ARG A 1 76  ? 0.035   -1.931  9.191   1.00 74.64  ? 73  ARG A CG  1 
ATOM   509  C  CD  . ARG A 1 76  ? 0.022   -0.456  9.575   1.00 85.10  ? 73  ARG A CD  1 
ATOM   510  N  NE  . ARG A 1 76  ? -0.525  -0.163  10.908  1.00 96.80  ? 73  ARG A NE  1 
ATOM   511  C  CZ  . ARG A 1 76  ? -0.844  1.065   11.326  1.00 90.07  ? 73  ARG A CZ  1 
ATOM   512  N  NH1 . ARG A 1 76  ? -0.665  2.094   10.514  1.00 92.21  ? 73  ARG A NH1 1 
ATOM   513  N  NH2 . ARG A 1 76  ? -1.323  1.277   12.548  1.00 92.65  ? 73  ARG A NH2 1 
ATOM   514  N  N   . ASP A 1 77  ? 0.060   -4.280  6.246   1.00 68.25  ? 74  ASP A N   1 
ATOM   515  C  CA  . ASP A 1 77  ? 1.136   -5.237  6.007   1.00 70.85  ? 74  ASP A CA  1 
ATOM   516  C  C   . ASP A 1 77  ? 1.628   -5.210  4.562   1.00 71.81  ? 74  ASP A C   1 
ATOM   517  O  O   . ASP A 1 77  ? 2.819   -5.466  4.304   1.00 64.04  ? 74  ASP A O   1 
ATOM   518  C  CB  . ASP A 1 77  ? 0.661   -6.637  6.388   1.00 73.35  ? 74  ASP A CB  1 
ATOM   519  C  CG  . ASP A 1 77  ? 0.535   -6.817  7.911   1.00 97.52  ? 74  ASP A CG  1 
ATOM   520  O  OD1 . ASP A 1 77  ? 0.106   -7.916  8.355   1.00 107.92 ? 74  ASP A OD1 1 
ATOM   521  O  OD2 . ASP A 1 77  ? 0.840   -5.850  8.665   1.00 97.45  ? 74  ASP A OD2 1 
ATOM   522  N  N   . THR A 1 78  ? 0.746   -4.888  3.607   1.00 60.90  ? 75  THR A N   1 
ATOM   523  C  CA  . THR A 1 78  ? 1.188   -4.808  2.221   1.00 64.94  ? 75  THR A CA  1 
ATOM   524  C  C   . THR A 1 78  ? 2.003   -3.544  1.980   1.00 59.65  ? 75  THR A C   1 
ATOM   525  O  O   . THR A 1 78  ? 3.064   -3.596  1.331   1.00 60.76  ? 75  THR A O   1 
ATOM   526  C  CB  . THR A 1 78  ? -0.008  -4.889  1.276   1.00 57.78  ? 75  THR A CB  1 
ATOM   527  O  OG1 . THR A 1 78  ? -1.061  -4.082  1.791   1.00 86.27  ? 75  THR A OG1 1 
ATOM   528  C  CG2 . THR A 1 78  ? -0.561  -6.303  1.271   1.00 53.25  ? 75  THR A CG2 1 
ATOM   529  N  N   . ILE A 1 79  ? 1.552   -2.411  2.532   1.00 65.32  ? 76  ILE A N   1 
ATOM   530  C  CA  . ILE A 1 79  ? 2.344   -1.189  2.415   1.00 62.79  ? 76  ILE A CA  1 
ATOM   531  C  C   . ILE A 1 79  ? 3.687   -1.360  3.117   1.00 65.16  ? 76  ILE A C   1 
ATOM   532  O  O   . ILE A 1 79  ? 4.710   -0.829  2.664   1.00 60.47  ? 76  ILE A O   1 
ATOM   533  C  CB  . ILE A 1 79  ? 1.551   0.006   2.968   1.00 59.23  ? 76  ILE A CB  1 
ATOM   534  C  CG1 . ILE A 1 79  ? 0.307   0.251   2.118   1.00 63.05  ? 76  ILE A CG1 1 
ATOM   535  C  CG2 . ILE A 1 79  ? 2.393   1.257   2.972   1.00 55.27  ? 76  ILE A CG2 1 
ATOM   536  C  CD1 . ILE A 1 79  ? -0.701  1.248   2.738   1.00 65.45  ? 76  ILE A CD1 1 
ATOM   537  N  N   . GLU A 1 80  ? 3.730   -2.152  4.198   1.00 68.16  ? 77  GLU A N   1 
ATOM   538  C  CA  . GLU A 1 80  ? 5.001   -2.360  4.886   1.00 62.19  ? 77  GLU A CA  1 
ATOM   539  C  C   . GLU A 1 80  ? 5.920   -3.307  4.124   1.00 61.80  ? 77  GLU A C   1 
ATOM   540  O  O   . GLU A 1 80  ? 7.148   -3.158  4.191   1.00 63.34  ? 77  GLU A O   1 
ATOM   541  C  CB  . GLU A 1 80  ? 4.765   -2.862  6.301   1.00 56.20  ? 77  GLU A CB  1 
ATOM   542  C  CG  . GLU A 1 80  ? 4.682   -1.722  7.299   1.00 62.76  ? 77  GLU A CG  1 
ATOM   543  C  CD  . GLU A 1 80  ? 5.962   -0.898  7.367   1.00 74.04  ? 77  GLU A CD  1 
ATOM   544  O  OE1 . GLU A 1 80  ? 6.097   0.057   6.563   1.00 74.64  ? 77  GLU A OE1 1 
ATOM   545  O  OE2 . GLU A 1 80  ? 6.821   -1.192  8.235   1.00 71.69  ? 77  GLU A OE2 1 
ATOM   546  N  N   . ARG A 1 81  ? 5.365   -4.270  3.380   1.00 59.40  ? 78  ARG A N   1 
ATOM   547  C  CA  . ARG A 1 81  ? 6.223   -5.048  2.486   1.00 51.32  ? 78  ARG A CA  1 
ATOM   548  C  C   . ARG A 1 81  ? 6.818   -4.164  1.390   1.00 65.66  ? 78  ARG A C   1 
ATOM   549  O  O   . ARG A 1 81  ? 8.010   -4.277  1.070   1.00 60.12  ? 78  ARG A O   1 
ATOM   550  C  CB  . ARG A 1 81  ? 5.440   -6.206  1.886   1.00 56.38  ? 78  ARG A CB  1 
ATOM   551  C  CG  . ARG A 1 81  ? 5.141   -7.295  2.925   1.00 65.06  ? 78  ARG A CG  1 
ATOM   552  C  CD  . ARG A 1 81  ? 3.902   -8.080  2.568   1.00 62.37  ? 78  ARG A CD  1 
ATOM   553  N  NE  . ARG A 1 81  ? 3.976   -8.562  1.194   1.00 66.94  ? 78  ARG A NE  1 
ATOM   554  C  CZ  . ARG A 1 81  ? 2.914   -8.846  0.440   1.00 78.85  ? 78  ARG A CZ  1 
ATOM   555  N  NH1 . ARG A 1 81  ? 1.680   -8.687  0.931   1.00 68.96  ? 78  ARG A NH1 1 
ATOM   556  N  NH2 . ARG A 1 81  ? 3.092   -9.280  -0.809  1.00 77.13  ? 78  ARG A NH2 1 
ATOM   557  N  N   . ALA A 1 82  ? 6.012   -3.260  0.814   1.00 65.60  ? 79  ALA A N   1 
ATOM   558  C  CA  . ALA A 1 82  ? 6.592   -2.324  -0.149  1.00 59.38  ? 79  ALA A CA  1 
ATOM   559  C  C   . ALA A 1 82  ? 7.699   -1.499  0.500   1.00 59.04  ? 79  ALA A C   1 
ATOM   560  O  O   . ALA A 1 82  ? 8.761   -1.294  -0.099  1.00 60.13  ? 79  ALA A O   1 
ATOM   561  C  CB  . ALA A 1 82  ? 5.522   -1.416  -0.751  1.00 64.14  ? 79  ALA A CB  1 
ATOM   562  N  N   . ASP A 1 83  ? 7.478   -1.039  1.733   1.00 58.83  ? 80  ASP A N   1 
ATOM   563  C  CA  . ASP A 1 83  ? 8.474   -0.212  2.410   1.00 56.41  ? 80  ASP A CA  1 
ATOM   564  C  C   . ASP A 1 83  ? 9.782   -0.975  2.589   1.00 62.74  ? 80  ASP A C   1 
ATOM   565  O  O   . ASP A 1 83  ? 10.861  -0.484  2.228   1.00 63.50  ? 80  ASP A O   1 
ATOM   566  C  CB  . ASP A 1 83  ? 7.912   0.256   3.758   1.00 65.13  ? 80  ASP A CB  1 
ATOM   567  C  CG  . ASP A 1 83  ? 8.699   1.410   4.373   1.00 63.46  ? 80  ASP A CG  1 
ATOM   568  O  OD1 . ASP A 1 83  ? 9.694   1.851   3.777   1.00 65.25  ? 80  ASP A OD1 1 
ATOM   569  O  OD2 . ASP A 1 83  ? 8.308   1.893   5.462   1.00 76.01  ? 80  ASP A OD2 1 
ATOM   570  N  N   . VAL A 1 84  ? 9.701   -2.190  3.127   1.00 56.91  ? 81  VAL A N   1 
ATOM   571  C  CA  . VAL A 1 84  ? 10.899  -2.986  3.374   1.00 56.95  ? 81  VAL A CA  1 
ATOM   572  C  C   . VAL A 1 84  ? 11.638  -3.270  2.072   1.00 59.61  ? 81  VAL A C   1 
ATOM   573  O  O   . VAL A 1 84  ? 12.876  -3.159  2.000   1.00 59.65  ? 81  VAL A O   1 
ATOM   574  C  CB  . VAL A 1 84  ? 10.513  -4.282  4.103   1.00 55.79  ? 81  VAL A CB  1 
ATOM   575  C  CG1 . VAL A 1 84  ? 11.613  -5.303  3.993   1.00 42.41  ? 81  VAL A CG1 1 
ATOM   576  C  CG2 . VAL A 1 84  ? 10.195  -3.980  5.560   1.00 58.52  ? 81  VAL A CG2 1 
ATOM   577  N  N   . ALA A 1 85  ? 10.894  -3.643  1.022   1.00 55.61  ? 82  ALA A N   1 
ATOM   578  C  CA  . ALA A 1 85  ? 11.519  -3.961  -0.257  1.00 56.78  ? 82  ALA A CA  1 
ATOM   579  C  C   . ALA A 1 85  ? 12.232  -2.745  -0.834  1.00 60.09  ? 82  ALA A C   1 
ATOM   580  O  O   . ALA A 1 85  ? 13.375  -2.845  -1.316  1.00 58.57  ? 82  ALA A O   1 
ATOM   581  C  CB  . ALA A 1 85  ? 10.463  -4.491  -1.230  1.00 46.47  ? 82  ALA A CB  1 
ATOM   582  N  N   . VAL A 1 86  ? 11.587  -1.579  -0.768  1.00 54.88  ? 83  VAL A N   1 
ATOM   583  C  CA  . VAL A 1 86  ? 12.200  -0.368  -1.297  1.00 60.38  ? 83  VAL A CA  1 
ATOM   584  C  C   . VAL A 1 86  ? 13.461  -0.029  -0.521  1.00 58.77  ? 83  VAL A C   1 
ATOM   585  O  O   . VAL A 1 86  ? 14.473  0.384   -1.100  1.00 56.73  ? 83  VAL A O   1 
ATOM   586  C  CB  . VAL A 1 86  ? 11.189  0.791   -1.268  1.00 58.39  ? 83  VAL A CB  1 
ATOM   587  C  CG1 . VAL A 1 86  ? 11.910  2.120   -1.240  1.00 57.44  ? 83  VAL A CG1 1 
ATOM   588  C  CG2 . VAL A 1 86  ? 10.272  0.714   -2.471  1.00 54.75  ? 83  VAL A CG2 1 
ATOM   589  N  N   . ARG A 1 87  ? 13.428  -0.189  0.801   1.00 57.81  ? 84  ARG A N   1 
ATOM   590  C  CA  . ARG A 1 87  ? 14.604  0.205   1.560   1.00 59.51  ? 84  ARG A CA  1 
ATOM   591  C  C   . ARG A 1 87  ? 15.753  -0.766  1.365   1.00 61.47  ? 84  ARG A C   1 
ATOM   592  O  O   . ARG A 1 87  ? 16.906  -0.370  1.561   1.00 61.34  ? 84  ARG A O   1 
ATOM   593  C  CB  . ARG A 1 87  ? 14.258  0.370   3.036   1.00 56.96  ? 84  ARG A CB  1 
ATOM   594  C  CG  . ARG A 1 87  ? 13.020  1.225   3.220   1.00 66.24  ? 84  ARG A CG  1 
ATOM   595  C  CD  . ARG A 1 87  ? 13.089  2.107   4.433   1.00 71.08  ? 84  ARG A CD  1 
ATOM   596  N  NE  . ARG A 1 87  ? 13.561  3.448   4.110   1.00 79.48  ? 84  ARG A NE  1 
ATOM   597  C  CZ  . ARG A 1 87  ? 12.826  4.550   4.228   1.00 77.88  ? 84  ARG A CZ  1 
ATOM   598  N  NH1 . ARG A 1 87  ? 13.338  5.733   3.918   1.00 76.45  ? 84  ARG A NH1 1 
ATOM   599  N  NH2 . ARG A 1 87  ? 11.580  4.470   4.658   1.00 76.65  ? 84  ARG A NH2 1 
ATOM   600  N  N   . LYS A 1 88  ? 15.473  -2.012  0.952   1.00 60.69  ? 85  LYS A N   1 
ATOM   601  C  CA  . LYS A 1 88  ? 16.572  -2.950  0.746   1.00 57.84  ? 85  LYS A CA  1 
ATOM   602  C  C   . LYS A 1 88  ? 17.087  -2.940  -0.698  1.00 59.35  ? 85  LYS A C   1 
ATOM   603  O  O   . LYS A 1 88  ? 18.137  -3.525  -0.973  1.00 51.28  ? 85  LYS A O   1 
ATOM   604  C  CB  . LYS A 1 88  ? 16.145  -4.373  1.102   1.00 53.56  ? 85  LYS A CB  1 
ATOM   605  C  CG  . LYS A 1 88  ? 15.242  -4.983  0.040   1.00 64.98  ? 85  LYS A CG  1 
ATOM   606  C  CD  . LYS A 1 88  ? 15.217  -6.531  0.014   1.00 63.11  ? 85  LYS A CD  1 
ATOM   607  C  CE  . LYS A 1 88  ? 15.023  -7.152  1.380   1.00 66.03  ? 85  LYS A CE  1 
ATOM   608  N  NZ  . LYS A 1 88  ? 14.093  -8.299  1.188   1.00 74.32  ? 85  LYS A NZ  1 
ATOM   609  N  N   . PHE A 1 89  ? 16.369  -2.315  -1.636  1.00 63.19  ? 86  PHE A N   1 
ATOM   610  C  CA  . PHE A 1 89  ? 16.799  -2.360  -3.040  1.00 56.06  ? 86  PHE A CA  1 
ATOM   611  C  C   . PHE A 1 89  ? 18.264  -2.017  -3.289  1.00 57.01  ? 86  PHE A C   1 
ATOM   612  O  O   . PHE A 1 89  ? 18.908  -2.742  -4.074  1.00 55.72  ? 86  PHE A O   1 
ATOM   613  C  CB  . PHE A 1 89  ? 15.940  -1.444  -3.918  1.00 56.59  ? 86  PHE A CB  1 
ATOM   614  C  CG  . PHE A 1 89  ? 16.306  -1.505  -5.367  1.00 54.75  ? 86  PHE A CG  1 
ATOM   615  C  CD1 . PHE A 1 89  ? 16.216  -2.705  -6.064  1.00 53.03  ? 86  PHE A CD1 1 
ATOM   616  C  CD2 . PHE A 1 89  ? 16.775  -0.380  -6.025  1.00 54.91  ? 86  PHE A CD2 1 
ATOM   617  C  CE1 . PHE A 1 89  ? 16.560  -2.778  -7.404  1.00 54.78  ? 86  PHE A CE1 1 
ATOM   618  C  CE2 . PHE A 1 89  ? 17.131  -0.448  -7.373  1.00 54.81  ? 86  PHE A CE2 1 
ATOM   619  C  CZ  . PHE A 1 89  ? 17.024  -1.652  -8.059  1.00 52.23  ? 86  PHE A CZ  1 
ATOM   620  N  N   . PRO A 1 90  ? 18.846  -0.962  -2.714  1.00 56.62  ? 87  PRO A N   1 
ATOM   621  C  CA  . PRO A 1 90  ? 20.259  -0.657  -2.997  1.00 47.81  ? 87  PRO A CA  1 
ATOM   622  C  C   . PRO A 1 90  ? 21.225  -1.798  -2.697  1.00 57.70  ? 87  PRO A C   1 
ATOM   623  O  O   . PRO A 1 90  ? 22.344  -1.805  -3.233  1.00 59.48  ? 87  PRO A O   1 
ATOM   624  C  CB  . PRO A 1 90  ? 20.538  0.552   -2.101  1.00 43.25  ? 87  PRO A CB  1 
ATOM   625  C  CG  . PRO A 1 90  ? 19.216  1.236   -2.022  1.00 48.06  ? 87  PRO A CG  1 
ATOM   626  C  CD  . PRO A 1 90  ? 18.210  0.119   -1.936  1.00 54.49  ? 87  PRO A CD  1 
ATOM   627  N  N   . ARG A 1 91  ? 20.849  -2.765  -1.870  1.00 49.82  ? 88  ARG A N   1 
ATOM   628  C  CA  . ARG A 1 91  ? 21.726  -3.899  -1.622  1.00 47.70  ? 88  ARG A CA  1 
ATOM   629  C  C   . ARG A 1 91  ? 21.255  -5.174  -2.310  1.00 48.26  ? 88  ARG A C   1 
ATOM   630  O  O   . ARG A 1 91  ? 21.800  -6.243  -2.041  1.00 60.28  ? 88  ARG A O   1 
ATOM   631  C  CB  . ARG A 1 91  ? 21.902  -4.110  -0.120  1.00 50.22  ? 88  ARG A CB  1 
ATOM   632  C  CG  . ARG A 1 91  ? 22.444  -2.857  0.575   1.00 63.19  ? 88  ARG A CG  1 
ATOM   633  C  CD  . ARG A 1 91  ? 22.382  -2.965  2.087   1.00 76.50  ? 88  ARG A CD  1 
ATOM   634  N  NE  . ARG A 1 91  ? 21.656  -4.162  2.517   1.00 94.65  ? 88  ARG A NE  1 
ATOM   635  C  CZ  . ARG A 1 91  ? 20.449  -4.184  3.097   1.00 100.19 ? 88  ARG A CZ  1 
ATOM   636  N  NH1 . ARG A 1 91  ? 19.770  -3.058  3.342   1.00 82.33  ? 88  ARG A NH1 1 
ATOM   637  N  NH2 . ARG A 1 91  ? 19.917  -5.359  3.438   1.00 97.89  ? 88  ARG A NH2 1 
ATOM   638  N  N   . VAL A 1 92  ? 20.295  -5.091  -3.227  1.00 48.54  ? 89  VAL A N   1 
ATOM   639  C  CA  . VAL A 1 92  ? 19.976  -6.248  -4.060  1.00 47.60  ? 89  VAL A CA  1 
ATOM   640  C  C   . VAL A 1 92  ? 21.138  -6.477  -5.031  1.00 53.10  ? 89  VAL A C   1 
ATOM   641  O  O   . VAL A 1 92  ? 21.452  -5.614  -5.859  1.00 55.06  ? 89  VAL A O   1 
ATOM   642  C  CB  . VAL A 1 92  ? 18.655  -6.045  -4.805  1.00 41.67  ? 89  VAL A CB  1 
ATOM   643  C  CG1 . VAL A 1 92  ? 18.329  -7.254  -5.633  1.00 51.10  ? 89  VAL A CG1 1 
ATOM   644  C  CG2 . VAL A 1 92  ? 17.558  -5.797  -3.822  1.00 49.83  ? 89  VAL A CG2 1 
ATOM   645  N  N   . LYS A 1 93  ? 21.795  -7.633  -4.920  1.00 54.15  ? 90  LYS A N   1 
ATOM   646  C  CA  . LYS A 1 93  ? 22.876  -8.009  -5.826  1.00 49.62  ? 90  LYS A CA  1 
ATOM   647  C  C   . LYS A 1 93  ? 22.300  -8.365  -7.195  1.00 54.66  ? 90  LYS A C   1 
ATOM   648  O  O   . LYS A 1 93  ? 21.107  -8.683  -7.319  1.00 50.91  ? 90  LYS A O   1 
ATOM   649  C  CB  . LYS A 1 93  ? 23.669  -9.177  -5.237  1.00 56.38  ? 90  LYS A CB  1 
ATOM   650  C  CG  . LYS A 1 93  ? 24.023  -8.929  -3.785  1.00 58.06  ? 90  LYS A CG  1 
ATOM   651  C  CD  . LYS A 1 93  ? 24.968  -9.950  -3.212  1.00 55.15  ? 90  LYS A CD  1 
ATOM   652  C  CE  . LYS A 1 93  ? 24.980  -9.829  -1.690  1.00 71.95  ? 90  LYS A CE  1 
ATOM   653  N  NZ  . LYS A 1 93  ? 23.703  -10.359 -1.054  1.00 87.40  ? 90  LYS A NZ  1 
ATOM   654  N  N   . TRP A 1 94  ? 23.150  -8.291  -8.235  1.00 45.35  ? 91  TRP A N   1 
ATOM   655  C  CA  . TRP A 1 94  ? 22.638  -8.409  -9.606  1.00 51.49  ? 91  TRP A CA  1 
ATOM   656  C  C   . TRP A 1 94  ? 21.983  -9.769  -9.848  1.00 51.36  ? 91  TRP A C   1 
ATOM   657  O  O   . TRP A 1 94  ? 20.971  -9.869  -10.554 1.00 56.18  ? 91  TRP A O   1 
ATOM   658  C  CB  . TRP A 1 94  ? 23.752  -8.150  -10.639 1.00 50.85  ? 91  TRP A CB  1 
ATOM   659  C  CG  . TRP A 1 94  ? 24.934  -9.100  -10.564 1.00 51.84  ? 91  TRP A CG  1 
ATOM   660  C  CD1 . TRP A 1 94  ? 26.107  -8.894  -9.885  1.00 51.84  ? 91  TRP A CD1 1 
ATOM   661  C  CD2 . TRP A 1 94  ? 25.050  -10.397 -11.177 1.00 48.78  ? 91  TRP A CD2 1 
ATOM   662  N  NE1 . TRP A 1 94  ? 26.940  -9.982  -10.035 1.00 56.36  ? 91  TRP A NE1 1 
ATOM   663  C  CE2 . TRP A 1 94  ? 26.315  -10.923 -10.811 1.00 55.52  ? 91  TRP A CE2 1 
ATOM   664  C  CE3 . TRP A 1 94  ? 24.206  -11.170 -11.990 1.00 52.82  ? 91  TRP A CE3 1 
ATOM   665  C  CZ2 . TRP A 1 94  ? 26.760  -12.186 -11.232 1.00 49.44  ? 91  TRP A CZ2 1 
ATOM   666  C  CZ3 . TRP A 1 94  ? 24.648  -12.443 -12.402 1.00 55.01  ? 91  TRP A CZ3 1 
ATOM   667  C  CH2 . TRP A 1 94  ? 25.912  -12.929 -12.021 1.00 50.74  ? 91  TRP A CH2 1 
ATOM   668  N  N   . TYR A 1 95  ? 22.519  -10.826 -9.247  1.00 49.87  ? 92  TYR A N   1 
ATOM   669  C  CA  . TYR A 1 95  ? 21.975  -12.151 -9.514  1.00 55.31  ? 92  TYR A CA  1 
ATOM   670  C  C   . TYR A 1 95  ? 20.700  -12.422 -8.722  1.00 57.19  ? 92  TYR A C   1 
ATOM   671  O  O   . TYR A 1 95  ? 20.089  -13.476 -8.905  1.00 59.70  ? 92  TYR A O   1 
ATOM   672  C  CB  . TYR A 1 95  ? 23.036  -13.232 -9.236  1.00 51.41  ? 92  TYR A CB  1 
ATOM   673  C  CG  . TYR A 1 95  ? 23.527  -13.296 -7.799  1.00 49.57  ? 92  TYR A CG  1 
ATOM   674  C  CD1 . TYR A 1 95  ? 22.846  -14.047 -6.846  1.00 54.00  ? 92  TYR A CD1 1 
ATOM   675  C  CD2 . TYR A 1 95  ? 24.671  -12.615 -7.397  1.00 46.44  ? 92  TYR A CD2 1 
ATOM   676  C  CE1 . TYR A 1 95  ? 23.280  -14.112 -5.529  1.00 49.07  ? 92  TYR A CE1 1 
ATOM   677  C  CE2 . TYR A 1 95  ? 25.123  -12.672 -6.082  1.00 42.45  ? 92  TYR A CE2 1 
ATOM   678  C  CZ  . TYR A 1 95  ? 24.417  -13.425 -5.154  1.00 52.85  ? 92  TYR A CZ  1 
ATOM   679  O  OH  . TYR A 1 95  ? 24.829  -13.496 -3.843  1.00 60.99  ? 92  TYR A OH  1 
ATOM   680  N  N   . GLU A 1 96  ? 20.280  -11.498 -7.864  1.00 57.82  ? 93  GLU A N   1 
ATOM   681  C  CA  . GLU A 1 96  ? 18.964  -11.546 -7.239  1.00 60.20  ? 93  GLU A CA  1 
ATOM   682  C  C   . GLU A 1 96  ? 17.888  -10.795 -8.035  1.00 60.66  ? 93  GLU A C   1 
ATOM   683  O  O   . GLU A 1 96  ? 16.721  -10.782 -7.605  1.00 59.76  ? 93  GLU A O   1 
ATOM   684  C  CB  . GLU A 1 96  ? 19.055  -10.995 -5.804  1.00 54.49  ? 93  GLU A CB  1 
ATOM   685  C  CG  . GLU A 1 96  ? 20.140  -11.685 -4.963  1.00 54.77  ? 93  GLU A CG  1 
ATOM   686  C  CD  . GLU A 1 96  ? 20.419  -11.033 -3.596  1.00 61.77  ? 93  GLU A CD  1 
ATOM   687  O  OE1 . GLU A 1 96  ? 20.568  -9.791  -3.513  1.00 66.70  ? 93  GLU A OE1 1 
ATOM   688  O  OE2 . GLU A 1 96  ? 20.540  -11.770 -2.593  1.00 64.38  ? 93  GLU A OE2 1 
ATOM   689  N  N   . GLU A 1 97  ? 18.222  -10.227 -9.204  1.00 54.52  ? 94  GLU A N   1 
ATOM   690  C  CA  . GLU A 1 97  ? 17.236  -9.410  -9.918  1.00 63.82  ? 94  GLU A CA  1 
ATOM   691  C  C   . GLU A 1 97  ? 15.894  -10.129 -10.082 1.00 58.58  ? 94  GLU A C   1 
ATOM   692  O  O   . GLU A 1 97  ? 14.879  -9.688  -9.531  1.00 65.84  ? 94  GLU A O   1 
ATOM   693  C  CB  . GLU A 1 97  ? 17.775  -8.977  -11.276 1.00 59.04  ? 94  GLU A CB  1 
ATOM   694  C  CG  . GLU A 1 97  ? 16.688  -8.510  -12.236 1.00 57.98  ? 94  GLU A CG  1 
ATOM   695  C  CD  . GLU A 1 97  ? 17.249  -7.719  -13.406 1.00 76.04  ? 94  GLU A CD  1 
ATOM   696  O  OE1 . GLU A 1 97  ? 18.360  -8.067  -13.915 1.00 74.56  ? 94  GLU A OE1 1 
ATOM   697  O  OE2 . GLU A 1 97  ? 16.571  -6.745  -13.805 1.00 63.20  ? 94  GLU A OE2 1 
ATOM   698  N  N   . SER A 1 98  ? 15.869  -11.237 -10.835 1.00 57.79  ? 95  SER A N   1 
ATOM   699  C  CA  . SER A 1 98  ? 14.622  -11.980 -11.044 1.00 64.98  ? 95  SER A CA  1 
ATOM   700  C  C   . SER A 1 98  ? 13.897  -12.209 -9.726  1.00 66.81  ? 95  SER A C   1 
ATOM   701  O  O   . SER A 1 98  ? 12.708  -11.896 -9.584  1.00 64.14  ? 95  SER A O   1 
ATOM   702  C  CB  . SER A 1 98  ? 14.896  -13.324 -11.721 1.00 56.42  ? 95  SER A CB  1 
ATOM   703  O  OG  . SER A 1 98  ? 15.953  -13.224 -12.660 1.00 81.08  ? 95  SER A OG  1 
ATOM   704  N  N   . GLU A 1 99  ? 14.623  -12.705 -8.728  1.00 67.15  ? 96  GLU A N   1 
ATOM   705  C  CA  . GLU A 1 99  ? 14.012  -12.974 -7.436  1.00 61.99  ? 96  GLU A CA  1 
ATOM   706  C  C   . GLU A 1 99  ? 13.273  -11.750 -6.932  1.00 64.77  ? 96  GLU A C   1 
ATOM   707  O  O   . GLU A 1 99  ? 12.052  -11.770 -6.709  1.00 64.80  ? 96  GLU A O   1 
ATOM   708  C  CB  . GLU A 1 99  ? 15.098  -13.370 -6.450  1.00 60.18  ? 96  GLU A CB  1 
ATOM   709  C  CG  . GLU A 1 99  ? 14.625  -14.138 -5.275  1.00 70.48  ? 96  GLU A CG  1 
ATOM   710  C  CD  . GLU A 1 99  ? 15.775  -14.501 -4.370  1.00 86.30  ? 96  GLU A CD  1 
ATOM   711  O  OE1 . GLU A 1 99  ? 16.279  -13.584 -3.674  1.00 81.58  ? 96  GLU A OE1 1 
ATOM   712  O  OE2 . GLU A 1 99  ? 16.188  -15.693 -4.383  1.00 83.44  ? 96  GLU A OE2 1 
ATOM   713  N  N   . TYR A 1 100 ? 14.016  -10.652 -6.799  1.00 62.86  ? 97  TYR A N   1 
ATOM   714  C  CA  . TYR A 1 100 ? 13.449  -9.445  -6.229  1.00 58.09  ? 97  TYR A CA  1 
ATOM   715  C  C   . TYR A 1 100 ? 12.307  -8.954  -7.093  1.00 60.56  ? 97  TYR A C   1 
ATOM   716  O  O   . TYR A 1 100 ? 11.251  -8.562  -6.577  1.00 60.69  ? 97  TYR A O   1 
ATOM   717  C  CB  . TYR A 1 100 ? 14.538  -8.395  -6.090  1.00 51.91  ? 97  TYR A CB  1 
ATOM   718  C  CG  . TYR A 1 100 ? 14.114  -7.053  -5.561  1.00 61.43  ? 97  TYR A CG  1 
ATOM   719  C  CD1 . TYR A 1 100 ? 14.045  -6.811  -4.197  1.00 60.35  ? 97  TYR A CD1 1 
ATOM   720  C  CD2 . TYR A 1 100 ? 13.836  -5.997  -6.432  1.00 63.11  ? 97  TYR A CD2 1 
ATOM   721  C  CE1 . TYR A 1 100 ? 13.680  -5.562  -3.715  1.00 59.71  ? 97  TYR A CE1 1 
ATOM   722  C  CE2 . TYR A 1 100 ? 13.479  -4.756  -5.963  1.00 55.32  ? 97  TYR A CE2 1 
ATOM   723  C  CZ  . TYR A 1 100 ? 13.402  -4.536  -4.607  1.00 58.94  ? 97  TYR A CZ  1 
ATOM   724  O  OH  . TYR A 1 100 ? 13.037  -3.285  -4.139  1.00 61.70  ? 97  TYR A OH  1 
ATOM   725  N  N   . THR A 1 101 ? 12.448  -9.075  -8.413  1.00 57.57  ? 98  THR A N   1 
ATOM   726  C  CA  . THR A 1 101 ? 11.385  -8.557  -9.253  1.00 62.18  ? 98  THR A CA  1 
ATOM   727  C  C   . THR A 1 101 ? 10.091  -9.311  -8.994  1.00 65.13  ? 98  THR A C   1 
ATOM   728  O  O   . THR A 1 101 ? 9.037   -8.688  -8.818  1.00 66.32  ? 98  THR A O   1 
ATOM   729  C  CB  . THR A 1 101 ? 11.792  -8.606  -10.713 1.00 58.36  ? 98  THR A CB  1 
ATOM   730  O  OG1 . THR A 1 101 ? 12.964  -7.801  -10.883 1.00 68.60  ? 98  THR A OG1 1 
ATOM   731  C  CG2 . THR A 1 101 ? 10.693  -8.016  -11.576 1.00 58.77  ? 98  THR A CG2 1 
ATOM   732  N  N   . ARG A 1 102 ? 10.174  -10.642 -8.851  1.00 69.30  ? 99  ARG A N   1 
ATOM   733  C  CA  . ARG A 1 102 ? 8.975   -11.423 -8.557  1.00 68.67  ? 99  ARG A CA  1 
ATOM   734  C  C   . ARG A 1 102 ? 8.324   -10.925 -7.275  1.00 65.95  ? 99  ARG A C   1 
ATOM   735  O  O   . ARG A 1 102 ? 7.117   -10.643 -7.251  1.00 67.92  ? 99  ARG A O   1 
ATOM   736  C  CB  . ARG A 1 102 ? 9.307   -12.919 -8.459  1.00 64.79  ? 99  ARG A CB  1 
ATOM   737  C  CG  . ARG A 1 102 ? 9.728   -13.577 -9.786  1.00 75.23  ? 99  ARG A CG  1 
ATOM   738  C  CD  . ARG A 1 102 ? 9.091   -12.892 -11.013 1.00 86.01  ? 99  ARG A CD  1 
ATOM   739  N  NE  . ARG A 1 102 ? 9.810   -13.165 -12.264 1.00 103.43 ? 99  ARG A NE  1 
ATOM   740  C  CZ  . ARG A 1 102 ? 10.674  -12.327 -12.833 1.00 96.33  ? 99  ARG A CZ  1 
ATOM   741  N  NH1 . ARG A 1 102 ? 10.919  -11.158 -12.267 1.00 85.65  ? 99  ARG A NH1 1 
ATOM   742  N  NH2 . ARG A 1 102 ? 11.293  -12.650 -13.968 1.00 104.04 ? 99  ARG A NH2 1 
ATOM   743  N  N   . LYS A 1 103 ? 9.130   -10.721 -6.228  1.00 64.01  ? 100 LYS A N   1 
ATOM   744  C  CA  . LYS A 1 103 ? 8.619   -10.180 -4.971  1.00 55.62  ? 100 LYS A CA  1 
ATOM   745  C  C   . LYS A 1 103 ? 7.915   -8.840  -5.207  1.00 65.34  ? 100 LYS A C   1 
ATOM   746  O  O   . LYS A 1 103 ? 6.755   -8.653  -4.816  1.00 66.02  ? 100 LYS A O   1 
ATOM   747  C  CB  . LYS A 1 103 ? 9.794   -10.053 -4.003  1.00 59.63  ? 100 LYS A CB  1 
ATOM   748  C  CG  . LYS A 1 103 ? 9.534   -9.635  -2.583  1.00 71.85  ? 100 LYS A CG  1 
ATOM   749  C  CD  . LYS A 1 103 ? 10.856  -9.694  -1.767  1.00 81.83  ? 100 LYS A CD  1 
ATOM   750  C  CE  . LYS A 1 103 ? 11.727  -10.906 -2.192  1.00 82.35  ? 100 LYS A CE  1 
ATOM   751  N  NZ  . LYS A 1 103 ? 12.570  -11.508 -1.097  1.00 79.91  ? 100 LYS A NZ  1 
ATOM   752  N  N   . ILE A 1 104 ? 8.571   -7.924  -5.931  1.00 69.37  ? 101 ILE A N   1 
ATOM   753  C  CA  . ILE A 1 104 ? 7.968   -6.618  -6.189  1.00 62.89  ? 101 ILE A CA  1 
ATOM   754  C  C   . ILE A 1 104 ? 6.655   -6.786  -6.931  1.00 65.53  ? 101 ILE A C   1 
ATOM   755  O  O   . ILE A 1 104 ? 5.643   -6.152  -6.591  1.00 61.25  ? 101 ILE A O   1 
ATOM   756  C  CB  . ILE A 1 104 ? 8.941   -5.713  -6.965  1.00 58.80  ? 101 ILE A CB  1 
ATOM   757  C  CG1 . ILE A 1 104 ? 10.116  -5.359  -6.077  1.00 61.71  ? 101 ILE A CG1 1 
ATOM   758  C  CG2 . ILE A 1 104 ? 8.264   -4.437  -7.361  1.00 66.33  ? 101 ILE A CG2 1 
ATOM   759  C  CD1 . ILE A 1 104 ? 9.683   -4.941  -4.701  1.00 56.81  ? 101 ILE A CD1 1 
ATOM   760  N  N   . GLU A 1 105 ? 6.631   -7.694  -7.914  1.00 64.76  ? 102 GLU A N   1 
ATOM   761  C  CA  . GLU A 1 105 ? 5.412   -7.903  -8.681  1.00 65.30  ? 102 GLU A CA  1 
ATOM   762  C  C   . GLU A 1 105 ? 4.284   -8.376  -7.774  1.00 68.69  ? 102 GLU A C   1 
ATOM   763  O  O   . GLU A 1 105 ? 3.153   -7.884  -7.872  1.00 73.52  ? 102 GLU A O   1 
ATOM   764  C  CB  . GLU A 1 105 ? 5.662   -8.898  -9.814  1.00 65.23  ? 102 GLU A CB  1 
ATOM   765  C  CG  . GLU A 1 105 ? 6.346   -8.265  -11.018 1.00 77.79  ? 102 GLU A CG  1 
ATOM   766  C  CD  . GLU A 1 105 ? 6.828   -9.293  -12.043 1.00 88.58  ? 102 GLU A CD  1 
ATOM   767  O  OE1 . GLU A 1 105 ? 6.854   -10.504 -11.707 1.00 88.86  ? 102 GLU A OE1 1 
ATOM   768  O  OE2 . GLU A 1 105 ? 7.176   -8.886  -13.182 1.00 82.99  ? 102 GLU A OE2 1 
ATOM   769  N  N   . ARG A 1 106 ? 4.578   -9.265  -6.826  1.00 64.29  ? 103 ARG A N   1 
ATOM   770  C  CA  . ARG A 1 106 ? 3.461   -9.740  -6.037  1.00 69.54  ? 103 ARG A CA  1 
ATOM   771  C  C   . ARG A 1 106 ? 2.961   -8.650  -5.105  1.00 70.18  ? 103 ARG A C   1 
ATOM   772  O  O   . ARG A 1 106 ? 1.743   -8.518  -4.913  1.00 69.01  ? 103 ARG A O   1 
ATOM   773  C  CB  . ARG A 1 106 ? 3.782   -11.018 -5.273  1.00 68.99  ? 103 ARG A CB  1 
ATOM   774  C  CG  . ARG A 1 106 ? 2.502   -11.786 -5.268  1.00 81.28  ? 103 ARG A CG  1 
ATOM   775  C  CD  . ARG A 1 106 ? 2.561   -13.238 -4.928  1.00 90.45  ? 103 ARG A CD  1 
ATOM   776  N  NE  . ARG A 1 106 ? 1.194   -13.653 -4.618  1.00 106.72 ? 103 ARG A NE  1 
ATOM   777  C  CZ  . ARG A 1 106 ? 0.498   -13.248 -3.551  1.00 111.45 ? 103 ARG A CZ  1 
ATOM   778  N  NH1 . ARG A 1 106 ? 1.036   -12.423 -2.652  1.00 99.98  ? 103 ARG A NH1 1 
ATOM   779  N  NH2 . ARG A 1 106 ? -0.748  -13.676 -3.377  1.00 109.46 ? 103 ARG A NH2 1 
ATOM   780  N  N   . ILE A 1 107 ? 3.864   -7.805  -4.586  1.00 65.31  ? 104 ILE A N   1 
ATOM   781  C  CA  . ILE A 1 107 ? 3.387   -6.658  -3.813  1.00 64.50  ? 104 ILE A CA  1 
ATOM   782  C  C   . ILE A 1 107 ? 2.432   -5.848  -4.666  1.00 63.81  ? 104 ILE A C   1 
ATOM   783  O  O   . ILE A 1 107 ? 1.289   -5.580  -4.274  1.00 66.09  ? 104 ILE A O   1 
ATOM   784  C  CB  . ILE A 1 107 ? 4.562   -5.802  -3.318  1.00 63.81  ? 104 ILE A CB  1 
ATOM   785  C  CG1 . ILE A 1 107 ? 5.451   -6.626  -2.374  1.00 68.18  ? 104 ILE A CG1 1 
ATOM   786  C  CG2 . ILE A 1 107 ? 4.042   -4.531  -2.656  1.00 59.59  ? 104 ILE A CG2 1 
ATOM   787  C  CD1 . ILE A 1 107 ? 6.624   -5.857  -1.807  1.00 61.96  ? 104 ILE A CD1 1 
ATOM   788  N  N   . ASN A 1 108 ? 2.860   -5.557  -5.896  1.00 65.11  ? 105 ASN A N   1 
ATOM   789  C  CA  . ASN A 1 108 ? 2.037   -4.850  -6.867  1.00 62.80  ? 105 ASN A CA  1 
ATOM   790  C  C   . ASN A 1 108 ? 0.664   -5.498  -6.978  1.00 65.09  ? 105 ASN A C   1 
ATOM   791  O  O   . ASN A 1 108 ? -0.366  -4.836  -6.774  1.00 66.92  ? 105 ASN A O   1 
ATOM   792  C  CB  . ASN A 1 108 ? 2.763   -4.850  -8.216  1.00 68.78  ? 105 ASN A CB  1 
ATOM   793  C  CG  . ASN A 1 108 ? 2.151   -3.919  -9.219  1.00 67.33  ? 105 ASN A CG  1 
ATOM   794  O  OD1 . ASN A 1 108 ? 2.613   -2.791  -9.384  1.00 74.03  ? 105 ASN A OD1 1 
ATOM   795  N  ND2 . ASN A 1 108 ? 1.130   -4.392  -9.931  1.00 68.29  ? 105 ASN A ND2 1 
ATOM   796  N  N   . LYS A 1 109 ? 0.628   -6.820  -7.219  1.00 62.89  ? 106 LYS A N   1 
ATOM   797  C  CA  . LYS A 1 109 ? -0.669  -7.444  -7.452  1.00 70.48  ? 106 LYS A CA  1 
ATOM   798  C  C   . LYS A 1 109 ? -1.556  -7.265  -6.227  1.00 73.05  ? 106 LYS A C   1 
ATOM   799  O  O   . LYS A 1 109 ? -2.717  -6.852  -6.351  1.00 72.25  ? 106 LYS A O   1 
ATOM   800  C  CB  . LYS A 1 109 ? -0.523  -8.927  -7.827  1.00 62.58  ? 106 LYS A CB  1 
ATOM   801  C  CG  . LYS A 1 109 ? -1.883  -9.666  -7.990  1.00 85.17  ? 106 LYS A CG  1 
ATOM   802  C  CD  . LYS A 1 109 ? -2.973  -8.709  -8.577  1.00 96.19  ? 106 LYS A CD  1 
ATOM   803  C  CE  . LYS A 1 109 ? -4.398  -9.263  -8.631  1.00 92.46  ? 106 LYS A CE  1 
ATOM   804  N  NZ  . LYS A 1 109 ? -5.350  -8.116  -8.757  1.00 88.00  ? 106 LYS A NZ  1 
ATOM   805  N  N   . ASP A 1 110 ? -0.985  -7.460  -5.036  1.00 72.19  ? 107 ASP A N   1 
ATOM   806  C  CA  . ASP A 1 110 ? -1.782  -7.361  -3.820  1.00 71.60  ? 107 ASP A CA  1 
ATOM   807  C  C   . ASP A 1 110 ? -2.398  -5.973  -3.710  1.00 78.13  ? 107 ASP A C   1 
ATOM   808  O  O   . ASP A 1 110 ? -3.618  -5.834  -3.515  1.00 74.12  ? 107 ASP A O   1 
ATOM   809  C  CB  . ASP A 1 110 ? -0.911  -7.700  -2.609  1.00 68.77  ? 107 ASP A CB  1 
ATOM   810  C  CG  . ASP A 1 110 ? -0.499  -9.176  -2.580  1.00 79.79  ? 107 ASP A CG  1 
ATOM   811  O  OD1 . ASP A 1 110 ? -0.921  -9.931  -3.486  1.00 80.75  ? 107 ASP A OD1 1 
ATOM   812  O  OD2 . ASP A 1 110 ? 0.259   -9.584  -1.667  1.00 78.60  ? 107 ASP A OD2 1 
ATOM   813  N  N   . MET A 1 111 ? -1.583  -4.934  -3.948  1.00 70.37  ? 108 MET A N   1 
ATOM   814  C  CA  . MET A 1 111 ? -2.092  -3.575  -3.830  1.00 69.58  ? 108 MET A CA  1 
ATOM   815  C  C   . MET A 1 111 ? -3.264  -3.377  -4.772  1.00 71.36  ? 108 MET A C   1 
ATOM   816  O  O   . MET A 1 111 ? -4.326  -2.883  -4.364  1.00 71.08  ? 108 MET A O   1 
ATOM   817  C  CB  . MET A 1 111 ? -0.982  -2.565  -4.110  1.00 60.61  ? 108 MET A CB  1 
ATOM   818  C  CG  . MET A 1 111 ? -0.108  -2.282  -2.907  1.00 58.72  ? 108 MET A CG  1 
ATOM   819  S  SD  . MET A 1 111 ? 1.322   -1.254  -3.285  1.00 73.89  ? 108 MET A SD  1 
ATOM   820  C  CE  . MET A 1 111 ? 1.970   -0.963  -1.636  1.00 60.56  ? 108 MET A CE  1 
ATOM   821  N  N   . LEU A 1 112 ? -3.127  -3.864  -6.007  1.00 69.08  ? 109 LEU A N   1 
ATOM   822  C  CA  . LEU A 1 112 ? -4.199  -3.682  -6.970  1.00 72.52  ? 109 LEU A CA  1 
ATOM   823  C  C   . LEU A 1 112 ? -5.479  -4.357  -6.493  1.00 73.00  ? 109 LEU A C   1 
ATOM   824  O  O   . LEU A 1 112 ? -6.557  -3.749  -6.542  1.00 76.59  ? 109 LEU A O   1 
ATOM   825  C  CB  . LEU A 1 112 ? -3.779  -4.208  -8.339  1.00 68.80  ? 109 LEU A CB  1 
ATOM   826  C  CG  . LEU A 1 112 ? -2.804  -3.271  -9.056  1.00 73.22  ? 109 LEU A CG  1 
ATOM   827  C  CD1 . LEU A 1 112 ? -2.573  -3.726  -10.480 1.00 69.67  ? 109 LEU A CD1 1 
ATOM   828  C  CD2 . LEU A 1 112 ? -3.278  -1.825  -9.021  1.00 70.32  ? 109 LEU A CD2 1 
ATOM   829  N  N   . LYS A 1 113 ? -5.381  -5.590  -5.982  1.00 66.25  ? 110 LYS A N   1 
ATOM   830  C  CA  . LYS A 1 113 ? -6.610  -6.243  -5.542  1.00 78.10  ? 110 LYS A CA  1 
ATOM   831  C  C   . LYS A 1 113 ? -7.240  -5.479  -4.388  1.00 72.34  ? 110 LYS A C   1 
ATOM   832  O  O   . LYS A 1 113 ? -8.467  -5.347  -4.321  1.00 70.66  ? 110 LYS A O   1 
ATOM   833  C  CB  . LYS A 1 113 ? -6.362  -7.699  -5.144  1.00 76.01  ? 110 LYS A CB  1 
ATOM   834  C  CG  . LYS A 1 113 ? -7.678  -8.448  -4.892  1.00 86.88  ? 110 LYS A CG  1 
ATOM   835  C  CD  . LYS A 1 113 ? -7.558  -9.512  -3.800  1.00 92.55  ? 110 LYS A CD  1 
ATOM   836  C  CE  . LYS A 1 113 ? -7.200  -8.899  -2.443  1.00 95.43  ? 110 LYS A CE  1 
ATOM   837  N  NZ  . LYS A 1 113 ? -8.364  -8.798  -1.507  1.00 93.20  ? 110 LYS A NZ  1 
ATOM   838  N  N   . PHE A 1 114 ? -6.411  -4.905  -3.519  1.00 70.41  ? 111 PHE A N   1 
ATOM   839  C  CA  . PHE A 1 114 ? -6.945  -4.132  -2.415  1.00 65.74  ? 111 PHE A CA  1 
ATOM   840  C  C   . PHE A 1 114 ? -7.743  -2.934  -2.908  1.00 73.63  ? 111 PHE A C   1 
ATOM   841  O  O   . PHE A 1 114 ? -8.696  -2.512  -2.248  1.00 76.29  ? 111 PHE A O   1 
ATOM   842  C  CB  . PHE A 1 114 ? -5.814  -3.679  -1.507  1.00 63.53  ? 111 PHE A CB  1 
ATOM   843  C  CG  . PHE A 1 114 ? -6.294  -3.074  -0.246  1.00 76.77  ? 111 PHE A CG  1 
ATOM   844  C  CD1 . PHE A 1 114 ? -6.433  -3.853  0.891   1.00 82.14  ? 111 PHE A CD1 1 
ATOM   845  C  CD2 . PHE A 1 114 ? -6.650  -1.731  -0.197  1.00 81.40  ? 111 PHE A CD2 1 
ATOM   846  C  CE1 . PHE A 1 114 ? -6.910  -3.298  2.070   1.00 87.51  ? 111 PHE A CE1 1 
ATOM   847  C  CE2 . PHE A 1 114 ? -7.137  -1.164  0.979   1.00 84.46  ? 111 PHE A CE2 1 
ATOM   848  C  CZ  . PHE A 1 114 ? -7.264  -1.952  2.117   1.00 85.41  ? 111 PHE A CZ  1 
ATOM   849  N  N   . CYS A 1 115 ? -7.382  -2.378  -4.062  1.00 76.97  ? 112 CYS A N   1 
ATOM   850  C  CA  . CYS A 1 115 ? -8.113  -1.234  -4.593  1.00 78.69  ? 112 CYS A CA  1 
ATOM   851  C  C   . CYS A 1 115 ? -9.538  -1.578  -5.021  1.00 77.41  ? 112 CYS A C   1 
ATOM   852  O  O   . CYS A 1 115 ? -10.243 -0.682  -5.493  1.00 76.81  ? 112 CYS A O   1 
ATOM   853  C  CB  . CYS A 1 115 ? -7.345  -0.638  -5.769  1.00 79.12  ? 112 CYS A CB  1 
ATOM   854  S  SG  . CYS A 1 115 ? -5.796  0.194   -5.302  1.00 88.07  ? 112 CYS A SG  1 
ATOM   855  N  N   . GLN A 1 116 ? -9.968  -2.838  -4.883  1.00 78.80  ? 113 GLN A N   1 
ATOM   856  C  CA  . GLN A 1 116 ? -11.361 -3.232  -5.072  1.00 81.37  ? 113 GLN A CA  1 
ATOM   857  C  C   . GLN A 1 116 ? -12.107 -3.363  -3.742  1.00 78.88  ? 113 GLN A C   1 
ATOM   858  O  O   . GLN A 1 116 ? -13.113 -4.081  -3.658  1.00 72.30  ? 113 GLN A O   1 
ATOM   859  C  CB  . GLN A 1 116 ? -11.449 -4.551  -5.849  1.00 83.44  ? 113 GLN A CB  1 
ATOM   860  C  CG  . GLN A 1 116 ? -10.469 -4.693  -7.010  1.00 89.05  ? 113 GLN A CG  1 
ATOM   861  C  CD  . GLN A 1 116 ? -10.673 -3.638  -8.090  1.00 91.24  ? 113 GLN A CD  1 
ATOM   862  O  OE1 . GLN A 1 116 ? -11.810 -3.331  -8.465  1.00 99.36  ? 113 GLN A OE1 1 
ATOM   863  N  NE2 . GLN A 1 116 ? -9.569  -3.088  -8.608  1.00 84.61  ? 113 GLN A NE2 1 
ATOM   864  N  N   . ILE A 1 117 ? -11.620 -2.711  -2.704  1.00 71.70  ? 114 ILE A N   1 
ATOM   865  C  CA  . ILE A 1 117 ? -12.240 -2.808  -1.395  1.00 71.11  ? 114 ILE A CA  1 
ATOM   866  C  C   . ILE A 1 117 ? -13.540 -2.010  -1.398  1.00 81.51  ? 114 ILE A C   1 
ATOM   867  O  O   . ILE A 1 117 ? -13.616 -0.906  -1.952  1.00 79.19  ? 114 ILE A O   1 
ATOM   868  C  CB  . ILE A 1 117 ? -11.256 -2.320  -0.316  1.00 74.15  ? 114 ILE A CB  1 
ATOM   869  C  CG1 . ILE A 1 117 ? -11.821 -2.550  1.090   1.00 77.75  ? 114 ILE A CG1 1 
ATOM   870  C  CG2 . ILE A 1 117 ? -10.851 -0.868  -0.555  1.00 67.81  ? 114 ILE A CG2 1 
ATOM   871  C  CD1 . ILE A 1 117 ? -11.351 -3.838  1.715   1.00 80.88  ? 114 ILE A CD1 1 
ATOM   872  N  N   . ASP A 1 118 ? -14.585 -2.589  -0.803  1.00 89.25  ? 115 ASP A N   1 
ATOM   873  C  CA  . ASP A 1 118 ? -15.879 -1.921  -0.631  1.00 85.50  ? 115 ASP A CA  1 
ATOM   874  C  C   . ASP A 1 118 ? -15.871 -1.204  0.715   1.00 80.69  ? 115 ASP A C   1 
ATOM   875  O  O   . ASP A 1 118 ? -16.120 -1.816  1.759   1.00 76.32  ? 115 ASP A O   1 
ATOM   876  C  CB  . ASP A 1 118 ? -17.018 -2.934  -0.711  1.00 82.73  ? 115 ASP A CB  1 
ATOM   877  C  CG  . ASP A 1 118 ? -18.401 -2.279  -0.654  1.00 95.70  ? 115 ASP A CG  1 
ATOM   878  O  OD1 . ASP A 1 118 ? -19.404 -3.018  -0.807  1.00 94.46  ? 115 ASP A OD1 1 
ATOM   879  O  OD2 . ASP A 1 118 ? -18.491 -1.039  -0.460  1.00 96.75  ? 115 ASP A OD2 1 
ATOM   880  N  N   . LEU A 1 119 ? -15.587 0.100   0.697   1.00 74.11  ? 116 LEU A N   1 
ATOM   881  C  CA  . LEU A 1 119 ? -15.477 0.837   1.952   1.00 78.19  ? 116 LEU A CA  1 
ATOM   882  C  C   . LEU A 1 119 ? -16.808 0.893   2.686   1.00 76.61  ? 116 LEU A C   1 
ATOM   883  O  O   . LEU A 1 119 ? -16.842 0.864   3.924   1.00 79.01  ? 116 LEU A O   1 
ATOM   884  C  CB  . LEU A 1 119 ? -14.958 2.249   1.692   1.00 79.43  ? 116 LEU A CB  1 
ATOM   885  C  CG  . LEU A 1 119 ? -13.447 2.417   1.638   1.00 71.06  ? 116 LEU A CG  1 
ATOM   886  C  CD1 . LEU A 1 119 ? -13.097 3.889   1.563   1.00 71.63  ? 116 LEU A CD1 1 
ATOM   887  C  CD2 . LEU A 1 119 ? -12.805 1.775   2.849   1.00 73.24  ? 116 LEU A CD2 1 
ATOM   888  N  N   . GLN A 1 120 ? -17.916 0.993   1.941   1.00 76.68  ? 117 GLN A N   1 
ATOM   889  C  CA  . GLN A 1 120 ? -19.220 1.083   2.593   1.00 83.85  ? 117 GLN A CA  1 
ATOM   890  C  C   . GLN A 1 120 ? -19.513 -0.178  3.391   1.00 80.55  ? 117 GLN A C   1 
ATOM   891  O  O   . GLN A 1 120 ? -19.998 -0.103  4.525   1.00 77.00  ? 117 GLN A O   1 
ATOM   892  C  CB  . GLN A 1 120 ? -20.328 1.343   1.567   1.00 86.32  ? 117 GLN A CB  1 
ATOM   893  C  CG  . GLN A 1 120 ? -21.523 2.108   2.137   1.00 93.07  ? 117 GLN A CG  1 
ATOM   894  C  CD  . GLN A 1 120 ? -22.871 1.613   1.606   1.00 97.11  ? 117 GLN A CD  1 
ATOM   895  O  OE1 . GLN A 1 120 ? -22.925 0.799   0.676   1.00 92.49  ? 117 GLN A OE1 1 
ATOM   896  N  NE2 . GLN A 1 120 ? -23.970 2.101   2.205   1.00 82.06  ? 117 GLN A NE2 1 
ATOM   897  N  N   . LEU A 1 121 ? -19.186 -1.348  2.832   1.00 79.70  ? 118 LEU A N   1 
ATOM   898  C  CA  . LEU A 1 121 ? -19.363 -2.588  3.579   1.00 74.41  ? 118 LEU A CA  1 
ATOM   899  C  C   . LEU A 1 121 ? -18.418 -2.661  4.762   1.00 68.46  ? 118 LEU A C   1 
ATOM   900  O  O   . LEU A 1 121 ? -18.760 -3.247  5.795   1.00 75.00  ? 118 LEU A O   1 
ATOM   901  C  CB  . LEU A 1 121 ? -19.161 -3.792  2.670   1.00 72.38  ? 118 LEU A CB  1 
ATOM   902  C  CG  . LEU A 1 121 ? -20.467 -4.465  2.257   1.00 85.87  ? 118 LEU A CG  1 
ATOM   903  C  CD1 . LEU A 1 121 ? -21.125 -5.192  3.453   1.00 77.03  ? 118 LEU A CD1 1 
ATOM   904  C  CD2 . LEU A 1 121 ? -21.413 -3.442  1.635   1.00 86.36  ? 118 LEU A CD2 1 
ATOM   905  N  N   . LEU A 1 122 ? -17.246 -2.044  4.643   1.00 72.57  ? 119 LEU A N   1 
ATOM   906  C  CA  . LEU A 1 122 ? -16.289 -2.016  5.743   1.00 76.06  ? 119 LEU A CA  1 
ATOM   907  C  C   . LEU A 1 122 ? -16.857 -1.263  6.936   1.00 70.66  ? 119 LEU A C   1 
ATOM   908  O  O   . LEU A 1 122 ? -16.965 -1.807  8.047   1.00 71.51  ? 119 LEU A O   1 
ATOM   909  C  CB  . LEU A 1 122 ? -14.986 -1.370  5.274   1.00 69.94  ? 119 LEU A CB  1 
ATOM   910  C  CG  . LEU A 1 122 ? -13.707 -1.941  5.860   1.00 66.21  ? 119 LEU A CG  1 
ATOM   911  C  CD1 . LEU A 1 122 ? -13.581 -3.404  5.470   1.00 65.65  ? 119 LEU A CD1 1 
ATOM   912  C  CD2 . LEU A 1 122 ? -12.522 -1.114  5.368   1.00 75.23  ? 119 LEU A CD2 1 
ATOM   913  N  N   . GLN A 1 123 ? -17.241 0.002   6.720   1.00 74.14  ? 120 GLN A N   1 
ATOM   914  C  CA  . GLN A 1 123 ? -17.797 0.774   7.827   1.00 80.98  ? 120 GLN A CA  1 
ATOM   915  C  C   . GLN A 1 123 ? -19.143 0.213   8.275   1.00 77.65  ? 120 GLN A C   1 
ATOM   916  O  O   . GLN A 1 123 ? -19.479 0.307   9.460   1.00 78.45  ? 120 GLN A O   1 
ATOM   917  C  CB  . GLN A 1 123 ? -17.888 2.260   7.458   1.00 79.70  ? 120 GLN A CB  1 
ATOM   918  C  CG  . GLN A 1 123 ? -19.172 2.738   6.830   1.00 76.81  ? 120 GLN A CG  1 
ATOM   919  C  CD  . GLN A 1 123 ? -19.326 4.246   6.974   1.00 89.99  ? 120 GLN A CD  1 
ATOM   920  O  OE1 . GLN A 1 123 ? -19.575 4.749   8.068   1.00 100.10 ? 120 GLN A OE1 1 
ATOM   921  N  NE2 . GLN A 1 123 ? -19.142 4.976   5.876   1.00 86.02  ? 120 GLN A NE2 1 
ATOM   922  N  N   . HIS A 1 124 ? -19.898 -0.424  7.373   1.00 71.17  ? 121 HIS A N   1 
ATOM   923  C  CA  . HIS A 1 124 ? -21.114 -1.106  7.793   1.00 73.90  ? 121 HIS A CA  1 
ATOM   924  C  C   . HIS A 1 124 ? -20.798 -2.189  8.808   1.00 75.69  ? 121 HIS A C   1 
ATOM   925  O  O   . HIS A 1 124 ? -21.362 -2.204  9.910   1.00 72.42  ? 121 HIS A O   1 
ATOM   926  C  CB  . HIS A 1 124 ? -21.841 -1.707  6.589   1.00 73.59  ? 121 HIS A CB  1 
ATOM   927  C  CG  . HIS A 1 124 ? -22.925 -2.673  6.966   1.00 77.62  ? 121 HIS A CG  1 
ATOM   928  N  ND1 . HIS A 1 124 ? -24.117 -2.272  7.535   1.00 76.88  ? 121 HIS A ND1 1 
ATOM   929  C  CD2 . HIS A 1 124 ? -22.989 -4.025  6.872   1.00 71.94  ? 121 HIS A CD2 1 
ATOM   930  C  CE1 . HIS A 1 124 ? -24.868 -3.334  7.770   1.00 73.34  ? 121 HIS A CE1 1 
ATOM   931  N  NE2 . HIS A 1 124 ? -24.209 -4.411  7.371   1.00 71.27  ? 121 HIS A NE2 1 
ATOM   932  N  N   . ARG A 1 125 ? -19.891 -3.111  8.455   1.00 73.23  ? 122 ARG A N   1 
ATOM   933  C  CA  . ARG A 1 125 ? -19.537 -4.180  9.384   1.00 74.57  ? 122 ARG A CA  1 
ATOM   934  C  C   . ARG A 1 125 ? -18.934 -3.621  10.662  1.00 76.64  ? 122 ARG A C   1 
ATOM   935  O  O   . ARG A 1 125 ? -18.935 -4.309  11.689  1.00 79.06  ? 122 ARG A O   1 
ATOM   936  C  CB  . ARG A 1 125 ? -18.577 -5.179  8.725   1.00 71.92  ? 122 ARG A CB  1 
ATOM   937  C  CG  . ARG A 1 125 ? -19.222 -5.998  7.606   1.00 75.30  ? 122 ARG A CG  1 
ATOM   938  C  CD  . ARG A 1 125 ? -18.377 -7.194  7.162   1.00 68.14  ? 122 ARG A CD  1 
ATOM   939  N  NE  . ARG A 1 125 ? -17.083 -6.803  6.601   1.00 79.50  ? 122 ARG A NE  1 
ATOM   940  C  CZ  . ARG A 1 125 ? -16.865 -6.548  5.308   1.00 86.50  ? 122 ARG A CZ  1 
ATOM   941  N  NH1 . ARG A 1 125 ? -17.864 -6.631  4.434   1.00 89.09  ? 122 ARG A NH1 1 
ATOM   942  N  NH2 . ARG A 1 125 ? -15.654 -6.191  4.882   1.00 79.79  ? 122 ARG A NH2 1 
ATOM   943  N  N   . ASN A 1 126 ? -18.448 -2.375  10.633  1.00 74.08  ? 123 ASN A N   1 
ATOM   944  C  CA  . ASN A 1 126 ? -17.964 -1.765  11.870  1.00 79.89  ? 123 ASN A CA  1 
ATOM   945  C  C   . ASN A 1 126 ? -19.051 -1.090  12.718  1.00 81.37  ? 123 ASN A C   1 
ATOM   946  O  O   . ASN A 1 126 ? -18.885 -0.986  13.941  1.00 84.23  ? 123 ASN A O   1 
ATOM   947  C  CB  . ASN A 1 126 ? -16.873 -0.738  11.571  1.00 72.40  ? 123 ASN A CB  1 
ATOM   948  C  CG  . ASN A 1 126 ? -16.135 -0.312  12.819  1.00 73.29  ? 123 ASN A CG  1 
ATOM   949  O  OD1 . ASN A 1 126 ? -15.679 -1.156  13.592  1.00 77.62  ? 123 ASN A OD1 1 
ATOM   950  N  ND2 . ASN A 1 126 ? -16.037 0.999   13.040  1.00 71.77  ? 123 ASN A ND2 1 
ATOM   951  N  N   . GLN A 1 127 ? -20.145 -0.604  12.121  1.00 76.58  ? 124 GLN A N   1 
ATOM   952  C  CA  . GLN A 1 127 ? -21.159 0.102   12.910  1.00 85.07  ? 124 GLN A CA  1 
ATOM   953  C  C   . GLN A 1 127 ? -22.117 -0.850  13.619  1.00 87.07  ? 124 GLN A C   1 
ATOM   954  O  O   . GLN A 1 127 ? -22.696 -0.492  14.653  1.00 90.17  ? 124 GLN A O   1 
ATOM   955  C  CB  . GLN A 1 127 ? -21.967 1.058   12.026  1.00 80.74  ? 124 GLN A CB  1 
ATOM   956  C  CG  . GLN A 1 127 ? -21.241 2.329   11.617  1.00 84.94  ? 124 GLN A CG  1 
ATOM   957  C  CD  . GLN A 1 127 ? -21.781 2.904   10.316  1.00 93.44  ? 124 GLN A CD  1 
ATOM   958  O  OE1 . GLN A 1 127 ? -22.560 2.251   9.611   1.00 88.53  ? 124 GLN A OE1 1 
ATOM   959  N  NE2 . GLN A 1 127 ? -21.367 4.130   9.988   1.00 88.25  ? 124 GLN A NE2 1 
ATOM   960  N  N   . TRP A 1 128 ? -22.291 -2.050  13.086  1.00 82.63  ? 125 TRP A N   1 
ATOM   961  C  CA  . TRP A 1 128 ? -23.281 -2.993  13.566  1.00 80.85  ? 125 TRP A CA  1 
ATOM   962  C  C   . TRP A 1 128 ? -22.622 -4.353  13.741  1.00 88.26  ? 125 TRP A C   1 
ATOM   963  O  O   . TRP A 1 128 ? -21.808 -4.764  12.910  1.00 93.15  ? 125 TRP A O   1 
ATOM   964  C  CB  . TRP A 1 128 ? -24.463 -3.056  12.589  1.00 80.29  ? 125 TRP A CB  1 
ATOM   965  C  CG  . TRP A 1 128 ? -25.415 -1.889  12.760  1.00 88.49  ? 125 TRP A CG  1 
ATOM   966  C  CD1 . TRP A 1 128 ? -26.315 -1.704  13.783  1.00 89.56  ? 125 TRP A CD1 1 
ATOM   967  C  CD2 . TRP A 1 128 ? -25.556 -0.746  11.894  1.00 85.99  ? 125 TRP A CD2 1 
ATOM   968  N  NE1 . TRP A 1 128 ? -27.007 -0.520  13.603  1.00 95.40  ? 125 TRP A NE1 1 
ATOM   969  C  CE2 . TRP A 1 128 ? -26.564 0.084   12.453  1.00 89.65  ? 125 TRP A CE2 1 
ATOM   970  C  CE3 . TRP A 1 128 ? -24.942 -0.348  10.701  1.00 84.89  ? 125 TRP A CE3 1 
ATOM   971  C  CZ2 . TRP A 1 128 ? -26.964 1.290   11.855  1.00 90.03  ? 125 TRP A CZ2 1 
ATOM   972  C  CZ3 . TRP A 1 128 ? -25.340 0.859   10.113  1.00 91.33  ? 125 TRP A CZ3 1 
ATOM   973  C  CH2 . TRP A 1 128 ? -26.341 1.660   10.690  1.00 84.95  ? 125 TRP A CH2 1 
ATOM   974  N  N   . SER A 1 129 ? -22.955 -5.036  14.832  1.00 88.97  ? 126 SER A N   1 
ATOM   975  C  CA  . SER A 1 129 ? -22.305 -6.300  15.144  1.00 90.69  ? 126 SER A CA  1 
ATOM   976  C  C   . SER A 1 129 ? -22.797 -7.405  14.205  1.00 89.73  ? 126 SER A C   1 
ATOM   977  O  O   . SER A 1 129 ? -23.872 -7.309  13.598  1.00 84.84  ? 126 SER A O   1 
ATOM   978  C  CB  . SER A 1 129 ? -22.560 -6.677  16.605  1.00 98.27  ? 126 SER A CB  1 
ATOM   979  O  OG  . SER A 1 129 ? -22.624 -8.082  16.770  1.00 113.85 ? 126 SER A OG  1 
ATOM   980  N  N   . HIS A 1 130 ? -21.989 -8.476  14.091  1.00 88.31  ? 127 HIS A N   1 
ATOM   981  C  CA  . HIS A 1 130 ? -22.296 -9.574  13.173  1.00 90.99  ? 127 HIS A CA  1 
ATOM   982  C  C   . HIS A 1 130 ? -21.873 -10.932 13.731  1.00 103.79 ? 127 HIS A C   1 
ATOM   983  O  O   . HIS A 1 130 ? -21.299 -10.997 14.826  1.00 109.85 ? 127 HIS A O   1 
ATOM   984  C  CB  . HIS A 1 130 ? -21.624 -9.325  11.824  1.00 90.44  ? 127 HIS A CB  1 
ATOM   985  C  CG  . HIS A 1 130 ? -22.335 -8.317  10.981  1.00 82.74  ? 127 HIS A CG  1 
ATOM   986  N  ND1 . HIS A 1 130 ? -22.078 -6.966  11.063  1.00 78.30  ? 127 HIS A ND1 1 
ATOM   987  C  CD2 . HIS A 1 130 ? -23.309 -8.460  10.051  1.00 84.57  ? 127 HIS A CD2 1 
ATOM   988  C  CE1 . HIS A 1 130 ? -22.861 -6.320  10.215  1.00 79.99  ? 127 HIS A CE1 1 
ATOM   989  N  NE2 . HIS A 1 130 ? -23.619 -7.203  9.590   1.00 77.34  ? 127 HIS A NE2 1 
ATOM   990  N  N   . PRO A 1 131 ? -22.179 -12.054 13.037  1.00 110.04 ? 128 PRO A N   1 
ATOM   991  C  CA  . PRO A 1 131 ? -21.645 -13.365 13.446  1.00 111.29 ? 128 PRO A CA  1 
ATOM   992  C  C   . PRO A 1 131 ? -20.414 -13.822 12.650  1.00 107.01 ? 128 PRO A C   1 
ATOM   993  O  O   . PRO A 1 131 ? -20.258 -13.482 11.474  1.00 102.96 ? 128 PRO A O   1 
ATOM   994  C  CB  . PRO A 1 131 ? -22.828 -14.325 13.198  1.00 105.01 ? 128 PRO A CB  1 
ATOM   995  C  CG  . PRO A 1 131 ? -23.960 -13.474 12.598  1.00 95.98  ? 128 PRO A CG  1 
ATOM   996  C  CD  . PRO A 1 131 ? -23.315 -12.213 12.111  1.00 104.26 ? 128 PRO A CD  1 
HETATM 997  NI NI  . NI  B 2 .   ? 8.179   0.672   7.122   1.00 69.46  ? 201 NI  A NI  1 
HETATM 998  NI NI  . NI  C 2 .   ? 1.230   10.541  -4.994  1.00 129.22 ? 202 NI  A NI  1 
HETATM 999  O  O   . HOH D 3 .   ? -24.821 -0.008  7.392   1.00 62.10  ? 301 HOH A O   1 
HETATM 1000 O  O   . HOH D 3 .   ? 20.555  -9.088  -13.306 1.00 62.10  ? 302 HOH A O   1 
HETATM 1001 O  O   . HOH D 3 .   ? 20.401  -14.807 -11.532 1.00 51.67  ? 303 HOH A O   1 
HETATM 1002 O  O   . HOH D 3 .   ? 17.039  -4.446  -15.665 1.00 55.38  ? 304 HOH A O   1 
HETATM 1003 O  O   . HOH D 3 .   ? 25.589  -6.853  -7.069  1.00 55.63  ? 305 HOH A O   1 
HETATM 1004 O  O   . HOH D 3 .   ? 16.927  -2.585  4.393   1.00 67.01  ? 306 HOH A O   1 
HETATM 1005 O  O   . HOH D 3 .   ? 26.509  -5.255  -9.074  0.33 50.91  ? 307 HOH A O   1 
# 
loop_
_pdbx_poly_seq_scheme.asym_id 
_pdbx_poly_seq_scheme.entity_id 
_pdbx_poly_seq_scheme.seq_id 
_pdbx_poly_seq_scheme.mon_id 
_pdbx_poly_seq_scheme.ndb_seq_num 
_pdbx_poly_seq_scheme.pdb_seq_num 
_pdbx_poly_seq_scheme.auth_seq_num 
_pdbx_poly_seq_scheme.pdb_mon_id 
_pdbx_poly_seq_scheme.auth_mon_id 
_pdbx_poly_seq_scheme.pdb_strand_id 
_pdbx_poly_seq_scheme.pdb_ins_code 
_pdbx_poly_seq_scheme.hetero 
A 1 1   SER 1   -2  ?   ?   ?   A . n 
A 1 2   ASN 2   -1  ?   ?   ?   A . n 
A 1 3   ALA 3   0   ?   ?   ?   A . n 
A 1 4   MET 4   1   ?   ?   ?   A . n 
A 1 5   ASN 5   2   ?   ?   ?   A . n 
A 1 6   ASP 6   3   ?   ?   ?   A . n 
A 1 7   TRP 7   4   ?   ?   ?   A . n 
A 1 8   ALA 8   5   ?   ?   ?   A . n 
A 1 9   SER 9   6   ?   ?   ?   A . n 
A 1 10  LEU 10  7   ?   ?   ?   A . n 
A 1 11  GLY 11  8   ?   ?   ?   A . n 
A 1 12  ILE 12  9   ?   ?   ?   A . n 
A 1 13  GLY 13  10  ?   ?   ?   A . n 
A 1 14  SER 14  11  11  SER SER A . n 
A 1 15  ILE 15  12  12  ILE ILE A . n 
A 1 16  GLY 16  13  13  GLY GLY A . n 
A 1 17  GLU 17  14  14  GLU GLU A . n 
A 1 18  ALA 18  15  15  ALA ALA A . n 
A 1 19  VAL 19  16  16  VAL VAL A . n 
A 1 20  PHE 20  17  17  PHE PHE A . n 
A 1 21  SER 21  18  18  SER SER A . n 
A 1 22  LYS 22  19  19  LYS LYS A . n 
A 1 23  LEU 23  20  20  LEU LEU A . n 
A 1 24  LEU 24  21  21  LEU LEU A . n 
A 1 25  LYS 25  22  22  LYS LYS A . n 
A 1 26  VAL 26  23  23  VAL VAL A . n 
A 1 27  VAL 27  24  24  VAL VAL A . n 
A 1 28  ILE 28  25  25  ILE ILE A . n 
A 1 29  ASP 29  26  26  ASP ASP A . n 
A 1 30  GLU 30  27  27  GLU GLU A . n 
A 1 31  ALA 31  28  28  ALA ALA A . n 
A 1 32  LYS 32  29  29  LYS LYS A . n 
A 1 33  LYS 33  30  30  LYS LYS A . n 
A 1 34  PHE 34  31  31  PHE PHE A . n 
A 1 35  LYS 35  32  32  LYS LYS A . n 
A 1 36  ALA 36  33  33  ALA ALA A . n 
A 1 37  PHE 37  34  34  PHE PHE A . n 
A 1 38  LYS 38  35  35  LYS LYS A . n 
A 1 39  PRO 39  36  36  PRO PRO A . n 
A 1 40  LEU 40  37  37  LEU LEU A . n 
A 1 41  SER 41  38  38  SER SER A . n 
A 1 42  LYS 42  39  39  LYS LYS A . n 
A 1 43  ASP 43  40  40  ASP ASP A . n 
A 1 44  LEU 44  41  41  LEU LEU A . n 
A 1 45  VAL 45  42  42  VAL VAL A . n 
A 1 46  SER 46  43  43  SER SER A . n 
A 1 47  THR 47  44  44  THR THR A . n 
A 1 48  MET 48  45  45  MET MET A . n 
A 1 49  GLU 49  46  46  GLU GLU A . n 
A 1 50  ILE 50  47  47  ILE ILE A . n 
A 1 51  LEU 51  48  48  LEU LEU A . n 
A 1 52  PHE 52  49  49  PHE PHE A . n 
A 1 53  PRO 53  50  50  PRO PRO A . n 
A 1 54  LEU 54  51  51  LEU LEU A . n 
A 1 55  THR 55  52  52  THR THR A . n 
A 1 56  GLN 56  53  53  GLN GLN A . n 
A 1 57  LYS 57  54  54  LYS LYS A . n 
A 1 58  ILE 58  55  55  ILE ILE A . n 
A 1 59  ASP 59  56  56  ASP ASP A . n 
A 1 60  SER 60  57  57  SER SER A . n 
A 1 61  MET 61  58  58  MET MET A . n 
A 1 62  GLN 62  59  59  GLN GLN A . n 
A 1 63  LYS 63  60  60  LYS LYS A . n 
A 1 64  GLU 64  61  61  GLU GLU A . n 
A 1 65  LEU 65  62  62  LEU LEU A . n 
A 1 66  ASP 66  63  63  ASP ASP A . n 
A 1 67  PHE 67  64  64  PHE PHE A . n 
A 1 68  GLY 68  65  65  GLY GLY A . n 
A 1 69  VAL 69  66  66  VAL VAL A . n 
A 1 70  LYS 70  67  67  LYS LYS A . n 
A 1 71  GLU 71  68  68  GLU GLU A . n 
A 1 72  LEU 72  69  69  LEU LEU A . n 
A 1 73  LYS 73  70  70  LYS LYS A . n 
A 1 74  GLU 74  71  71  GLU GLU A . n 
A 1 75  LEU 75  72  72  LEU LEU A . n 
A 1 76  ARG 76  73  73  ARG ARG A . n 
A 1 77  ASP 77  74  74  ASP ASP A . n 
A 1 78  THR 78  75  75  THR THR A . n 
A 1 79  ILE 79  76  76  ILE ILE A . n 
A 1 80  GLU 80  77  77  GLU GLU A . n 
A 1 81  ARG 81  78  78  ARG ARG A . n 
A 1 82  ALA 82  79  79  ALA ALA A . n 
A 1 83  ASP 83  80  80  ASP ASP A . n 
A 1 84  VAL 84  81  81  VAL VAL A . n 
A 1 85  ALA 85  82  82  ALA ALA A . n 
A 1 86  VAL 86  83  83  VAL VAL A . n 
A 1 87  ARG 87  84  84  ARG ARG A . n 
A 1 88  LYS 88  85  85  LYS LYS A . n 
A 1 89  PHE 89  86  86  PHE PHE A . n 
A 1 90  PRO 90  87  87  PRO PRO A . n 
A 1 91  ARG 91  88  88  ARG ARG A . n 
A 1 92  VAL 92  89  89  VAL VAL A . n 
A 1 93  LYS 93  90  90  LYS LYS A . n 
A 1 94  TRP 94  91  91  TRP TRP A . n 
A 1 95  TYR 95  92  92  TYR TYR A . n 
A 1 96  GLU 96  93  93  GLU GLU A . n 
A 1 97  GLU 97  94  94  GLU GLU A . n 
A 1 98  SER 98  95  95  SER SER A . n 
A 1 99  GLU 99  96  96  GLU GLU A . n 
A 1 100 TYR 100 97  97  TYR TYR A . n 
A 1 101 THR 101 98  98  THR THR A . n 
A 1 102 ARG 102 99  99  ARG ARG A . n 
A 1 103 LYS 103 100 100 LYS LYS A . n 
A 1 104 ILE 104 101 101 ILE ILE A . n 
A 1 105 GLU 105 102 102 GLU GLU A . n 
A 1 106 ARG 106 103 103 ARG ARG A . n 
A 1 107 ILE 107 104 104 ILE ILE A . n 
A 1 108 ASN 108 105 105 ASN ASN A . n 
A 1 109 LYS 109 106 106 LYS LYS A . n 
A 1 110 ASP 110 107 107 ASP ASP A . n 
A 1 111 MET 111 108 108 MET MET A . n 
A 1 112 LEU 112 109 109 LEU LEU A . n 
A 1 113 LYS 113 110 110 LYS LYS A . n 
A 1 114 PHE 114 111 111 PHE PHE A . n 
A 1 115 CYS 115 112 112 CYS CYS A . n 
A 1 116 GLN 116 113 113 GLN GLN A . n 
A 1 117 ILE 117 114 114 ILE ILE A . n 
A 1 118 ASP 118 115 115 ASP ASP A . n 
A 1 119 LEU 119 116 116 LEU LEU A . n 
A 1 120 GLN 120 117 117 GLN GLN A . n 
A 1 121 LEU 121 118 118 LEU LEU A . n 
A 1 122 LEU 122 119 119 LEU LEU A . n 
A 1 123 GLN 123 120 120 GLN GLN A . n 
A 1 124 HIS 124 121 121 HIS HIS A . n 
A 1 125 ARG 125 122 122 ARG ARG A . n 
A 1 126 ASN 126 123 123 ASN ASN A . n 
A 1 127 GLN 127 124 124 GLN GLN A . n 
A 1 128 TRP 128 125 125 TRP TRP A . n 
A 1 129 SER 129 126 126 SER SER A . n 
A 1 130 HIS 130 127 127 HIS HIS A . n 
A 1 131 PRO 131 128 128 PRO PRO A . n 
A 1 132 GLN 132 129 ?   ?   ?   A . n 
A 1 133 PHE 133 130 ?   ?   ?   A . n 
A 1 134 GLU 134 131 ?   ?   ?   A . n 
A 1 135 LYS 135 132 ?   ?   ?   A . n 
# 
loop_
_pdbx_nonpoly_scheme.asym_id 
_pdbx_nonpoly_scheme.entity_id 
_pdbx_nonpoly_scheme.mon_id 
_pdbx_nonpoly_scheme.ndb_seq_num 
_pdbx_nonpoly_scheme.pdb_seq_num 
_pdbx_nonpoly_scheme.auth_seq_num 
_pdbx_nonpoly_scheme.pdb_mon_id 
_pdbx_nonpoly_scheme.auth_mon_id 
_pdbx_nonpoly_scheme.pdb_strand_id 
_pdbx_nonpoly_scheme.pdb_ins_code 
B 2 NI  1 201 1 NI  NI  A . 
C 2 NI  1 202 2 NI  NI  A . 
D 3 HOH 1 301 6 HOH HOH A . 
D 3 HOH 2 302 7 HOH HOH A . 
D 3 HOH 3 303 1 HOH HOH A . 
D 3 HOH 4 304 2 HOH HOH A . 
D 3 HOH 5 305 5 HOH HOH A . 
D 3 HOH 6 306 4 HOH HOH A . 
D 3 HOH 7 307 3 HOH HOH A . 
# 
_pdbx_struct_assembly.id                   1 
_pdbx_struct_assembly.details              author_defined_assembly 
_pdbx_struct_assembly.method_details       ? 
_pdbx_struct_assembly.oligomeric_details   trimeric 
_pdbx_struct_assembly.oligomeric_count     3 
# 
_pdbx_struct_assembly_gen.assembly_id       1 
_pdbx_struct_assembly_gen.oper_expression   1,2,3 
_pdbx_struct_assembly_gen.asym_id_list      A,B,C,D 
# 
loop_
_pdbx_struct_oper_list.id 
_pdbx_struct_oper_list.type 
_pdbx_struct_oper_list.name 
_pdbx_struct_oper_list.symmetry_operation 
_pdbx_struct_oper_list.matrix[1][1] 
_pdbx_struct_oper_list.matrix[1][2] 
_pdbx_struct_oper_list.matrix[1][3] 
_pdbx_struct_oper_list.vector[1] 
_pdbx_struct_oper_list.matrix[2][1] 
_pdbx_struct_oper_list.matrix[2][2] 
_pdbx_struct_oper_list.matrix[2][3] 
_pdbx_struct_oper_list.vector[2] 
_pdbx_struct_oper_list.matrix[3][1] 
_pdbx_struct_oper_list.matrix[3][2] 
_pdbx_struct_oper_list.matrix[3][3] 
_pdbx_struct_oper_list.vector[3] 
1 'identity operation'         1_555 x,y,z     1.0000000000  0.0000000000  0.0000000000 0.0000000000  0.0000000000  1.0000000000  0.0000000000  0.0000000000   0.0000000000 0.0000000000  1.0000000000 0.0000000000   
2 'crystal symmetry operation' 2_555 -y,x-y,z  -0.0452433096 0.9497919353  0.3095938026 35.5096243526 -0.3542540460 -0.3050246511 0.8840045436  10.5540227132  0.9340541279 -0.0696795660 0.3502679607 -31.0230877732 
3 'crystal symmetry operation' 3_555 -x+y,-x,z -0.0452433096 -0.3542540460 0.9340541279 34.3226213698 0.9497919353  -0.3050246511 -0.0696795660 -32.6691930304 0.3095938026 0.8840045436  0.3502679607 -9.4569699760 
# 
_pdbx_struct_special_symmetry.id              1 
_pdbx_struct_special_symmetry.PDB_model_num   1 
_pdbx_struct_special_symmetry.auth_asym_id    A 
_pdbx_struct_special_symmetry.auth_comp_id    HOH 
_pdbx_struct_special_symmetry.auth_seq_id     307 
_pdbx_struct_special_symmetry.PDB_ins_code    ? 
_pdbx_struct_special_symmetry.label_asym_id   D 
_pdbx_struct_special_symmetry.label_comp_id   HOH 
_pdbx_struct_special_symmetry.label_seq_id    . 
# 
loop_
_pdbx_struct_conn_angle.id 
_pdbx_struct_conn_angle.ptnr1_label_atom_id 
_pdbx_struct_conn_angle.ptnr1_label_alt_id 
_pdbx_struct_conn_angle.ptnr1_label_asym_id 
_pdbx_struct_conn_angle.ptnr1_label_comp_id 
_pdbx_struct_conn_angle.ptnr1_label_seq_id 
_pdbx_struct_conn_angle.ptnr1_auth_atom_id 
_pdbx_struct_conn_angle.ptnr1_auth_asym_id 
_pdbx_struct_conn_angle.ptnr1_auth_comp_id 
_pdbx_struct_conn_angle.ptnr1_auth_seq_id 
_pdbx_struct_conn_angle.ptnr1_PDB_ins_code 
_pdbx_struct_conn_angle.ptnr1_symmetry 
_pdbx_struct_conn_angle.ptnr2_label_atom_id 
_pdbx_struct_conn_angle.ptnr2_label_alt_id 
_pdbx_struct_conn_angle.ptnr2_label_asym_id 
_pdbx_struct_conn_angle.ptnr2_label_comp_id 
_pdbx_struct_conn_angle.ptnr2_label_seq_id 
_pdbx_struct_conn_angle.ptnr2_auth_atom_id 
_pdbx_struct_conn_angle.ptnr2_auth_asym_id 
_pdbx_struct_conn_angle.ptnr2_auth_comp_id 
_pdbx_struct_conn_angle.ptnr2_auth_seq_id 
_pdbx_struct_conn_angle.ptnr2_PDB_ins_code 
_pdbx_struct_conn_angle.ptnr2_symmetry 
_pdbx_struct_conn_angle.ptnr3_label_atom_id 
_pdbx_struct_conn_angle.ptnr3_label_alt_id 
_pdbx_struct_conn_angle.ptnr3_label_asym_id 
_pdbx_struct_conn_angle.ptnr3_label_comp_id 
_pdbx_struct_conn_angle.ptnr3_label_seq_id 
_pdbx_struct_conn_angle.ptnr3_auth_atom_id 
_pdbx_struct_conn_angle.ptnr3_auth_asym_id 
_pdbx_struct_conn_angle.ptnr3_auth_comp_id 
_pdbx_struct_conn_angle.ptnr3_auth_seq_id 
_pdbx_struct_conn_angle.ptnr3_PDB_ins_code 
_pdbx_struct_conn_angle.ptnr3_symmetry 
_pdbx_struct_conn_angle.value 
_pdbx_struct_conn_angle.value_esd 
1  OE1 ? A GLU 80  ? A GLU 77  ? 1_555 NI ? B NI . ? A NI 201 ? 1_555 OE2 ? A GLU 80  ? A GLU 77  ? 1_555 54.3  ? 
2  OE1 ? A GLU 80  ? A GLU 77  ? 1_555 NI ? B NI . ? A NI 201 ? 1_555 OD2 ? A ASP 83  ? A ASP 80  ? 1_555 91.1  ? 
3  OE2 ? A GLU 80  ? A GLU 77  ? 1_555 NI ? B NI . ? A NI 201 ? 1_555 OD2 ? A ASP 83  ? A ASP 80  ? 1_555 144.4 ? 
4  OE1 ? A GLU 80  ? A GLU 77  ? 1_555 NI ? B NI . ? A NI 201 ? 1_555 NE2 ? A HIS 124 ? A HIS 121 ? 1_555 16.6  ? 
5  OE2 ? A GLU 80  ? A GLU 77  ? 1_555 NI ? B NI . ? A NI 201 ? 1_555 NE2 ? A HIS 124 ? A HIS 121 ? 1_555 50.2  ? 
6  OD2 ? A ASP 83  ? A ASP 80  ? 1_555 NI ? B NI . ? A NI 201 ? 1_555 NE2 ? A HIS 124 ? A HIS 121 ? 1_555 99.2  ? 
7  OE1 ? A GLU 80  ? A GLU 77  ? 1_555 NI ? B NI . ? A NI 201 ? 1_555 NE2 ? A HIS 130 ? A HIS 127 ? 1_555 18.9  ? 
8  OE2 ? A GLU 80  ? A GLU 77  ? 1_555 NI ? B NI . ? A NI 201 ? 1_555 NE2 ? A HIS 130 ? A HIS 127 ? 1_555 43.9  ? 
9  OD2 ? A ASP 83  ? A ASP 80  ? 1_555 NI ? B NI . ? A NI 201 ? 1_555 NE2 ? A HIS 130 ? A HIS 127 ? 1_555 105.2 ? 
10 NE2 ? A HIS 124 ? A HIS 121 ? 1_555 NI ? B NI . ? A NI 201 ? 1_555 NE2 ? A HIS 130 ? A HIS 127 ? 1_555 6.3   ? 
# 
loop_
_pdbx_audit_revision_history.ordinal 
_pdbx_audit_revision_history.data_content_type 
_pdbx_audit_revision_history.major_revision 
_pdbx_audit_revision_history.minor_revision 
_pdbx_audit_revision_history.revision_date 
1 'Structure model' 1 0 2021-06-16 
2 'Structure model' 1 1 2021-07-14 
3 'Structure model' 1 2 2021-07-28 
4 'Structure model' 1 3 2021-09-01 
5 'Structure model' 1 4 2021-09-08 
6 'Structure model' 1 5 2023-10-18 
# 
_pdbx_audit_revision_details.ordinal             1 
_pdbx_audit_revision_details.revision_ordinal    1 
_pdbx_audit_revision_details.data_content_type   'Structure model' 
_pdbx_audit_revision_details.provider            repository 
_pdbx_audit_revision_details.type                'Initial release' 
_pdbx_audit_revision_details.description         ? 
_pdbx_audit_revision_details.details             ? 
# 
loop_
_pdbx_audit_revision_group.ordinal 
_pdbx_audit_revision_group.revision_ordinal 
_pdbx_audit_revision_group.data_content_type 
_pdbx_audit_revision_group.group 
1 2 'Structure model' 'Database references'    
2 3 'Structure model' 'Database references'    
3 4 'Structure model' 'Data collection'        
4 4 'Structure model' 'Database references'    
5 5 'Structure model' 'Database references'    
6 6 'Structure model' 'Data collection'        
7 6 'Structure model' 'Refinement description' 
# 
loop_
_pdbx_audit_revision_category.ordinal 
_pdbx_audit_revision_category.revision_ordinal 
_pdbx_audit_revision_category.data_content_type 
_pdbx_audit_revision_category.category 
1  2 'Structure model' citation                      
2  2 'Structure model' citation_author               
3  3 'Structure model' citation_author               
4  4 'Structure model' database_2                    
5  4 'Structure model' diffrn_radiation_wavelength   
6  5 'Structure model' citation                      
7  5 'Structure model' citation_author               
8  6 'Structure model' chem_comp_atom                
9  6 'Structure model' chem_comp_bond                
10 6 'Structure model' pdbx_initial_refinement_model 
# 
loop_
_pdbx_audit_revision_item.ordinal 
_pdbx_audit_revision_item.revision_ordinal 
_pdbx_audit_revision_item.data_content_type 
_pdbx_audit_revision_item.item 
1  2 'Structure model' '_citation.pdbx_database_id_PubMed'       
2  2 'Structure model' '_citation.title'                         
3  2 'Structure model' '_citation_author.name'                   
4  3 'Structure model' '_citation_author.identifier_ORCID'       
5  4 'Structure model' '_database_2.pdbx_DOI'                    
6  4 'Structure model' '_database_2.pdbx_database_accession'     
7  4 'Structure model' '_diffrn_radiation_wavelength.wavelength' 
8  5 'Structure model' '_citation.journal_volume'                
9  5 'Structure model' '_citation.page_first'                    
10 5 'Structure model' '_citation.page_last'                     
11 5 'Structure model' '_citation_author.identifier_ORCID'       
# 
_phasing.method   MR 
# 
loop_
_software.citation_id 
_software.classification 
_software.compiler_name 
_software.compiler_version 
_software.contact_author 
_software.contact_author_email 
_software.date 
_software.description 
_software.dependencies 
_software.hardware 
_software.language 
_software.location 
_software.mods 
_software.name 
_software.os 
_software.os_version 
_software.type 
_software.version 
_software.pdbx_ordinal 
? refinement        ? ? ?                    ?                           ?               ? ? ? ?   ? ? PHENIX      ? ? ?       
1.17.1_3660 1 
? 'data reduction'  ? ? 'Zbyszek Otwinowski' hkl@hkl-xray.com            ?               ? ? ? ?   http://www.hkl-xray.com/ ? 
DENZO       ? ? program .           2 
? 'data scaling'    ? ? 'Zbyszek Otwinowski' hkl@hkl-xray.com            ?               ? ? ? ?   http://www.hkl-xray.com/ ? 
SCALEPACK   ? ? program .           3 
? phasing           ? ? 'Randy J. Read'      cimr-phaser@lists.cam.ac.uk ?               ? ? ? ?   
http://www-structmed.cimr.cam.ac.uk/phaser/ ? PHASER      ? ? program .           4 
? 'data extraction' ? ? PDB                  deposit@deposit.rcsb.org    'Oct. 31, 2020' ? ? ? C++ 
http://sw-tools.pdb.org/apps/PDB_EXTRACT/   ? PDB_EXTRACT ? ? package 3.27        5 
# 
_pdbx_entry_details.entry_id                 7L7W 
_pdbx_entry_details.has_ligand_of_interest   N 
_pdbx_entry_details.compound_details         ? 
_pdbx_entry_details.source_details           ? 
_pdbx_entry_details.nonpolymer_details       ? 
_pdbx_entry_details.sequence_details         ? 
# 
loop_
_pdbx_validate_torsion.id 
_pdbx_validate_torsion.PDB_model_num 
_pdbx_validate_torsion.auth_comp_id 
_pdbx_validate_torsion.auth_asym_id 
_pdbx_validate_torsion.auth_seq_id 
_pdbx_validate_torsion.PDB_ins_code 
_pdbx_validate_torsion.label_alt_id 
_pdbx_validate_torsion.phi 
_pdbx_validate_torsion.psi 
1 1 VAL A 16 ? ? -132.68 -56.22 
2 1 LYS A 39 ? ? -105.58 -64.31 
3 1 MET A 58 ? ? -93.10  36.08  
# 
loop_
_pdbx_unobs_or_zero_occ_residues.id 
_pdbx_unobs_or_zero_occ_residues.PDB_model_num 
_pdbx_unobs_or_zero_occ_residues.polymer_flag 
_pdbx_unobs_or_zero_occ_residues.occupancy_flag 
_pdbx_unobs_or_zero_occ_residues.auth_asym_id 
_pdbx_unobs_or_zero_occ_residues.auth_comp_id 
_pdbx_unobs_or_zero_occ_residues.auth_seq_id 
_pdbx_unobs_or_zero_occ_residues.PDB_ins_code 
_pdbx_unobs_or_zero_occ_residues.label_asym_id 
_pdbx_unobs_or_zero_occ_residues.label_comp_id 
_pdbx_unobs_or_zero_occ_residues.label_seq_id 
1  1 Y 1 A SER -2  ? A SER 1   
2  1 Y 1 A ASN -1  ? A ASN 2   
3  1 Y 1 A ALA 0   ? A ALA 3   
4  1 Y 1 A MET 1   ? A MET 4   
5  1 Y 1 A ASN 2   ? A ASN 5   
6  1 Y 1 A ASP 3   ? A ASP 6   
7  1 Y 1 A TRP 4   ? A TRP 7   
8  1 Y 1 A ALA 5   ? A ALA 8   
9  1 Y 1 A SER 6   ? A SER 9   
10 1 Y 1 A LEU 7   ? A LEU 10  
11 1 Y 1 A GLY 8   ? A GLY 11  
12 1 Y 1 A ILE 9   ? A ILE 12  
13 1 Y 1 A GLY 10  ? A GLY 13  
14 1 Y 1 A GLN 129 ? A GLN 132 
15 1 Y 1 A PHE 130 ? A PHE 133 
16 1 Y 1 A GLU 131 ? A GLU 134 
17 1 Y 1 A LYS 132 ? A LYS 135 
# 
loop_
_chem_comp_atom.comp_id 
_chem_comp_atom.atom_id 
_chem_comp_atom.type_symbol 
_chem_comp_atom.pdbx_aromatic_flag 
_chem_comp_atom.pdbx_stereo_config 
_chem_comp_atom.pdbx_ordinal 
ALA N    N  N N 1   
ALA CA   C  N S 2   
ALA C    C  N N 3   
ALA O    O  N N 4   
ALA CB   C  N N 5   
ALA OXT  O  N N 6   
ALA H    H  N N 7   
ALA H2   H  N N 8   
ALA HA   H  N N 9   
ALA HB1  H  N N 10  
ALA HB2  H  N N 11  
ALA HB3  H  N N 12  
ALA HXT  H  N N 13  
ARG N    N  N N 14  
ARG CA   C  N S 15  
ARG C    C  N N 16  
ARG O    O  N N 17  
ARG CB   C  N N 18  
ARG CG   C  N N 19  
ARG CD   C  N N 20  
ARG NE   N  N N 21  
ARG CZ   C  N N 22  
ARG NH1  N  N N 23  
ARG NH2  N  N N 24  
ARG OXT  O  N N 25  
ARG H    H  N N 26  
ARG H2   H  N N 27  
ARG HA   H  N N 28  
ARG HB2  H  N N 29  
ARG HB3  H  N N 30  
ARG HG2  H  N N 31  
ARG HG3  H  N N 32  
ARG HD2  H  N N 33  
ARG HD3  H  N N 34  
ARG HE   H  N N 35  
ARG HH11 H  N N 36  
ARG HH12 H  N N 37  
ARG HH21 H  N N 38  
ARG HH22 H  N N 39  
ARG HXT  H  N N 40  
ASN N    N  N N 41  
ASN CA   C  N S 42  
ASN C    C  N N 43  
ASN O    O  N N 44  
ASN CB   C  N N 45  
ASN CG   C  N N 46  
ASN OD1  O  N N 47  
ASN ND2  N  N N 48  
ASN OXT  O  N N 49  
ASN H    H  N N 50  
ASN H2   H  N N 51  
ASN HA   H  N N 52  
ASN HB2  H  N N 53  
ASN HB3  H  N N 54  
ASN HD21 H  N N 55  
ASN HD22 H  N N 56  
ASN HXT  H  N N 57  
ASP N    N  N N 58  
ASP CA   C  N S 59  
ASP C    C  N N 60  
ASP O    O  N N 61  
ASP CB   C  N N 62  
ASP CG   C  N N 63  
ASP OD1  O  N N 64  
ASP OD2  O  N N 65  
ASP OXT  O  N N 66  
ASP H    H  N N 67  
ASP H2   H  N N 68  
ASP HA   H  N N 69  
ASP HB2  H  N N 70  
ASP HB3  H  N N 71  
ASP HD2  H  N N 72  
ASP HXT  H  N N 73  
CYS N    N  N N 74  
CYS CA   C  N R 75  
CYS C    C  N N 76  
CYS O    O  N N 77  
CYS CB   C  N N 78  
CYS SG   S  N N 79  
CYS OXT  O  N N 80  
CYS H    H  N N 81  
CYS H2   H  N N 82  
CYS HA   H  N N 83  
CYS HB2  H  N N 84  
CYS HB3  H  N N 85  
CYS HG   H  N N 86  
CYS HXT  H  N N 87  
GLN N    N  N N 88  
GLN CA   C  N S 89  
GLN C    C  N N 90  
GLN O    O  N N 91  
GLN CB   C  N N 92  
GLN CG   C  N N 93  
GLN CD   C  N N 94  
GLN OE1  O  N N 95  
GLN NE2  N  N N 96  
GLN OXT  O  N N 97  
GLN H    H  N N 98  
GLN H2   H  N N 99  
GLN HA   H  N N 100 
GLN HB2  H  N N 101 
GLN HB3  H  N N 102 
GLN HG2  H  N N 103 
GLN HG3  H  N N 104 
GLN HE21 H  N N 105 
GLN HE22 H  N N 106 
GLN HXT  H  N N 107 
GLU N    N  N N 108 
GLU CA   C  N S 109 
GLU C    C  N N 110 
GLU O    O  N N 111 
GLU CB   C  N N 112 
GLU CG   C  N N 113 
GLU CD   C  N N 114 
GLU OE1  O  N N 115 
GLU OE2  O  N N 116 
GLU OXT  O  N N 117 
GLU H    H  N N 118 
GLU H2   H  N N 119 
GLU HA   H  N N 120 
GLU HB2  H  N N 121 
GLU HB3  H  N N 122 
GLU HG2  H  N N 123 
GLU HG3  H  N N 124 
GLU HE2  H  N N 125 
GLU HXT  H  N N 126 
GLY N    N  N N 127 
GLY CA   C  N N 128 
GLY C    C  N N 129 
GLY O    O  N N 130 
GLY OXT  O  N N 131 
GLY H    H  N N 132 
GLY H2   H  N N 133 
GLY HA2  H  N N 134 
GLY HA3  H  N N 135 
GLY HXT  H  N N 136 
HIS N    N  N N 137 
HIS CA   C  N S 138 
HIS C    C  N N 139 
HIS O    O  N N 140 
HIS CB   C  N N 141 
HIS CG   C  Y N 142 
HIS ND1  N  Y N 143 
HIS CD2  C  Y N 144 
HIS CE1  C  Y N 145 
HIS NE2  N  Y N 146 
HIS OXT  O  N N 147 
HIS H    H  N N 148 
HIS H2   H  N N 149 
HIS HA   H  N N 150 
HIS HB2  H  N N 151 
HIS HB3  H  N N 152 
HIS HD1  H  N N 153 
HIS HD2  H  N N 154 
HIS HE1  H  N N 155 
HIS HE2  H  N N 156 
HIS HXT  H  N N 157 
HOH O    O  N N 158 
HOH H1   H  N N 159 
HOH H2   H  N N 160 
ILE N    N  N N 161 
ILE CA   C  N S 162 
ILE C    C  N N 163 
ILE O    O  N N 164 
ILE CB   C  N S 165 
ILE CG1  C  N N 166 
ILE CG2  C  N N 167 
ILE CD1  C  N N 168 
ILE OXT  O  N N 169 
ILE H    H  N N 170 
ILE H2   H  N N 171 
ILE HA   H  N N 172 
ILE HB   H  N N 173 
ILE HG12 H  N N 174 
ILE HG13 H  N N 175 
ILE HG21 H  N N 176 
ILE HG22 H  N N 177 
ILE HG23 H  N N 178 
ILE HD11 H  N N 179 
ILE HD12 H  N N 180 
ILE HD13 H  N N 181 
ILE HXT  H  N N 182 
LEU N    N  N N 183 
LEU CA   C  N S 184 
LEU C    C  N N 185 
LEU O    O  N N 186 
LEU CB   C  N N 187 
LEU CG   C  N N 188 
LEU CD1  C  N N 189 
LEU CD2  C  N N 190 
LEU OXT  O  N N 191 
LEU H    H  N N 192 
LEU H2   H  N N 193 
LEU HA   H  N N 194 
LEU HB2  H  N N 195 
LEU HB3  H  N N 196 
LEU HG   H  N N 197 
LEU HD11 H  N N 198 
LEU HD12 H  N N 199 
LEU HD13 H  N N 200 
LEU HD21 H  N N 201 
LEU HD22 H  N N 202 
LEU HD23 H  N N 203 
LEU HXT  H  N N 204 
LYS N    N  N N 205 
LYS CA   C  N S 206 
LYS C    C  N N 207 
LYS O    O  N N 208 
LYS CB   C  N N 209 
LYS CG   C  N N 210 
LYS CD   C  N N 211 
LYS CE   C  N N 212 
LYS NZ   N  N N 213 
LYS OXT  O  N N 214 
LYS H    H  N N 215 
LYS H2   H  N N 216 
LYS HA   H  N N 217 
LYS HB2  H  N N 218 
LYS HB3  H  N N 219 
LYS HG2  H  N N 220 
LYS HG3  H  N N 221 
LYS HD2  H  N N 222 
LYS HD3  H  N N 223 
LYS HE2  H  N N 224 
LYS HE3  H  N N 225 
LYS HZ1  H  N N 226 
LYS HZ2  H  N N 227 
LYS HZ3  H  N N 228 
LYS HXT  H  N N 229 
MET N    N  N N 230 
MET CA   C  N S 231 
MET C    C  N N 232 
MET O    O  N N 233 
MET CB   C  N N 234 
MET CG   C  N N 235 
MET SD   S  N N 236 
MET CE   C  N N 237 
MET OXT  O  N N 238 
MET H    H  N N 239 
MET H2   H  N N 240 
MET HA   H  N N 241 
MET HB2  H  N N 242 
MET HB3  H  N N 243 
MET HG2  H  N N 244 
MET HG3  H  N N 245 
MET HE1  H  N N 246 
MET HE2  H  N N 247 
MET HE3  H  N N 248 
MET HXT  H  N N 249 
NI  NI   NI N N 250 
PHE N    N  N N 251 
PHE CA   C  N S 252 
PHE C    C  N N 253 
PHE O    O  N N 254 
PHE CB   C  N N 255 
PHE CG   C  Y N 256 
PHE CD1  C  Y N 257 
PHE CD2  C  Y N 258 
PHE CE1  C  Y N 259 
PHE CE2  C  Y N 260 
PHE CZ   C  Y N 261 
PHE OXT  O  N N 262 
PHE H    H  N N 263 
PHE H2   H  N N 264 
PHE HA   H  N N 265 
PHE HB2  H  N N 266 
PHE HB3  H  N N 267 
PHE HD1  H  N N 268 
PHE HD2  H  N N 269 
PHE HE1  H  N N 270 
PHE HE2  H  N N 271 
PHE HZ   H  N N 272 
PHE HXT  H  N N 273 
PRO N    N  N N 274 
PRO CA   C  N S 275 
PRO C    C  N N 276 
PRO O    O  N N 277 
PRO CB   C  N N 278 
PRO CG   C  N N 279 
PRO CD   C  N N 280 
PRO OXT  O  N N 281 
PRO H    H  N N 282 
PRO HA   H  N N 283 
PRO HB2  H  N N 284 
PRO HB3  H  N N 285 
PRO HG2  H  N N 286 
PRO HG3  H  N N 287 
PRO HD2  H  N N 288 
PRO HD3  H  N N 289 
PRO HXT  H  N N 290 
SER N    N  N N 291 
SER CA   C  N S 292 
SER C    C  N N 293 
SER O    O  N N 294 
SER CB   C  N N 295 
SER OG   O  N N 296 
SER OXT  O  N N 297 
SER H    H  N N 298 
SER H2   H  N N 299 
SER HA   H  N N 300 
SER HB2  H  N N 301 
SER HB3  H  N N 302 
SER HG   H  N N 303 
SER HXT  H  N N 304 
THR N    N  N N 305 
THR CA   C  N S 306 
THR C    C  N N 307 
THR O    O  N N 308 
THR CB   C  N R 309 
THR OG1  O  N N 310 
THR CG2  C  N N 311 
THR OXT  O  N N 312 
THR H    H  N N 313 
THR H2   H  N N 314 
THR HA   H  N N 315 
THR HB   H  N N 316 
THR HG1  H  N N 317 
THR HG21 H  N N 318 
THR HG22 H  N N 319 
THR HG23 H  N N 320 
THR HXT  H  N N 321 
TRP N    N  N N 322 
TRP CA   C  N S 323 
TRP C    C  N N 324 
TRP O    O  N N 325 
TRP CB   C  N N 326 
TRP CG   C  Y N 327 
TRP CD1  C  Y N 328 
TRP CD2  C  Y N 329 
TRP NE1  N  Y N 330 
TRP CE2  C  Y N 331 
TRP CE3  C  Y N 332 
TRP CZ2  C  Y N 333 
TRP CZ3  C  Y N 334 
TRP CH2  C  Y N 335 
TRP OXT  O  N N 336 
TRP H    H  N N 337 
TRP H2   H  N N 338 
TRP HA   H  N N 339 
TRP HB2  H  N N 340 
TRP HB3  H  N N 341 
TRP HD1  H  N N 342 
TRP HE1  H  N N 343 
TRP HE3  H  N N 344 
TRP HZ2  H  N N 345 
TRP HZ3  H  N N 346 
TRP HH2  H  N N 347 
TRP HXT  H  N N 348 
TYR N    N  N N 349 
TYR CA   C  N S 350 
TYR C    C  N N 351 
TYR O    O  N N 352 
TYR CB   C  N N 353 
TYR CG   C  Y N 354 
TYR CD1  C  Y N 355 
TYR CD2  C  Y N 356 
TYR CE1  C  Y N 357 
TYR CE2  C  Y N 358 
TYR CZ   C  Y N 359 
TYR OH   O  N N 360 
TYR OXT  O  N N 361 
TYR H    H  N N 362 
TYR H2   H  N N 363 
TYR HA   H  N N 364 
TYR HB2  H  N N 365 
TYR HB3  H  N N 366 
TYR HD1  H  N N 367 
TYR HD2  H  N N 368 
TYR HE1  H  N N 369 
TYR HE2  H  N N 370 
TYR HH   H  N N 371 
TYR HXT  H  N N 372 
VAL N    N  N N 373 
VAL CA   C  N S 374 
VAL C    C  N N 375 
VAL O    O  N N 376 
VAL CB   C  N N 377 
VAL CG1  C  N N 378 
VAL CG2  C  N N 379 
VAL OXT  O  N N 380 
VAL H    H  N N 381 
VAL H2   H  N N 382 
VAL HA   H  N N 383 
VAL HB   H  N N 384 
VAL HG11 H  N N 385 
VAL HG12 H  N N 386 
VAL HG13 H  N N 387 
VAL HG21 H  N N 388 
VAL HG22 H  N N 389 
VAL HG23 H  N N 390 
VAL HXT  H  N N 391 
# 
loop_
_chem_comp_bond.comp_id 
_chem_comp_bond.atom_id_1 
_chem_comp_bond.atom_id_2 
_chem_comp_bond.value_order 
_chem_comp_bond.pdbx_aromatic_flag 
_chem_comp_bond.pdbx_stereo_config 
_chem_comp_bond.pdbx_ordinal 
ALA N   CA   sing N N 1   
ALA N   H    sing N N 2   
ALA N   H2   sing N N 3   
ALA CA  C    sing N N 4   
ALA CA  CB   sing N N 5   
ALA CA  HA   sing N N 6   
ALA C   O    doub N N 7   
ALA C   OXT  sing N N 8   
ALA CB  HB1  sing N N 9   
ALA CB  HB2  sing N N 10  
ALA CB  HB3  sing N N 11  
ALA OXT HXT  sing N N 12  
ARG N   CA   sing N N 13  
ARG N   H    sing N N 14  
ARG N   H2   sing N N 15  
ARG CA  C    sing N N 16  
ARG CA  CB   sing N N 17  
ARG CA  HA   sing N N 18  
ARG C   O    doub N N 19  
ARG C   OXT  sing N N 20  
ARG CB  CG   sing N N 21  
ARG CB  HB2  sing N N 22  
ARG CB  HB3  sing N N 23  
ARG CG  CD   sing N N 24  
ARG CG  HG2  sing N N 25  
ARG CG  HG3  sing N N 26  
ARG CD  NE   sing N N 27  
ARG CD  HD2  sing N N 28  
ARG CD  HD3  sing N N 29  
ARG NE  CZ   sing N N 30  
ARG NE  HE   sing N N 31  
ARG CZ  NH1  sing N N 32  
ARG CZ  NH2  doub N N 33  
ARG NH1 HH11 sing N N 34  
ARG NH1 HH12 sing N N 35  
ARG NH2 HH21 sing N N 36  
ARG NH2 HH22 sing N N 37  
ARG OXT HXT  sing N N 38  
ASN N   CA   sing N N 39  
ASN N   H    sing N N 40  
ASN N   H2   sing N N 41  
ASN CA  C    sing N N 42  
ASN CA  CB   sing N N 43  
ASN CA  HA   sing N N 44  
ASN C   O    doub N N 45  
ASN C   OXT  sing N N 46  
ASN CB  CG   sing N N 47  
ASN CB  HB2  sing N N 48  
ASN CB  HB3  sing N N 49  
ASN CG  OD1  doub N N 50  
ASN CG  ND2  sing N N 51  
ASN ND2 HD21 sing N N 52  
ASN ND2 HD22 sing N N 53  
ASN OXT HXT  sing N N 54  
ASP N   CA   sing N N 55  
ASP N   H    sing N N 56  
ASP N   H2   sing N N 57  
ASP CA  C    sing N N 58  
ASP CA  CB   sing N N 59  
ASP CA  HA   sing N N 60  
ASP C   O    doub N N 61  
ASP C   OXT  sing N N 62  
ASP CB  CG   sing N N 63  
ASP CB  HB2  sing N N 64  
ASP CB  HB3  sing N N 65  
ASP CG  OD1  doub N N 66  
ASP CG  OD2  sing N N 67  
ASP OD2 HD2  sing N N 68  
ASP OXT HXT  sing N N 69  
CYS N   CA   sing N N 70  
CYS N   H    sing N N 71  
CYS N   H2   sing N N 72  
CYS CA  C    sing N N 73  
CYS CA  CB   sing N N 74  
CYS CA  HA   sing N N 75  
CYS C   O    doub N N 76  
CYS C   OXT  sing N N 77  
CYS CB  SG   sing N N 78  
CYS CB  HB2  sing N N 79  
CYS CB  HB3  sing N N 80  
CYS SG  HG   sing N N 81  
CYS OXT HXT  sing N N 82  
GLN N   CA   sing N N 83  
GLN N   H    sing N N 84  
GLN N   H2   sing N N 85  
GLN CA  C    sing N N 86  
GLN CA  CB   sing N N 87  
GLN CA  HA   sing N N 88  
GLN C   O    doub N N 89  
GLN C   OXT  sing N N 90  
GLN CB  CG   sing N N 91  
GLN CB  HB2  sing N N 92  
GLN CB  HB3  sing N N 93  
GLN CG  CD   sing N N 94  
GLN CG  HG2  sing N N 95  
GLN CG  HG3  sing N N 96  
GLN CD  OE1  doub N N 97  
GLN CD  NE2  sing N N 98  
GLN NE2 HE21 sing N N 99  
GLN NE2 HE22 sing N N 100 
GLN OXT HXT  sing N N 101 
GLU N   CA   sing N N 102 
GLU N   H    sing N N 103 
GLU N   H2   sing N N 104 
GLU CA  C    sing N N 105 
GLU CA  CB   sing N N 106 
GLU CA  HA   sing N N 107 
GLU C   O    doub N N 108 
GLU C   OXT  sing N N 109 
GLU CB  CG   sing N N 110 
GLU CB  HB2  sing N N 111 
GLU CB  HB3  sing N N 112 
GLU CG  CD   sing N N 113 
GLU CG  HG2  sing N N 114 
GLU CG  HG3  sing N N 115 
GLU CD  OE1  doub N N 116 
GLU CD  OE2  sing N N 117 
GLU OE2 HE2  sing N N 118 
GLU OXT HXT  sing N N 119 
GLY N   CA   sing N N 120 
GLY N   H    sing N N 121 
GLY N   H2   sing N N 122 
GLY CA  C    sing N N 123 
GLY CA  HA2  sing N N 124 
GLY CA  HA3  sing N N 125 
GLY C   O    doub N N 126 
GLY C   OXT  sing N N 127 
GLY OXT HXT  sing N N 128 
HIS N   CA   sing N N 129 
HIS N   H    sing N N 130 
HIS N   H2   sing N N 131 
HIS CA  C    sing N N 132 
HIS CA  CB   sing N N 133 
HIS CA  HA   sing N N 134 
HIS C   O    doub N N 135 
HIS C   OXT  sing N N 136 
HIS CB  CG   sing N N 137 
HIS CB  HB2  sing N N 138 
HIS CB  HB3  sing N N 139 
HIS CG  ND1  sing Y N 140 
HIS CG  CD2  doub Y N 141 
HIS ND1 CE1  doub Y N 142 
HIS ND1 HD1  sing N N 143 
HIS CD2 NE2  sing Y N 144 
HIS CD2 HD2  sing N N 145 
HIS CE1 NE2  sing Y N 146 
HIS CE1 HE1  sing N N 147 
HIS NE2 HE2  sing N N 148 
HIS OXT HXT  sing N N 149 
HOH O   H1   sing N N 150 
HOH O   H2   sing N N 151 
ILE N   CA   sing N N 152 
ILE N   H    sing N N 153 
ILE N   H2   sing N N 154 
ILE CA  C    sing N N 155 
ILE CA  CB   sing N N 156 
ILE CA  HA   sing N N 157 
ILE C   O    doub N N 158 
ILE C   OXT  sing N N 159 
ILE CB  CG1  sing N N 160 
ILE CB  CG2  sing N N 161 
ILE CB  HB   sing N N 162 
ILE CG1 CD1  sing N N 163 
ILE CG1 HG12 sing N N 164 
ILE CG1 HG13 sing N N 165 
ILE CG2 HG21 sing N N 166 
ILE CG2 HG22 sing N N 167 
ILE CG2 HG23 sing N N 168 
ILE CD1 HD11 sing N N 169 
ILE CD1 HD12 sing N N 170 
ILE CD1 HD13 sing N N 171 
ILE OXT HXT  sing N N 172 
LEU N   CA   sing N N 173 
LEU N   H    sing N N 174 
LEU N   H2   sing N N 175 
LEU CA  C    sing N N 176 
LEU CA  CB   sing N N 177 
LEU CA  HA   sing N N 178 
LEU C   O    doub N N 179 
LEU C   OXT  sing N N 180 
LEU CB  CG   sing N N 181 
LEU CB  HB2  sing N N 182 
LEU CB  HB3  sing N N 183 
LEU CG  CD1  sing N N 184 
LEU CG  CD2  sing N N 185 
LEU CG  HG   sing N N 186 
LEU CD1 HD11 sing N N 187 
LEU CD1 HD12 sing N N 188 
LEU CD1 HD13 sing N N 189 
LEU CD2 HD21 sing N N 190 
LEU CD2 HD22 sing N N 191 
LEU CD2 HD23 sing N N 192 
LEU OXT HXT  sing N N 193 
LYS N   CA   sing N N 194 
LYS N   H    sing N N 195 
LYS N   H2   sing N N 196 
LYS CA  C    sing N N 197 
LYS CA  CB   sing N N 198 
LYS CA  HA   sing N N 199 
LYS C   O    doub N N 200 
LYS C   OXT  sing N N 201 
LYS CB  CG   sing N N 202 
LYS CB  HB2  sing N N 203 
LYS CB  HB3  sing N N 204 
LYS CG  CD   sing N N 205 
LYS CG  HG2  sing N N 206 
LYS CG  HG3  sing N N 207 
LYS CD  CE   sing N N 208 
LYS CD  HD2  sing N N 209 
LYS CD  HD3  sing N N 210 
LYS CE  NZ   sing N N 211 
LYS CE  HE2  sing N N 212 
LYS CE  HE3  sing N N 213 
LYS NZ  HZ1  sing N N 214 
LYS NZ  HZ2  sing N N 215 
LYS NZ  HZ3  sing N N 216 
LYS OXT HXT  sing N N 217 
MET N   CA   sing N N 218 
MET N   H    sing N N 219 
MET N   H2   sing N N 220 
MET CA  C    sing N N 221 
MET CA  CB   sing N N 222 
MET CA  HA   sing N N 223 
MET C   O    doub N N 224 
MET C   OXT  sing N N 225 
MET CB  CG   sing N N 226 
MET CB  HB2  sing N N 227 
MET CB  HB3  sing N N 228 
MET CG  SD   sing N N 229 
MET CG  HG2  sing N N 230 
MET CG  HG3  sing N N 231 
MET SD  CE   sing N N 232 
MET CE  HE1  sing N N 233 
MET CE  HE2  sing N N 234 
MET CE  HE3  sing N N 235 
MET OXT HXT  sing N N 236 
PHE N   CA   sing N N 237 
PHE N   H    sing N N 238 
PHE N   H2   sing N N 239 
PHE CA  C    sing N N 240 
PHE CA  CB   sing N N 241 
PHE CA  HA   sing N N 242 
PHE C   O    doub N N 243 
PHE C   OXT  sing N N 244 
PHE CB  CG   sing N N 245 
PHE CB  HB2  sing N N 246 
PHE CB  HB3  sing N N 247 
PHE CG  CD1  doub Y N 248 
PHE CG  CD2  sing Y N 249 
PHE CD1 CE1  sing Y N 250 
PHE CD1 HD1  sing N N 251 
PHE CD2 CE2  doub Y N 252 
PHE CD2 HD2  sing N N 253 
PHE CE1 CZ   doub Y N 254 
PHE CE1 HE1  sing N N 255 
PHE CE2 CZ   sing Y N 256 
PHE CE2 HE2  sing N N 257 
PHE CZ  HZ   sing N N 258 
PHE OXT HXT  sing N N 259 
PRO N   CA   sing N N 260 
PRO N   CD   sing N N 261 
PRO N   H    sing N N 262 
PRO CA  C    sing N N 263 
PRO CA  CB   sing N N 264 
PRO CA  HA   sing N N 265 
PRO C   O    doub N N 266 
PRO C   OXT  sing N N 267 
PRO CB  CG   sing N N 268 
PRO CB  HB2  sing N N 269 
PRO CB  HB3  sing N N 270 
PRO CG  CD   sing N N 271 
PRO CG  HG2  sing N N 272 
PRO CG  HG3  sing N N 273 
PRO CD  HD2  sing N N 274 
PRO CD  HD3  sing N N 275 
PRO OXT HXT  sing N N 276 
SER N   CA   sing N N 277 
SER N   H    sing N N 278 
SER N   H2   sing N N 279 
SER CA  C    sing N N 280 
SER CA  CB   sing N N 281 
SER CA  HA   sing N N 282 
SER C   O    doub N N 283 
SER C   OXT  sing N N 284 
SER CB  OG   sing N N 285 
SER CB  HB2  sing N N 286 
SER CB  HB3  sing N N 287 
SER OG  HG   sing N N 288 
SER OXT HXT  sing N N 289 
THR N   CA   sing N N 290 
THR N   H    sing N N 291 
THR N   H2   sing N N 292 
THR CA  C    sing N N 293 
THR CA  CB   sing N N 294 
THR CA  HA   sing N N 295 
THR C   O    doub N N 296 
THR C   OXT  sing N N 297 
THR CB  OG1  sing N N 298 
THR CB  CG2  sing N N 299 
THR CB  HB   sing N N 300 
THR OG1 HG1  sing N N 301 
THR CG2 HG21 sing N N 302 
THR CG2 HG22 sing N N 303 
THR CG2 HG23 sing N N 304 
THR OXT HXT  sing N N 305 
TRP N   CA   sing N N 306 
TRP N   H    sing N N 307 
TRP N   H2   sing N N 308 
TRP CA  C    sing N N 309 
TRP CA  CB   sing N N 310 
TRP CA  HA   sing N N 311 
TRP C   O    doub N N 312 
TRP C   OXT  sing N N 313 
TRP CB  CG   sing N N 314 
TRP CB  HB2  sing N N 315 
TRP CB  HB3  sing N N 316 
TRP CG  CD1  doub Y N 317 
TRP CG  CD2  sing Y N 318 
TRP CD1 NE1  sing Y N 319 
TRP CD1 HD1  sing N N 320 
TRP CD2 CE2  doub Y N 321 
TRP CD2 CE3  sing Y N 322 
TRP NE1 CE2  sing Y N 323 
TRP NE1 HE1  sing N N 324 
TRP CE2 CZ2  sing Y N 325 
TRP CE3 CZ3  doub Y N 326 
TRP CE3 HE3  sing N N 327 
TRP CZ2 CH2  doub Y N 328 
TRP CZ2 HZ2  sing N N 329 
TRP CZ3 CH2  sing Y N 330 
TRP CZ3 HZ3  sing N N 331 
TRP CH2 HH2  sing N N 332 
TRP OXT HXT  sing N N 333 
TYR N   CA   sing N N 334 
TYR N   H    sing N N 335 
TYR N   H2   sing N N 336 
TYR CA  C    sing N N 337 
TYR CA  CB   sing N N 338 
TYR CA  HA   sing N N 339 
TYR C   O    doub N N 340 
TYR C   OXT  sing N N 341 
TYR CB  CG   sing N N 342 
TYR CB  HB2  sing N N 343 
TYR CB  HB3  sing N N 344 
TYR CG  CD1  doub Y N 345 
TYR CG  CD2  sing Y N 346 
TYR CD1 CE1  sing Y N 347 
TYR CD1 HD1  sing N N 348 
TYR CD2 CE2  doub Y N 349 
TYR CD2 HD2  sing N N 350 
TYR CE1 CZ   doub Y N 351 
TYR CE1 HE1  sing N N 352 
TYR CE2 CZ   sing Y N 353 
TYR CE2 HE2  sing N N 354 
TYR CZ  OH   sing N N 355 
TYR OH  HH   sing N N 356 
TYR OXT HXT  sing N N 357 
VAL N   CA   sing N N 358 
VAL N   H    sing N N 359 
VAL N   H2   sing N N 360 
VAL CA  C    sing N N 361 
VAL CA  CB   sing N N 362 
VAL CA  HA   sing N N 363 
VAL C   O    doub N N 364 
VAL C   OXT  sing N N 365 
VAL CB  CG1  sing N N 366 
VAL CB  CG2  sing N N 367 
VAL CB  HB   sing N N 368 
VAL CG1 HG11 sing N N 369 
VAL CG1 HG12 sing N N 370 
VAL CG1 HG13 sing N N 371 
VAL CG2 HG21 sing N N 372 
VAL CG2 HG22 sing N N 373 
VAL CG2 HG23 sing N N 374 
VAL OXT HXT  sing N N 375 
# 
loop_
_pdbx_audit_support.funding_organization 
_pdbx_audit_support.country 
_pdbx_audit_support.grant_number 
_pdbx_audit_support.ordinal 
'National Science Foundation (NSF, United States)'                                         'United States' IOS-1758400 1 
'National Institutes of Health/National Institute of General Medical Sciences (NIH/NIGMS)' 'United States' RO1GM107444 2 
# 
loop_
_pdbx_entity_nonpoly.entity_id 
_pdbx_entity_nonpoly.name 
_pdbx_entity_nonpoly.comp_id 
2 'NICKEL (II) ION' NI  
3 water             HOH 
# 
_pdbx_initial_refinement_model.id               1 
_pdbx_initial_refinement_model.entity_id_list   ? 
_pdbx_initial_refinement_model.type             'experimental model' 
_pdbx_initial_refinement_model.source_name      PDB 
_pdbx_initial_refinement_model.accession_code   7L7V 
_pdbx_initial_refinement_model.details          ? 
# 
_pdbx_struct_assembly_auth_evidence.id                     1 
_pdbx_struct_assembly_auth_evidence.assembly_id            1 
_pdbx_struct_assembly_auth_evidence.experimental_support   'gel filtration' 
_pdbx_struct_assembly_auth_evidence.details                ? 
# 
